data_7YSH
#
_entry.id   7YSH
#
_cell.length_a   1.00
_cell.length_b   1.00
_cell.length_c   1.00
_cell.angle_alpha   90.00
_cell.angle_beta   90.00
_cell.angle_gamma   90.00
#
_symmetry.space_group_name_H-M   'P 1'
#
loop_
_entity.id
_entity.type
_entity.pdbx_description
1 polymer Klotho
2 polymer 'Fibroblast growth factor 23'
3 polymer 'Isoform 20 of Fibroblast growth factor receptor 1'
4 branched '2-deoxy-6-O-sulfo-2-(sulfoamino)-alpha-D-glucopyranose-(1-4)-2-O-sulfo-alpha-L-idopyranuronic acid-(1-4)-2-deoxy-6-O-sulfo-2-(sulfoamino)-alpha-D-glucopyranose-(1-4)-2-O-sulfo-alpha-L-idopyranuronic acid-(1-4)-2-deoxy-6-O-sulfo-2-(sulfoamino)-alpha-D-glucopyranose-(1-4)-2-O-sulfo-alpha-L-idopyranuronic acid-(1-4)-2-deoxy-6-O-sulfo-2-(sulfoamino)-alpha-D-glucopyranose-(1-4)-2-O-sulfo-alpha-L-idopyranuronic acid-(1-4)-2-deoxy-6-O-sulfo-2-(sulfoamino)-alpha-D-glucopyranose'
5 non-polymer 'ZINC ION'
6 non-polymer 'COPPER (II) ION'
#
loop_
_entity_poly.entity_id
_entity_poly.type
_entity_poly.pdbx_seq_one_letter_code
_entity_poly.pdbx_strand_id
1 'polypeptide(L)'
;EPGDGAQTWARFSRPPAPEAAGLFQGTFPDGFLWAVGSAAYQTEGGWQQHGKGASIWDTFTHHPLAPPGDSRNASLPLGA
PSPLQPATGDVASDSYNNVFRDTEALRELGVTHYRFSISWARVLPNGSAGVPNREGLRYYRRLLERLRELGVQPVVTLYH
WDLPQRLQDAYGGWANRALADHFRDYAELCFRHFGGQVKYWITIDNPYVVAWHGYATGRLAPGIRGSPRLGYLVAHNLLL
AHAKVWHLYNTSFRPTQGGQVSIALSSHWINPRRMTDHSIKECQKSLDFVLGWFAKPVFIDGDYPESMKNNLSSILPDFT
ESEKKFIKGTADFFALCFGPTLSFQLLDPHMKFRQLESPNLRQLLSWIDLEFNHPQIFIVENGWFVSGTTKRDDAKYMYY
LKKFIMETLKAIKLDGVDVIGYTAWSLMDGFEWHRGYSIRRGLFYVDFLSQDKMLLPKSSALFYQKLIEKNGFPPLPENQ
PLEGTFPCDFAWGVVDNYIQVDTTLSQFTDLNVYLWDVHHSKRLIKVDGVVTKKRKSYCVDFAAIQPQIALLQEMHVTHF
RFSLDWALILPLGNQSQVNHTILQYYRCMASELVRVNITPVVALWQPMAPNQGLPRLLARQGAWENPYTALAFAEYARLC
FQELGHHVKLWITMNEPYTRNMTYSAGHNLLKAHALAWHVYNEKFRHAQNGKISIALQADWIEPACPFSQKDKEVAERVL
EFDIGWLAEPIFGSGDYPWVMRDWLNQRNNFLLPYFTEDEKKLIQGTFDFLALSHYTTILVDSEKEDPIKYNDYLEVQEM
TDITWLNSPSQVAVVPWGLRKVLNWLKFKYGDLPMYIISNGIDDGLHAEDDQLRVYYMQNYINEALKAHILDGINLCGYF
AYSFNDRTAPRFGLYRYAADQFEPKASMKHYRKIIDSNGFPGPETLERFCPEEFTVCTECSFFHTRKS
;
A
2 'polypeptide(L)'
;MHHHHHHSSGLVPRGSGMKETAAAKFERQHMDSPDLGTDDDDKAMGYPNASPLLGSSWGGLIHLYTATARNSYHLQIHKN
GHVDGAPHQTIYSALMIRSEDAGFVVITGVMSRRYLCMDFRGNIFGSHYFDPENCRFQHQTLENGYDVYHSPQYHFLVSL
GRAKRAFLPGMNPPPYSQFLSRRNEIPLIHFNTPIPRQHTQSAEDDSERDPLNVLKPRARMTPAPASCSQELPSAEDNSP
MASDPLGVVRGGRVNTHAGGTGPEGCRPFAKFI
;
B
3 'polypeptide(L)'
;DNTKPNRMPVAPYWTSPEKMEKKLHAVPAAKTVKFKCPSSGTPNPTLRWLKNGKEFKPDHRIGGYKVRYATWSIIMDSVV
PSDKGNYTCIVENEYGSINHTYQLDVVERSPHRPILQAGLPANKTVALGSNVEFMCKVYSDPQPHIQWLKHIEVNGSKIG
PDNLPYVQILKTAGVNTTDKEMEVLHLRNVSFEDAGEYTCLAGNSIGLSHHSAWLTVLEALEERPGTKHHHHHH
;
D,E
#
# COMPACT_ATOMS: atom_id res chain seq x y z
N GLU A 1 -13.27 -12.29 31.97
CA GLU A 1 -12.36 -13.25 32.57
C GLU A 1 -10.94 -12.92 32.15
N PRO A 2 -9.96 -13.14 33.05
CA PRO A 2 -8.58 -12.71 32.78
C PRO A 2 -7.92 -13.46 31.63
N GLY A 3 -7.67 -12.73 30.54
CA GLY A 3 -7.07 -13.31 29.36
C GLY A 3 -7.93 -13.08 28.13
N ASP A 4 -9.15 -12.58 28.35
CA ASP A 4 -10.05 -12.28 27.24
C ASP A 4 -9.65 -11.00 26.53
N GLY A 5 -8.85 -10.15 27.16
CA GLY A 5 -8.46 -8.89 26.57
C GLY A 5 -7.17 -8.90 25.80
N ALA A 6 -6.48 -10.04 25.72
CA ALA A 6 -5.22 -10.09 24.98
C ALA A 6 -5.41 -10.10 23.47
N GLN A 7 -6.65 -10.20 22.99
CA GLN A 7 -6.96 -10.09 21.57
C GLN A 7 -7.17 -8.65 21.13
N THR A 8 -6.91 -7.67 22.00
CA THR A 8 -7.22 -6.29 21.69
C THR A 8 -6.26 -5.71 20.66
N TRP A 9 -4.96 -5.97 20.82
CA TRP A 9 -3.99 -5.46 19.85
C TRP A 9 -4.08 -6.17 18.51
N ALA A 10 -4.68 -7.36 18.48
CA ALA A 10 -5.01 -7.99 17.20
C ALA A 10 -6.31 -7.44 16.64
N ARG A 11 -7.20 -6.96 17.50
CA ARG A 11 -8.47 -6.39 17.04
C ARG A 11 -8.27 -5.05 16.35
N PHE A 12 -7.21 -4.33 16.71
CA PHE A 12 -7.00 -2.97 16.23
C PHE A 12 -5.77 -2.83 15.34
N SER A 13 -5.03 -3.92 15.09
CA SER A 13 -3.91 -3.86 14.18
C SER A 13 -4.37 -3.68 12.74
N ARG A 14 -5.55 -4.20 12.41
CA ARG A 14 -6.11 -3.98 11.09
C ARG A 14 -6.54 -2.52 10.95
N PRO A 15 -6.31 -1.91 9.78
CA PRO A 15 -6.64 -0.49 9.61
C PRO A 15 -8.14 -0.30 9.42
N PRO A 16 -8.70 0.78 9.96
CA PRO A 16 -10.13 1.03 9.77
C PRO A 16 -10.41 1.64 8.41
N ALA A 17 -11.69 1.62 8.04
CA ALA A 17 -12.09 2.17 6.76
C ALA A 17 -12.19 3.69 6.86
N PRO A 18 -11.59 4.43 5.92
CA PRO A 18 -11.74 5.89 5.96
C PRO A 18 -13.14 6.38 5.63
N GLU A 19 -13.80 5.80 4.61
CA GLU A 19 -15.13 6.25 4.24
C GLU A 19 -16.20 5.84 5.25
N ALA A 20 -15.90 4.89 6.13
CA ALA A 20 -16.85 4.45 7.14
C ALA A 20 -16.57 5.06 8.51
N ALA A 21 -15.33 4.95 8.99
CA ALA A 21 -14.97 5.41 10.33
C ALA A 21 -13.96 6.55 10.31
N GLY A 22 -14.03 7.40 9.30
CA GLY A 22 -13.15 8.56 9.25
C GLY A 22 -13.84 9.89 9.45
N LEU A 23 -15.02 10.03 8.86
CA LEU A 23 -15.94 11.07 9.28
C LEU A 23 -17.10 10.33 9.93
N PHE A 24 -16.71 9.39 10.80
CA PHE A 24 -17.63 8.78 11.76
C PHE A 24 -18.30 9.88 12.56
N GLN A 25 -19.61 10.01 12.41
CA GLN A 25 -20.40 10.92 13.21
C GLN A 25 -21.52 10.11 13.85
N GLY A 26 -22.28 10.76 14.70
CA GLY A 26 -23.37 10.10 15.38
C GLY A 26 -23.59 10.69 16.75
N THR A 27 -24.75 10.42 17.30
CA THR A 27 -25.07 10.91 18.63
C THR A 27 -24.89 9.80 19.65
N PHE A 28 -24.74 10.19 20.89
CA PHE A 28 -24.63 9.25 21.99
C PHE A 28 -26.01 8.69 22.32
N PRO A 29 -26.09 7.56 23.04
CA PRO A 29 -27.39 7.03 23.45
C PRO A 29 -28.16 7.99 24.33
N ASP A 30 -29.47 7.77 24.40
CA ASP A 30 -30.31 8.55 25.30
C ASP A 30 -30.21 7.96 26.69
N GLY A 31 -30.17 8.84 27.69
CA GLY A 31 -29.78 8.41 29.02
C GLY A 31 -28.28 8.30 29.21
N PHE A 32 -27.48 8.80 28.28
CA PHE A 32 -26.05 8.91 28.49
C PHE A 32 -25.78 9.98 29.53
N LEU A 33 -24.85 9.68 30.43
CA LEU A 33 -24.57 10.57 31.55
C LEU A 33 -23.45 11.52 31.13
N TRP A 34 -23.80 12.77 30.86
CA TRP A 34 -22.82 13.81 30.63
C TRP A 34 -22.47 14.41 31.98
N ALA A 35 -21.27 14.17 32.46
CA ALA A 35 -20.87 14.62 33.78
C ALA A 35 -19.65 15.51 33.67
N VAL A 36 -19.48 16.34 34.68
CA VAL A 36 -18.24 17.08 34.86
C VAL A 36 -17.76 16.78 36.26
N GLY A 37 -16.45 16.83 36.46
CA GLY A 37 -15.91 16.30 37.70
C GLY A 37 -15.20 17.31 38.59
N SER A 38 -15.02 16.95 39.86
CA SER A 38 -14.22 17.74 40.78
C SER A 38 -13.74 16.83 41.91
N ALA A 39 -12.66 17.24 42.55
CA ALA A 39 -12.20 16.60 43.76
C ALA A 39 -12.56 17.49 44.93
N ALA A 40 -12.08 17.14 46.12
CA ALA A 40 -12.27 18.00 47.28
C ALA A 40 -11.05 18.87 47.53
N TYR A 41 -9.86 18.27 47.57
CA TYR A 41 -8.66 19.06 47.78
C TYR A 41 -8.31 19.92 46.57
N GLN A 42 -8.75 19.50 45.39
CA GLN A 42 -8.45 20.25 44.18
C GLN A 42 -9.20 21.57 44.12
N THR A 43 -10.45 21.59 44.58
CA THR A 43 -11.31 22.73 44.31
C THR A 43 -11.86 23.45 45.52
N GLU A 44 -12.05 22.77 46.66
CA GLU A 44 -12.88 23.35 47.72
C GLU A 44 -12.18 24.48 48.45
N GLY A 45 -10.90 24.34 48.75
CA GLY A 45 -10.29 25.29 49.64
C GLY A 45 -10.81 25.10 51.04
N GLY A 46 -10.65 26.15 51.86
CA GLY A 46 -11.12 26.17 53.22
C GLY A 46 -10.54 25.07 54.09
N TRP A 47 -9.21 24.92 54.07
CA TRP A 47 -8.53 23.77 54.64
C TRP A 47 -8.63 23.68 56.16
N GLN A 48 -9.07 24.75 56.82
CA GLN A 48 -9.33 24.69 58.25
C GLN A 48 -10.61 25.43 58.62
N GLN A 49 -11.39 25.87 57.63
CA GLN A 49 -12.56 26.67 57.88
C GLN A 49 -13.68 25.81 58.47
N HIS A 50 -14.38 26.39 59.46
CA HIS A 50 -15.48 25.76 60.19
C HIS A 50 -15.05 24.49 60.89
N GLY A 51 -13.82 24.47 61.40
CA GLY A 51 -13.35 23.35 62.18
C GLY A 51 -13.01 22.10 61.39
N LYS A 52 -12.71 22.25 60.10
CA LYS A 52 -12.29 21.11 59.29
C LYS A 52 -10.94 20.61 59.76
N GLY A 53 -10.84 19.32 60.00
CA GLY A 53 -9.58 18.73 60.44
C GLY A 53 -8.55 18.70 59.34
N ALA A 54 -7.33 18.36 59.73
CA ALA A 54 -6.23 18.32 58.78
C ALA A 54 -6.32 17.05 57.94
N SER A 55 -6.28 17.22 56.63
CA SER A 55 -6.12 16.11 55.71
C SER A 55 -4.64 15.73 55.64
N ILE A 56 -4.34 14.64 54.93
CA ILE A 56 -2.94 14.36 54.65
C ILE A 56 -2.41 15.16 53.47
N TRP A 57 -3.27 15.93 52.81
CA TRP A 57 -2.84 16.90 51.82
C TRP A 57 -2.58 18.27 52.43
N ASP A 58 -2.99 18.48 53.68
CA ASP A 58 -2.58 19.65 54.44
C ASP A 58 -1.32 19.38 55.27
N THR A 59 -0.59 18.32 54.95
CA THR A 59 0.69 18.04 55.59
C THR A 59 1.71 17.78 54.50
N PHE A 60 1.26 17.23 53.37
CA PHE A 60 2.14 17.05 52.23
C PHE A 60 2.46 18.38 51.55
N THR A 61 1.55 19.33 51.62
CA THR A 61 1.75 20.62 50.98
C THR A 61 2.17 21.69 51.97
N HIS A 62 2.18 21.39 53.26
CA HIS A 62 2.77 22.24 54.28
C HIS A 62 4.08 21.61 54.73
N HIS A 63 5.14 21.81 53.92
CA HIS A 63 6.52 21.39 54.17
C HIS A 63 6.64 19.92 54.54
N PRO A 64 6.54 18.99 53.58
CA PRO A 64 6.63 17.56 53.87
C PRO A 64 8.02 17.12 54.30
N PRO A 86 4.87 27.74 48.30
CA PRO A 86 5.08 26.28 48.26
C PRO A 86 4.05 25.57 47.39
N ALA A 87 3.08 26.33 46.86
CA ALA A 87 1.99 25.84 46.02
C ALA A 87 1.18 24.76 46.75
N THR A 88 0.48 25.22 47.78
CA THR A 88 -0.41 24.38 48.56
C THR A 88 -1.85 24.54 48.08
N GLY A 89 -2.70 23.61 48.51
CA GLY A 89 -4.11 23.66 48.15
C GLY A 89 -4.99 24.21 49.25
N ASP A 90 -4.50 25.21 49.97
CA ASP A 90 -5.25 25.77 51.10
C ASP A 90 -6.47 26.55 50.63
N VAL A 91 -6.26 27.49 49.73
CA VAL A 91 -7.35 28.18 49.03
C VAL A 91 -7.10 27.89 47.56
N ALA A 92 -7.74 26.85 47.03
CA ALA A 92 -7.40 26.37 45.69
C ALA A 92 -8.30 27.00 44.65
N SER A 93 -9.59 26.71 44.71
CA SER A 93 -10.57 27.39 43.88
C SER A 93 -11.63 28.07 44.73
N ASP A 94 -11.52 27.96 46.05
CA ASP A 94 -12.43 28.55 47.04
C ASP A 94 -13.87 28.13 46.80
N SER A 95 -14.07 26.85 46.51
CA SER A 95 -15.38 26.31 46.22
C SER A 95 -16.15 25.93 47.48
N TYR A 96 -15.52 25.98 48.65
CA TYR A 96 -16.25 25.75 49.88
C TYR A 96 -17.20 26.89 50.17
N ASN A 97 -16.82 28.11 49.82
CA ASN A 97 -17.66 29.28 50.01
C ASN A 97 -18.45 29.64 48.76
N ASN A 98 -17.95 29.30 47.59
CA ASN A 98 -18.60 29.67 46.32
C ASN A 98 -19.41 28.49 45.78
N VAL A 99 -20.53 28.20 46.43
CA VAL A 99 -21.41 27.16 45.92
C VAL A 99 -22.16 27.66 44.69
N PHE A 100 -22.51 28.95 44.68
CA PHE A 100 -23.42 29.48 43.68
C PHE A 100 -22.77 29.56 42.30
N ARG A 101 -21.53 30.02 42.21
CA ARG A 101 -20.94 30.12 40.89
C ARG A 101 -20.52 28.78 40.33
N ASP A 102 -20.18 27.82 41.21
CA ASP A 102 -19.97 26.44 40.76
C ASP A 102 -21.23 25.86 40.16
N THR A 103 -22.35 26.04 40.84
CA THR A 103 -23.61 25.52 40.30
C THR A 103 -24.06 26.31 39.09
N GLU A 104 -23.70 27.58 38.99
CA GLU A 104 -24.04 28.36 37.80
C GLU A 104 -23.23 27.90 36.59
N ALA A 105 -21.96 27.55 36.82
CA ALA A 105 -21.16 26.92 35.76
C ALA A 105 -21.69 25.56 35.38
N LEU A 106 -22.23 24.82 36.35
CA LEU A 106 -22.89 23.55 36.06
C LEU A 106 -24.15 23.74 35.24
N ARG A 107 -24.88 24.81 35.50
CA ARG A 107 -26.11 25.10 34.77
C ARG A 107 -25.82 25.58 33.36
N GLU A 108 -24.85 26.48 33.20
CA GLU A 108 -24.50 26.97 31.87
C GLU A 108 -23.74 25.93 31.06
N LEU A 109 -23.12 24.96 31.71
CA LEU A 109 -22.52 23.84 30.99
C LEU A 109 -23.57 22.88 30.47
N GLY A 110 -24.77 22.87 31.04
CA GLY A 110 -25.82 22.00 30.59
C GLY A 110 -25.61 20.55 30.94
N VAL A 111 -24.80 20.29 31.94
CA VAL A 111 -24.28 18.95 32.18
C VAL A 111 -25.36 18.13 32.90
N THR A 112 -25.28 16.81 32.78
CA THR A 112 -26.31 15.98 33.39
C THR A 112 -25.95 15.59 34.82
N HIS A 113 -24.67 15.29 35.08
CA HIS A 113 -24.20 14.88 36.39
C HIS A 113 -22.99 15.72 36.80
N TYR A 114 -22.88 15.92 38.10
CA TYR A 114 -21.71 16.55 38.70
C TYR A 114 -21.05 15.55 39.62
N ARG A 115 -19.85 15.11 39.27
CA ARG A 115 -19.05 14.31 40.18
C ARG A 115 -18.29 15.25 41.10
N PHE A 116 -18.57 15.16 42.38
CA PHE A 116 -17.79 15.86 43.38
C PHE A 116 -17.42 14.87 44.47
N SER A 117 -16.64 15.34 45.43
CA SER A 117 -16.08 14.47 46.46
C SER A 117 -16.37 15.04 47.83
N ILE A 118 -17.00 14.25 48.70
CA ILE A 118 -17.02 14.58 50.11
C ILE A 118 -15.61 14.44 50.65
N SER A 119 -15.15 15.43 51.39
CA SER A 119 -13.87 15.31 52.06
C SER A 119 -14.06 14.73 53.45
N TRP A 120 -13.17 13.80 53.81
CA TRP A 120 -13.29 13.06 55.05
C TRP A 120 -13.06 13.95 56.27
N ALA A 121 -12.06 14.82 56.19
CA ALA A 121 -11.66 15.61 57.34
C ALA A 121 -12.59 16.78 57.61
N ARG A 122 -13.42 17.18 56.65
CA ARG A 122 -14.31 18.31 56.88
C ARG A 122 -15.54 17.91 57.67
N VAL A 123 -16.17 16.80 57.30
CA VAL A 123 -17.38 16.37 57.98
C VAL A 123 -17.10 15.50 59.20
N LEU A 124 -15.90 14.94 59.31
CA LEU A 124 -15.49 14.16 60.47
C LEU A 124 -14.09 14.59 60.86
N PRO A 125 -13.93 15.74 61.52
CA PRO A 125 -12.60 16.24 61.84
C PRO A 125 -11.90 15.42 62.91
N ASN A 126 -12.59 15.21 64.05
CA ASN A 126 -12.02 14.46 65.14
C ASN A 126 -12.16 12.95 64.95
N GLY A 127 -13.11 12.53 64.11
CA GLY A 127 -13.32 11.13 63.83
C GLY A 127 -14.78 10.75 63.93
N SER A 128 -15.04 9.48 63.63
CA SER A 128 -16.35 8.92 63.90
C SER A 128 -16.55 8.67 65.38
N ALA A 129 -15.46 8.52 66.14
CA ALA A 129 -15.50 8.60 67.60
C ALA A 129 -15.49 10.08 67.96
N GLY A 130 -16.66 10.67 67.86
CA GLY A 130 -16.82 12.12 67.96
C GLY A 130 -17.99 12.56 67.12
N VAL A 131 -18.42 13.80 67.35
CA VAL A 131 -19.60 14.32 66.67
C VAL A 131 -19.19 14.81 65.28
N PRO A 132 -20.08 14.75 64.29
CA PRO A 132 -19.74 15.29 62.97
C PRO A 132 -19.78 16.80 62.96
N ASN A 133 -19.03 17.38 62.04
CA ASN A 133 -19.00 18.83 61.87
C ASN A 133 -20.18 19.24 61.00
N ARG A 134 -21.14 19.93 61.60
CA ARG A 134 -22.40 20.23 60.93
C ARG A 134 -22.27 21.31 59.87
N GLU A 135 -21.23 22.14 59.92
CA GLU A 135 -21.09 23.18 58.92
C GLU A 135 -20.60 22.63 57.58
N GLY A 136 -19.63 21.70 57.62
CA GLY A 136 -19.22 21.02 56.40
C GLY A 136 -20.33 20.15 55.84
N LEU A 137 -21.08 19.48 56.72
CA LEU A 137 -22.22 18.69 56.29
C LEU A 137 -23.30 19.56 55.66
N ARG A 138 -23.52 20.77 56.20
CA ARG A 138 -24.50 21.65 55.58
C ARG A 138 -23.97 22.32 54.33
N TYR A 139 -22.64 22.40 54.16
CA TYR A 139 -22.09 22.81 52.87
C TYR A 139 -22.40 21.78 51.80
N TYR A 140 -22.17 20.50 52.11
CA TYR A 140 -22.51 19.46 51.13
C TYR A 140 -24.01 19.34 50.91
N ARG A 141 -24.81 19.63 51.95
CA ARG A 141 -26.26 19.63 51.80
C ARG A 141 -26.74 20.80 50.94
N ARG A 142 -26.12 21.97 51.09
CA ARG A 142 -26.47 23.12 50.28
C ARG A 142 -26.05 22.93 48.83
N LEU A 143 -24.89 22.33 48.61
CA LEU A 143 -24.45 21.97 47.27
C LEU A 143 -25.40 20.97 46.63
N LEU A 144 -25.84 19.97 47.39
CA LEU A 144 -26.75 18.97 46.84
C LEU A 144 -28.15 19.53 46.57
N GLU A 145 -28.62 20.46 47.40
CA GLU A 145 -29.91 21.05 47.12
C GLU A 145 -29.84 22.03 45.95
N ARG A 146 -28.67 22.64 45.72
CA ARG A 146 -28.50 23.44 44.50
C ARG A 146 -28.46 22.55 43.27
N LEU A 147 -27.80 21.39 43.36
CA LEU A 147 -27.81 20.42 42.27
C LEU A 147 -29.20 19.88 42.01
N ARG A 148 -30.04 19.80 43.05
CA ARG A 148 -31.42 19.37 42.88
C ARG A 148 -32.29 20.48 42.27
N GLU A 149 -32.00 21.74 42.60
CA GLU A 149 -32.67 22.87 41.96
C GLU A 149 -32.38 22.90 40.47
N LEU A 150 -31.12 22.68 40.09
CA LEU A 150 -30.76 22.72 38.67
C LEU A 150 -31.09 21.43 37.94
N GLY A 151 -31.38 20.35 38.67
CA GLY A 151 -31.70 19.11 38.01
C GLY A 151 -30.51 18.30 37.57
N VAL A 152 -29.34 18.58 38.09
CA VAL A 152 -28.18 17.75 37.78
C VAL A 152 -28.06 16.67 38.85
N GLN A 153 -27.59 15.50 38.42
CA GLN A 153 -27.53 14.47 39.44
C GLN A 153 -26.11 14.35 39.98
N PRO A 154 -25.95 14.11 41.27
CA PRO A 154 -24.59 14.00 41.83
C PRO A 154 -24.00 12.62 41.66
N VAL A 155 -22.70 12.60 41.39
CA VAL A 155 -21.85 11.41 41.47
C VAL A 155 -20.79 11.73 42.50
N VAL A 156 -20.78 10.99 43.60
CA VAL A 156 -20.03 11.39 44.79
C VAL A 156 -18.92 10.39 45.05
N THR A 157 -17.69 10.90 45.11
CA THR A 157 -16.54 10.13 45.55
C THR A 157 -16.40 10.29 47.06
N LEU A 158 -16.43 9.17 47.78
CA LEU A 158 -16.25 9.23 49.23
C LEU A 158 -14.81 9.59 49.58
N TYR A 159 -13.86 8.95 48.92
CA TYR A 159 -12.44 9.14 49.21
C TYR A 159 -11.76 9.55 47.91
N HIS A 160 -11.31 10.80 47.85
CA HIS A 160 -10.55 11.30 46.71
C HIS A 160 -9.22 11.82 47.21
N TRP A 161 -8.51 10.96 47.94
CA TRP A 161 -7.10 10.99 48.35
C TRP A 161 -6.92 11.89 49.57
N ASP A 162 -7.99 12.48 50.10
CA ASP A 162 -7.88 13.41 51.22
C ASP A 162 -8.16 12.71 52.55
N LEU A 163 -7.29 11.74 52.87
CA LEU A 163 -7.37 11.04 54.14
C LEU A 163 -7.01 11.99 55.28
N PRO A 164 -7.69 11.89 56.42
CA PRO A 164 -7.37 12.77 57.55
C PRO A 164 -6.00 12.47 58.15
N GLN A 165 -5.44 13.50 58.78
CA GLN A 165 -4.14 13.38 59.40
C GLN A 165 -4.19 12.60 60.71
N ARG A 166 -5.36 12.52 61.35
CA ARG A 166 -5.46 11.79 62.60
C ARG A 166 -5.31 10.29 62.40
N LEU A 167 -5.83 9.76 61.28
CA LEU A 167 -5.70 8.33 61.02
C LEU A 167 -4.29 7.97 60.58
N GLN A 168 -3.65 8.84 59.79
CA GLN A 168 -2.26 8.63 59.41
C GLN A 168 -1.34 8.71 60.61
N ASP A 169 -1.65 9.60 61.55
CA ASP A 169 -0.83 9.76 62.75
C ASP A 169 -1.05 8.61 63.71
N ALA A 170 -2.28 8.11 63.82
CA ALA A 170 -2.61 7.16 64.86
C ALA A 170 -2.41 5.71 64.44
N TYR A 171 -2.63 5.38 63.17
CA TYR A 171 -2.58 3.99 62.74
C TYR A 171 -1.61 3.72 61.61
N GLY A 172 -0.95 4.72 61.06
CA GLY A 172 -0.13 4.51 59.90
C GLY A 172 -0.87 4.60 58.59
N GLY A 173 -2.10 5.10 58.60
CA GLY A 173 -2.85 5.30 57.37
C GLY A 173 -3.44 4.02 56.84
N TRP A 174 -3.36 3.83 55.53
CA TRP A 174 -3.86 2.63 54.90
C TRP A 174 -2.94 1.43 55.05
N ALA A 175 -1.81 1.59 55.75
CA ALA A 175 -0.99 0.44 56.11
C ALA A 175 -1.67 -0.41 57.17
N ASN A 176 -2.58 0.15 57.95
CA ASN A 176 -3.34 -0.57 58.95
C ASN A 176 -4.68 -1.03 58.37
N ARG A 177 -5.13 -2.19 58.80
CA ARG A 177 -6.44 -2.70 58.44
C ARG A 177 -7.53 -2.21 59.38
N ALA A 178 -7.20 -1.32 60.31
CA ALA A 178 -8.17 -0.75 61.23
C ALA A 178 -8.79 0.53 60.70
N LEU A 179 -8.34 1.04 59.55
CA LEU A 179 -8.99 2.16 58.91
C LEU A 179 -10.18 1.75 58.07
N ALA A 180 -10.24 0.48 57.67
CA ALA A 180 -11.38 -0.04 56.92
C ALA A 180 -12.66 0.04 57.74
N ASP A 181 -12.56 -0.06 59.06
CA ASP A 181 -13.72 0.24 59.91
C ASP A 181 -14.06 1.72 59.88
N HIS A 182 -13.03 2.59 59.96
CA HIS A 182 -13.27 4.03 59.98
C HIS A 182 -13.83 4.51 58.66
N PHE A 183 -13.29 4.00 57.55
CA PHE A 183 -13.87 4.25 56.24
C PHE A 183 -15.26 3.66 56.11
N ARG A 184 -15.55 2.58 56.85
CA ARG A 184 -16.92 2.10 56.88
C ARG A 184 -17.81 3.01 57.70
N ASP A 185 -17.27 3.66 58.72
CA ASP A 185 -18.11 4.51 59.56
C ASP A 185 -18.44 5.82 58.86
N TYR A 186 -17.39 6.51 58.38
CA TYR A 186 -17.50 7.76 57.62
C TYR A 186 -18.46 7.64 56.44
N ALA A 187 -18.26 6.63 55.60
CA ALA A 187 -19.12 6.43 54.44
C ALA A 187 -20.56 6.16 54.86
N GLU A 188 -20.74 5.48 56.00
CA GLU A 188 -22.08 5.27 56.54
C GLU A 188 -22.75 6.60 56.83
N LEU A 189 -22.01 7.53 57.44
CA LEU A 189 -22.46 8.90 57.65
C LEU A 189 -22.91 9.53 56.35
N CYS A 190 -22.07 9.41 55.31
CA CYS A 190 -22.42 9.98 54.01
C CYS A 190 -23.63 9.27 53.43
N PHE A 191 -23.67 7.94 53.56
CA PHE A 191 -24.82 7.18 53.06
C PHE A 191 -26.08 7.52 53.84
N ARG A 192 -25.93 7.92 55.10
CA ARG A 192 -27.10 8.32 55.85
C ARG A 192 -27.54 9.73 55.49
N HIS A 193 -26.59 10.60 55.16
CA HIS A 193 -26.95 12.01 55.05
C HIS A 193 -27.34 12.40 53.64
N PHE A 194 -26.69 11.81 52.65
CA PHE A 194 -26.82 12.24 51.28
C PHE A 194 -27.32 11.16 50.34
N GLY A 195 -27.59 9.96 50.84
CA GLY A 195 -27.95 8.85 49.98
C GLY A 195 -29.34 8.96 49.37
N GLY A 196 -30.22 9.78 49.94
CA GLY A 196 -31.52 9.98 49.33
C GLY A 196 -31.46 10.79 48.06
N GLN A 197 -30.45 11.65 47.93
CA GLN A 197 -30.21 12.46 46.75
C GLN A 197 -29.20 11.83 45.81
N VAL A 198 -28.14 11.25 46.35
CA VAL A 198 -27.06 10.68 45.56
C VAL A 198 -27.39 9.24 45.20
N LYS A 199 -27.32 8.93 43.91
CA LYS A 199 -27.54 7.57 43.43
C LYS A 199 -26.32 6.98 42.75
N TYR A 200 -25.17 7.65 42.83
CA TYR A 200 -23.93 7.16 42.24
C TYR A 200 -22.82 7.45 43.22
N TRP A 201 -22.17 6.40 43.72
CA TRP A 201 -21.08 6.54 44.68
C TRP A 201 -19.82 5.91 44.14
N ILE A 202 -18.69 6.53 44.44
CA ILE A 202 -17.37 5.94 44.25
C ILE A 202 -16.70 5.90 45.61
N THR A 203 -16.21 4.72 46.00
CA THR A 203 -15.56 4.60 47.30
C THR A 203 -14.20 5.28 47.29
N ILE A 204 -13.27 4.76 46.50
CA ILE A 204 -11.91 5.25 46.45
C ILE A 204 -11.61 5.63 45.01
N ASP A 205 -11.23 6.88 44.79
CA ASP A 205 -10.78 7.31 43.47
C ASP A 205 -9.29 7.02 43.34
N ASN A 206 -8.93 6.32 42.27
CA ASN A 206 -7.58 5.94 41.89
C ASN A 206 -6.85 5.24 43.03
N PRO A 207 -7.18 3.97 43.34
CA PRO A 207 -6.43 3.28 44.38
C PRO A 207 -5.02 2.91 43.97
N TYR A 208 -4.73 2.91 42.66
CA TYR A 208 -3.37 2.73 42.16
C TYR A 208 -2.45 3.79 42.72
N VAL A 209 -2.74 5.06 42.45
CA VAL A 209 -1.79 6.09 42.82
C VAL A 209 -1.81 6.36 44.31
N VAL A 210 -2.92 6.09 45.00
CA VAL A 210 -2.94 6.16 46.46
C VAL A 210 -1.99 5.13 47.04
N ALA A 211 -2.13 3.88 46.60
CA ALA A 211 -1.29 2.79 47.10
C ALA A 211 0.16 2.94 46.68
N TRP A 212 0.41 3.42 45.47
CA TRP A 212 1.74 3.34 44.88
C TRP A 212 2.55 4.62 45.01
N HIS A 213 1.96 5.80 45.02
CA HIS A 213 2.71 7.00 45.30
C HIS A 213 2.36 7.57 46.65
N GLY A 214 1.51 6.89 47.40
CA GLY A 214 1.30 7.31 48.76
C GLY A 214 2.25 6.60 49.68
N TYR A 215 2.41 5.30 49.45
CA TYR A 215 3.13 4.45 50.39
C TYR A 215 4.20 3.60 49.71
N ALA A 216 4.49 3.84 48.43
CA ALA A 216 5.53 3.11 47.73
C ALA A 216 6.45 3.99 46.91
N THR A 217 6.11 5.26 46.69
CA THR A 217 6.98 6.19 45.97
C THR A 217 7.11 7.54 46.68
N GLY A 218 6.19 7.91 47.55
CA GLY A 218 6.29 9.16 48.28
C GLY A 218 5.93 10.40 47.50
N ARG A 219 5.53 10.26 46.23
CA ARG A 219 5.19 11.41 45.41
C ARG A 219 3.84 12.01 45.75
N LEU A 220 2.99 11.26 46.44
CA LEU A 220 1.60 11.64 46.66
C LEU A 220 1.30 11.58 48.16
N ALA A 221 0.01 11.52 48.47
CA ALA A 221 -0.65 12.16 49.61
C ALA A 221 0.05 12.12 50.97
N PRO A 222 0.50 10.97 51.55
CA PRO A 222 1.25 11.10 52.80
C PRO A 222 2.75 11.28 52.57
N GLY A 223 3.26 10.83 51.42
CA GLY A 223 4.68 10.96 51.11
C GLY A 223 5.54 10.06 51.96
N ILE A 224 5.21 8.76 51.98
CA ILE A 224 5.91 7.86 52.90
C ILE A 224 7.26 7.45 52.34
N ARG A 225 7.29 7.04 51.06
CA ARG A 225 8.46 6.44 50.40
C ARG A 225 8.95 5.24 51.22
N GLY A 226 8.02 4.34 51.52
CA GLY A 226 8.38 3.15 52.24
C GLY A 226 9.11 2.14 51.40
N SER A 227 8.36 1.47 50.52
CA SER A 227 8.79 0.35 49.69
C SER A 227 7.62 -0.08 48.82
N PRO A 228 7.85 -0.81 47.72
CA PRO A 228 6.71 -1.44 47.02
C PRO A 228 5.95 -2.45 47.85
N ARG A 229 6.59 -3.07 48.85
CA ARG A 229 5.90 -3.97 49.77
C ARG A 229 4.80 -3.24 50.53
N LEU A 230 5.11 -2.03 51.02
CA LEU A 230 4.11 -1.21 51.68
C LEU A 230 3.01 -0.78 50.72
N GLY A 231 3.36 -0.55 49.45
CA GLY A 231 2.36 -0.19 48.46
C GLY A 231 1.38 -1.32 48.18
N TYR A 232 1.87 -2.55 48.13
CA TYR A 232 0.96 -3.67 47.89
C TYR A 232 0.14 -3.99 49.14
N LEU A 233 0.70 -3.79 50.34
CA LEU A 233 -0.10 -3.95 51.55
C LEU A 233 -1.17 -2.86 51.67
N VAL A 234 -0.85 -1.65 51.25
CA VAL A 234 -1.81 -0.56 51.28
C VAL A 234 -2.92 -0.78 50.25
N ALA A 235 -2.58 -1.31 49.08
CA ALA A 235 -3.61 -1.67 48.11
C ALA A 235 -4.49 -2.80 48.59
N HIS A 236 -3.90 -3.76 49.31
CA HIS A 236 -4.66 -4.81 49.97
C HIS A 236 -5.70 -4.23 50.92
N ASN A 237 -5.28 -3.27 51.74
CA ASN A 237 -6.22 -2.66 52.68
C ASN A 237 -7.22 -1.74 51.98
N LEU A 238 -6.84 -1.15 50.85
CA LEU A 238 -7.78 -0.33 50.08
C LEU A 238 -8.88 -1.20 49.47
N LEU A 239 -8.52 -2.35 48.93
CA LEU A 239 -9.52 -3.29 48.42
C LEU A 239 -10.42 -3.79 49.54
N LEU A 240 -9.85 -4.04 50.72
CA LEU A 240 -10.66 -4.49 51.85
C LEU A 240 -11.61 -3.40 52.36
N ALA A 241 -11.14 -2.15 52.39
CA ALA A 241 -11.98 -1.05 52.85
C ALA A 241 -13.08 -0.73 51.86
N HIS A 242 -12.78 -0.79 50.55
CA HIS A 242 -13.80 -0.62 49.53
C HIS A 242 -14.84 -1.71 49.59
N ALA A 243 -14.42 -2.96 49.85
CA ALA A 243 -15.37 -4.05 49.97
C ALA A 243 -16.25 -3.90 51.20
N LYS A 244 -15.67 -3.42 52.31
CA LYS A 244 -16.46 -3.19 53.51
C LYS A 244 -17.50 -2.10 53.31
N VAL A 245 -17.12 -1.03 52.60
CA VAL A 245 -18.07 0.06 52.35
C VAL A 245 -19.16 -0.37 51.37
N TRP A 246 -18.79 -1.11 50.32
CA TRP A 246 -19.78 -1.58 49.37
C TRP A 246 -20.74 -2.58 50.00
N HIS A 247 -20.25 -3.41 50.92
CA HIS A 247 -21.15 -4.34 51.57
C HIS A 247 -22.03 -3.64 52.58
N LEU A 248 -21.53 -2.55 53.18
CA LEU A 248 -22.39 -1.69 54.00
C LEU A 248 -23.52 -1.08 53.17
N TYR A 249 -23.21 -0.61 51.96
CA TYR A 249 -24.25 -0.05 51.11
C TYR A 249 -25.23 -1.10 50.63
N ASN A 250 -24.71 -2.28 50.22
CA ASN A 250 -25.56 -3.34 49.71
C ASN A 250 -26.45 -3.92 50.78
N THR A 251 -26.00 -3.92 52.04
CA THR A 251 -26.81 -4.46 53.10
C THR A 251 -27.81 -3.45 53.63
N SER A 252 -27.37 -2.23 53.94
CA SER A 252 -28.20 -1.35 54.75
C SER A 252 -28.66 -0.07 54.05
N PHE A 253 -28.26 0.18 52.80
CA PHE A 253 -28.66 1.44 52.17
C PHE A 253 -29.22 1.26 50.76
N ARG A 254 -28.83 0.22 50.07
CA ARG A 254 -29.35 -0.04 48.72
C ARG A 254 -30.83 -0.42 48.66
N PRO A 255 -31.45 -1.13 49.68
CA PRO A 255 -32.92 -1.22 49.70
C PRO A 255 -33.67 0.10 49.65
N THR A 256 -33.36 1.01 50.58
CA THR A 256 -34.16 2.23 50.68
C THR A 256 -33.79 3.27 49.62
N GLN A 257 -32.55 3.27 49.14
CA GLN A 257 -32.08 4.34 48.27
C GLN A 257 -31.88 3.93 46.83
N GLY A 258 -31.37 2.73 46.58
CA GLY A 258 -31.25 2.24 45.22
C GLY A 258 -30.16 2.90 44.39
N GLY A 259 -29.05 3.26 45.01
CA GLY A 259 -27.92 3.82 44.29
C GLY A 259 -26.96 2.77 43.82
N GLN A 260 -25.79 3.23 43.36
CA GLN A 260 -24.76 2.35 42.86
C GLN A 260 -23.43 2.78 43.43
N VAL A 261 -22.64 1.80 43.88
CA VAL A 261 -21.35 2.04 44.50
C VAL A 261 -20.28 1.36 43.67
N SER A 262 -19.26 2.11 43.26
CA SER A 262 -18.14 1.51 42.56
C SER A 262 -16.82 2.00 43.12
N ILE A 263 -15.74 1.67 42.44
CA ILE A 263 -14.40 2.18 42.78
C ILE A 263 -13.80 2.72 41.49
N ALA A 264 -13.25 3.93 41.56
CA ALA A 264 -12.75 4.61 40.37
C ALA A 264 -11.34 4.12 40.10
N LEU A 265 -11.21 3.21 39.15
CA LEU A 265 -9.92 2.66 38.77
C LEU A 265 -9.38 3.45 37.59
N SER A 266 -8.15 3.91 37.73
CA SER A 266 -7.48 4.58 36.63
C SER A 266 -6.55 3.60 35.92
N SER A 267 -6.59 3.62 34.60
CA SER A 267 -5.72 2.77 33.83
C SER A 267 -4.96 3.60 32.82
N HIS A 268 -3.79 3.11 32.45
CA HIS A 268 -3.11 3.57 31.26
C HIS A 268 -3.57 2.72 30.09
N TRP A 269 -3.02 2.98 28.92
CA TRP A 269 -3.11 2.03 27.83
C TRP A 269 -1.71 1.78 27.30
N ILE A 270 -1.46 0.54 26.90
CA ILE A 270 -0.12 0.09 26.57
C ILE A 270 -0.16 -0.63 25.23
N ASN A 271 0.95 -0.54 24.50
CA ASN A 271 1.13 -1.00 23.14
C ASN A 271 2.46 -1.72 23.03
N PRO A 272 2.54 -2.75 22.18
CA PRO A 272 3.79 -3.52 22.06
C PRO A 272 4.89 -2.73 21.38
N ARG A 273 6.13 -2.98 21.82
CA ARG A 273 7.29 -2.40 21.15
C ARG A 273 7.41 -2.90 19.72
N ARG A 274 7.14 -4.18 19.51
CA ARG A 274 6.98 -4.76 18.18
C ARG A 274 6.04 -5.95 18.34
N MET A 275 5.27 -6.24 17.29
CA MET A 275 4.10 -7.10 17.43
C MET A 275 4.52 -8.58 17.42
N THR A 276 5.16 -8.97 18.53
CA THR A 276 5.41 -10.37 18.86
C THR A 276 4.60 -10.72 20.10
N ASP A 277 4.31 -12.01 20.27
CA ASP A 277 3.45 -12.45 21.36
C ASP A 277 4.10 -12.32 22.72
N HIS A 278 5.44 -12.25 22.78
CA HIS A 278 6.10 -11.92 24.03
C HIS A 278 5.80 -10.48 24.43
N SER A 279 5.82 -9.57 23.46
CA SER A 279 5.47 -8.18 23.75
C SER A 279 3.99 -8.04 24.10
N ILE A 280 3.12 -8.82 23.45
CA ILE A 280 1.70 -8.74 23.74
C ILE A 280 1.38 -9.31 25.13
N LYS A 281 2.06 -10.38 25.55
CA LYS A 281 1.84 -10.83 26.91
C LYS A 281 2.51 -9.91 27.93
N GLU A 282 3.54 -9.16 27.53
CA GLU A 282 4.08 -8.14 28.42
C GLU A 282 3.12 -6.96 28.56
N CYS A 283 2.38 -6.64 27.49
CA CYS A 283 1.36 -5.59 27.56
C CYS A 283 0.19 -6.01 28.43
N GLN A 284 -0.25 -7.26 28.29
CA GLN A 284 -1.30 -7.78 29.17
C GLN A 284 -0.82 -7.84 30.61
N LYS A 285 0.46 -8.14 30.82
CA LYS A 285 1.04 -8.10 32.16
C LYS A 285 1.07 -6.68 32.71
N SER A 286 1.32 -5.68 31.85
CA SER A 286 1.29 -4.29 32.26
C SER A 286 -0.11 -3.86 32.70
N LEU A 287 -1.12 -4.21 31.90
CA LEU A 287 -2.48 -3.85 32.26
C LEU A 287 -3.01 -4.64 33.44
N ASP A 288 -2.50 -5.85 33.68
CA ASP A 288 -2.86 -6.56 34.90
C ASP A 288 -2.16 -5.98 36.12
N PHE A 289 -0.94 -5.47 35.95
CA PHE A 289 -0.21 -4.89 37.07
C PHE A 289 -0.75 -3.53 37.46
N VAL A 290 -1.31 -2.78 36.51
CA VAL A 290 -1.78 -1.42 36.80
C VAL A 290 -3.25 -1.41 37.12
N LEU A 291 -4.07 -1.95 36.23
CA LEU A 291 -5.51 -1.88 36.36
C LEU A 291 -6.14 -3.17 36.89
N GLY A 292 -5.66 -4.33 36.44
CA GLY A 292 -6.14 -5.60 36.94
C GLY A 292 -5.84 -5.83 38.41
N TRP A 293 -4.85 -5.12 38.95
CA TRP A 293 -4.51 -5.08 40.37
C TRP A 293 -5.72 -4.90 41.27
N PHE A 294 -6.67 -4.07 40.86
CA PHE A 294 -7.90 -3.85 41.60
C PHE A 294 -9.15 -4.28 40.85
N ALA A 295 -9.09 -4.39 39.53
CA ALA A 295 -10.26 -4.75 38.77
C ALA A 295 -10.45 -6.25 38.60
N LYS A 296 -9.41 -7.04 38.83
CA LYS A 296 -9.61 -8.48 38.89
C LYS A 296 -10.17 -8.92 40.25
N PRO A 297 -9.73 -8.40 41.41
CA PRO A 297 -10.49 -8.69 42.64
C PRO A 297 -11.94 -8.24 42.60
N VAL A 298 -12.18 -6.97 42.28
CA VAL A 298 -13.51 -6.38 42.44
C VAL A 298 -14.50 -6.95 41.43
N PHE A 299 -14.06 -7.17 40.19
CA PHE A 299 -15.00 -7.56 39.15
C PHE A 299 -14.96 -9.04 38.79
N ILE A 300 -13.87 -9.75 39.03
CA ILE A 300 -13.78 -11.11 38.52
C ILE A 300 -13.91 -12.16 39.61
N ASP A 301 -12.94 -12.24 40.53
CA ASP A 301 -12.91 -13.38 41.44
C ASP A 301 -12.48 -13.08 42.87
N GLY A 302 -12.24 -11.83 43.24
CA GLY A 302 -11.81 -11.53 44.60
C GLY A 302 -10.32 -11.56 44.81
N ASP A 303 -9.55 -12.07 43.86
CA ASP A 303 -8.11 -12.26 44.04
C ASP A 303 -7.37 -11.60 42.89
N TYR A 304 -6.10 -11.26 43.14
CA TYR A 304 -5.18 -10.58 42.24
C TYR A 304 -4.98 -11.34 40.94
N PRO A 305 -4.52 -10.69 39.87
CA PRO A 305 -4.14 -11.43 38.66
C PRO A 305 -2.97 -12.37 38.93
N GLU A 306 -3.04 -13.56 38.31
CA GLU A 306 -1.97 -14.53 38.48
C GLU A 306 -0.68 -14.09 37.82
N SER A 307 -0.73 -13.12 36.90
CA SER A 307 0.48 -12.51 36.38
C SER A 307 1.27 -11.81 37.48
N MET A 308 0.58 -11.24 38.47
CA MET A 308 1.25 -10.71 39.65
C MET A 308 1.50 -11.78 40.70
N LYS A 309 0.71 -12.86 40.68
CA LYS A 309 0.95 -13.96 41.61
C LYS A 309 2.04 -14.90 41.15
N ASN A 310 2.41 -14.87 39.86
CA ASN A 310 3.62 -15.51 39.40
C ASN A 310 4.82 -14.57 39.40
N ASN A 311 4.71 -13.42 40.04
CA ASN A 311 5.80 -12.45 39.96
C ASN A 311 6.33 -12.00 41.32
N LEU A 312 5.44 -11.70 42.26
CA LEU A 312 5.89 -11.12 43.52
C LEU A 312 5.10 -11.67 44.71
N SER A 313 4.89 -12.99 44.75
CA SER A 313 3.97 -13.62 45.69
C SER A 313 4.40 -13.51 47.16
N SER A 314 5.64 -13.14 47.44
CA SER A 314 6.02 -12.77 48.80
C SER A 314 5.79 -11.29 49.08
N ILE A 315 5.97 -10.45 48.06
CA ILE A 315 5.71 -9.02 48.20
C ILE A 315 4.21 -8.74 48.14
N LEU A 316 3.51 -9.38 47.20
CA LEU A 316 2.06 -9.28 47.07
C LEU A 316 1.40 -10.11 48.16
N PRO A 317 0.64 -9.49 49.07
CA PRO A 317 0.02 -10.26 50.16
C PRO A 317 -1.13 -11.12 49.65
N ASP A 318 -1.45 -12.13 50.45
CA ASP A 318 -2.38 -13.19 50.06
C ASP A 318 -3.77 -12.90 50.62
N PHE A 319 -4.78 -13.23 49.82
CA PHE A 319 -6.16 -13.07 50.24
C PHE A 319 -6.67 -14.35 50.89
N THR A 320 -7.27 -14.21 52.07
CA THR A 320 -8.10 -15.26 52.62
C THR A 320 -9.29 -15.48 51.68
N GLU A 321 -9.76 -16.73 51.56
CA GLU A 321 -10.86 -16.98 50.63
C GLU A 321 -12.19 -16.41 51.14
N SER A 322 -12.33 -16.16 52.43
CA SER A 322 -13.43 -15.32 52.92
C SER A 322 -13.29 -13.90 52.40
N GLU A 323 -12.06 -13.39 52.36
CA GLU A 323 -11.80 -12.11 51.70
C GLU A 323 -11.73 -12.24 50.18
N LYS A 324 -11.83 -13.45 49.64
CA LYS A 324 -11.99 -13.56 48.19
C LYS A 324 -13.45 -13.58 47.78
N LYS A 325 -14.34 -14.04 48.66
CA LYS A 325 -15.76 -13.87 48.42
C LYS A 325 -16.28 -12.54 48.91
N PHE A 326 -15.52 -11.85 49.76
CA PHE A 326 -15.91 -10.53 50.26
C PHE A 326 -15.69 -9.46 49.20
N ILE A 327 -14.56 -9.49 48.52
CA ILE A 327 -14.16 -8.44 47.60
C ILE A 327 -14.50 -8.83 46.16
N LYS A 328 -15.41 -9.78 45.98
CA LYS A 328 -15.83 -10.22 44.65
C LYS A 328 -17.19 -9.63 44.33
N GLY A 329 -17.32 -9.07 43.13
CA GLY A 329 -18.59 -8.49 42.71
C GLY A 329 -18.96 -7.24 43.46
N THR A 330 -17.95 -6.52 43.95
CA THR A 330 -18.16 -5.44 44.91
C THR A 330 -18.13 -4.06 44.25
N ALA A 331 -18.59 -3.97 43.00
CA ALA A 331 -18.86 -2.70 42.35
C ALA A 331 -20.01 -2.87 41.37
N ASP A 332 -20.88 -1.87 41.32
CA ASP A 332 -22.08 -1.93 40.50
C ASP A 332 -21.87 -1.41 39.09
N PHE A 333 -20.75 -0.74 38.82
CA PHE A 333 -20.39 -0.33 37.47
C PHE A 333 -18.89 -0.22 37.42
N PHE A 334 -18.34 -0.27 36.21
CA PHE A 334 -16.92 0.00 36.04
C PHE A 334 -16.73 1.50 35.97
N ALA A 335 -15.95 2.05 36.91
CA ALA A 335 -15.65 3.47 36.92
C ALA A 335 -14.22 3.65 36.44
N LEU A 336 -14.06 4.27 35.29
CA LEU A 336 -12.77 4.41 34.64
C LEU A 336 -12.28 5.85 34.77
N CYS A 337 -11.01 6.01 35.12
CA CYS A 337 -10.33 7.30 35.01
C CYS A 337 -9.25 7.18 33.94
N PHE A 338 -9.40 7.93 32.86
CA PHE A 338 -8.38 7.95 31.82
C PHE A 338 -8.03 9.41 31.51
N GLY A 339 -7.12 9.95 32.30
CA GLY A 339 -6.68 11.30 32.11
C GLY A 339 -5.19 11.42 32.29
N PRO A 340 -4.70 12.62 32.58
CA PRO A 340 -3.28 12.82 32.79
C PRO A 340 -2.77 12.50 34.19
N THR A 341 -3.60 11.97 35.07
CA THR A 341 -3.12 11.59 36.39
C THR A 341 -2.18 10.40 36.30
N LEU A 342 -2.68 9.27 35.79
CA LEU A 342 -1.86 8.07 35.67
C LEU A 342 -1.19 7.99 34.30
N SER A 343 -1.95 8.21 33.24
CA SER A 343 -1.44 8.05 31.89
C SER A 343 -0.45 9.14 31.56
N PHE A 344 0.80 8.72 31.29
CA PHE A 344 1.99 9.50 30.94
C PHE A 344 2.56 10.32 32.08
N GLN A 345 1.97 10.31 33.27
CA GLN A 345 2.55 11.06 34.38
C GLN A 345 2.94 10.19 35.57
N LEU A 346 2.01 9.48 36.17
CA LEU A 346 2.27 8.73 37.40
C LEU A 346 2.36 7.24 37.14
N LEU A 347 2.35 6.81 35.89
CA LEU A 347 2.53 5.40 35.60
C LEU A 347 3.95 4.99 35.96
N ASP A 348 4.06 3.96 36.80
CA ASP A 348 5.36 3.44 37.17
C ASP A 348 6.01 2.79 35.96
N PRO A 349 7.25 3.18 35.62
CA PRO A 349 7.88 2.64 34.40
C PRO A 349 8.27 1.18 34.52
N HIS A 350 8.37 0.64 35.73
CA HIS A 350 8.58 -0.79 35.89
C HIS A 350 7.33 -1.58 35.55
N MET A 351 6.15 -0.97 35.72
CA MET A 351 4.90 -1.61 35.33
C MET A 351 4.58 -1.45 33.86
N LYS A 352 5.43 -0.75 33.11
CA LYS A 352 5.24 -0.66 31.66
C LYS A 352 5.80 -1.88 30.96
N PHE A 353 6.77 -2.55 31.58
CA PHE A 353 7.36 -3.81 31.12
C PHE A 353 7.98 -3.68 29.72
N ARG A 354 8.75 -2.60 29.54
CA ARG A 354 9.48 -2.29 28.30
C ARG A 354 8.56 -2.21 27.08
N GLN A 355 7.36 -1.69 27.29
CA GLN A 355 6.41 -1.44 26.22
C GLN A 355 6.16 0.06 26.10
N LEU A 356 5.25 0.42 25.20
CA LEU A 356 5.02 1.82 24.86
C LEU A 356 3.61 2.21 25.26
N GLU A 357 3.47 3.15 26.18
CA GLU A 357 2.12 3.53 26.57
C GLU A 357 1.55 4.53 25.57
N SER A 358 0.28 4.35 25.27
CA SER A 358 -0.54 5.06 24.33
C SER A 358 -1.71 5.72 25.06
N PRO A 359 -2.13 6.89 24.63
CA PRO A 359 -3.36 7.50 25.16
C PRO A 359 -4.61 7.09 24.40
N ASN A 360 -4.74 5.79 24.13
CA ASN A 360 -5.83 5.27 23.32
C ASN A 360 -6.95 4.82 24.25
N LEU A 361 -8.01 5.61 24.32
CA LEU A 361 -9.14 5.27 25.17
C LEU A 361 -10.08 4.27 24.52
N ARG A 362 -10.11 4.20 23.20
CA ARG A 362 -11.01 3.27 22.51
C ARG A 362 -10.54 1.83 22.68
N GLN A 363 -9.24 1.59 22.51
CA GLN A 363 -8.68 0.27 22.73
C GLN A 363 -8.75 -0.13 24.19
N LEU A 364 -8.58 0.84 25.10
CA LEU A 364 -8.70 0.55 26.51
C LEU A 364 -10.13 0.17 26.88
N LEU A 365 -11.12 0.87 26.34
CA LEU A 365 -12.51 0.55 26.63
C LEU A 365 -12.91 -0.81 26.05
N SER A 366 -12.36 -1.17 24.88
CA SER A 366 -12.56 -2.53 24.39
C SER A 366 -11.88 -3.55 25.28
N TRP A 367 -10.73 -3.21 25.87
CA TRP A 367 -10.06 -4.11 26.80
C TRP A 367 -10.86 -4.31 28.08
N ILE A 368 -11.52 -3.25 28.56
CA ILE A 368 -12.42 -3.39 29.72
C ILE A 368 -13.61 -4.27 29.35
N ASP A 369 -14.15 -4.07 28.14
CA ASP A 369 -15.32 -4.83 27.71
C ASP A 369 -15.01 -6.31 27.57
N LEU A 370 -13.80 -6.64 27.10
CA LEU A 370 -13.44 -8.03 26.94
C LEU A 370 -13.02 -8.66 28.26
N GLU A 371 -12.11 -7.99 28.98
CA GLU A 371 -11.47 -8.60 30.14
C GLU A 371 -12.42 -8.74 31.34
N PHE A 372 -13.32 -7.79 31.54
CA PHE A 372 -14.15 -7.78 32.73
C PHE A 372 -15.63 -7.92 32.39
N ASN A 373 -15.91 -8.77 31.38
CA ASN A 373 -17.20 -9.41 31.15
C ASN A 373 -18.31 -8.41 30.80
N HIS A 374 -18.01 -7.53 29.85
CA HIS A 374 -18.91 -6.50 29.31
C HIS A 374 -19.56 -5.66 30.42
N PRO A 375 -18.80 -4.85 31.15
CA PRO A 375 -19.40 -4.07 32.23
C PRO A 375 -20.03 -2.80 31.67
N GLN A 376 -20.78 -2.12 32.52
CA GLN A 376 -21.30 -0.81 32.16
C GLN A 376 -20.32 0.23 32.67
N ILE A 377 -19.57 0.82 31.75
CA ILE A 377 -18.43 1.66 32.09
C ILE A 377 -18.88 3.11 32.21
N PHE A 378 -18.69 3.69 33.37
CA PHE A 378 -18.91 5.10 33.61
C PHE A 378 -17.51 5.71 33.62
N ILE A 379 -17.13 6.35 32.52
CA ILE A 379 -15.84 7.03 32.47
C ILE A 379 -15.93 8.23 33.39
N VAL A 380 -15.30 8.12 34.55
CA VAL A 380 -15.63 8.91 35.71
C VAL A 380 -14.61 9.99 35.97
N GLU A 381 -13.54 10.03 35.17
CA GLU A 381 -12.61 11.14 35.11
C GLU A 381 -11.90 11.04 33.78
N ASN A 382 -11.96 12.09 32.97
CA ASN A 382 -11.30 12.03 31.68
C ASN A 382 -10.99 13.43 31.18
N GLY A 383 -9.86 13.57 30.52
CA GLY A 383 -9.45 14.83 29.95
C GLY A 383 -7.94 14.81 29.74
N TRP A 384 -7.42 15.97 29.37
CA TRP A 384 -5.98 16.20 29.38
C TRP A 384 -5.77 17.48 30.17
N PHE A 385 -4.61 18.10 30.00
CA PHE A 385 -4.31 19.35 30.67
C PHE A 385 -3.84 20.38 29.67
N VAL A 386 -3.68 21.61 30.16
CA VAL A 386 -2.91 22.65 29.50
C VAL A 386 -1.93 23.21 30.52
N SER A 387 -1.17 24.21 30.12
CA SER A 387 -0.19 24.80 31.02
C SER A 387 -0.87 25.68 32.05
N GLY A 388 -0.13 26.00 33.12
CA GLY A 388 -0.64 26.89 34.14
C GLY A 388 -0.65 28.34 33.71
N THR A 389 0.05 28.67 32.64
CA THR A 389 0.09 30.01 32.08
C THR A 389 -1.04 30.27 31.10
N THR A 390 -2.04 29.39 31.05
CA THR A 390 -3.07 29.42 30.04
C THR A 390 -4.35 29.98 30.64
N LYS A 391 -4.87 31.05 30.05
CA LYS A 391 -6.14 31.65 30.40
C LYS A 391 -7.28 30.87 29.75
N ARG A 392 -8.41 31.52 29.53
CA ARG A 392 -9.60 30.89 28.95
C ARG A 392 -9.42 30.38 27.51
N ASP A 393 -8.27 30.38 26.86
CA ASP A 393 -8.10 29.82 25.52
C ASP A 393 -7.28 28.54 25.65
N ASP A 394 -7.96 27.40 25.75
CA ASP A 394 -7.31 26.10 25.77
C ASP A 394 -7.77 25.30 24.56
N ALA A 395 -7.01 25.40 23.47
CA ALA A 395 -7.35 24.59 22.31
C ALA A 395 -6.82 23.17 22.45
N LYS A 396 -5.70 22.99 23.16
CA LYS A 396 -5.16 21.64 23.33
C LYS A 396 -6.08 20.79 24.20
N TYR A 397 -6.60 21.34 25.29
CA TYR A 397 -7.59 20.65 26.11
C TYR A 397 -8.84 20.34 25.30
N MET A 398 -9.30 21.30 24.50
CA MET A 398 -10.52 21.11 23.72
C MET A 398 -10.36 20.01 22.69
N TYR A 399 -9.20 19.90 22.06
CA TYR A 399 -9.05 18.87 21.06
C TYR A 399 -8.70 17.52 21.67
N TYR A 400 -8.10 17.49 22.85
CA TYR A 400 -7.97 16.23 23.58
C TYR A 400 -9.32 15.74 24.06
N LEU A 401 -10.17 16.64 24.54
CA LEU A 401 -11.52 16.28 24.96
C LEU A 401 -12.36 15.82 23.78
N LYS A 402 -12.20 16.46 22.62
CA LYS A 402 -12.91 16.03 21.41
C LYS A 402 -12.46 14.65 20.96
N LYS A 403 -11.15 14.39 20.99
CA LYS A 403 -10.64 13.08 20.63
C LYS A 403 -11.11 12.03 21.61
N PHE A 404 -11.15 12.36 22.89
CA PHE A 404 -11.55 11.38 23.89
C PHE A 404 -13.02 11.05 23.81
N ILE A 405 -13.88 12.05 23.64
CA ILE A 405 -15.32 11.81 23.46
C ILE A 405 -15.59 11.08 22.15
N MET A 406 -14.80 11.36 21.11
CA MET A 406 -14.93 10.62 19.86
C MET A 406 -14.49 9.18 20.01
N GLU A 407 -13.47 8.91 20.85
CA GLU A 407 -13.05 7.53 21.08
C GLU A 407 -14.08 6.77 21.91
N THR A 408 -14.76 7.43 22.87
CA THR A 408 -15.84 6.73 23.56
C THR A 408 -17.04 6.51 22.64
N LEU A 409 -17.31 7.43 21.72
CA LEU A 409 -18.40 7.21 20.77
C LEU A 409 -18.06 6.09 19.80
N LYS A 410 -16.80 5.97 19.42
CA LYS A 410 -16.36 4.84 18.61
C LYS A 410 -16.39 3.54 19.39
N ALA A 411 -16.17 3.60 20.71
CA ALA A 411 -16.27 2.41 21.53
C ALA A 411 -17.72 1.96 21.67
N ILE A 412 -18.64 2.92 21.79
CA ILE A 412 -20.05 2.58 21.89
C ILE A 412 -20.57 2.06 20.55
N LYS A 413 -20.27 2.78 19.47
CA LYS A 413 -20.82 2.44 18.16
C LYS A 413 -20.07 1.30 17.50
N LEU A 414 -18.77 1.49 17.26
CA LEU A 414 -18.00 0.55 16.45
C LEU A 414 -17.42 -0.61 17.24
N ASP A 415 -17.63 -0.67 18.56
CA ASP A 415 -17.06 -1.75 19.35
C ASP A 415 -18.04 -2.42 20.29
N GLY A 416 -19.22 -1.86 20.50
CA GLY A 416 -20.19 -2.48 21.39
C GLY A 416 -19.84 -2.36 22.85
N VAL A 417 -18.96 -1.44 23.22
CA VAL A 417 -18.62 -1.20 24.60
C VAL A 417 -19.78 -0.47 25.27
N ASP A 418 -20.12 -0.87 26.50
CA ASP A 418 -21.28 -0.34 27.19
C ASP A 418 -20.87 0.84 28.07
N VAL A 419 -20.50 1.93 27.42
CA VAL A 419 -20.19 3.17 28.13
C VAL A 419 -21.49 3.87 28.45
N ILE A 420 -21.74 4.12 29.73
CA ILE A 420 -22.99 4.75 30.15
C ILE A 420 -22.83 6.23 30.47
N GLY A 421 -21.62 6.71 30.65
CA GLY A 421 -21.43 8.12 30.92
C GLY A 421 -20.00 8.53 30.64
N TYR A 422 -19.83 9.82 30.46
CA TYR A 422 -18.52 10.44 30.28
C TYR A 422 -18.43 11.59 31.26
N THR A 423 -17.34 11.67 31.99
CA THR A 423 -17.08 12.77 32.92
C THR A 423 -15.88 13.55 32.41
N ALA A 424 -16.10 14.78 31.96
CA ALA A 424 -14.99 15.67 31.70
C ALA A 424 -14.43 16.15 33.02
N TRP A 425 -13.14 15.97 33.23
CA TRP A 425 -12.60 16.20 34.55
C TRP A 425 -12.31 17.68 34.78
N SER A 426 -12.50 18.11 36.04
CA SER A 426 -12.22 19.42 36.57
C SER A 426 -13.10 20.43 35.88
N LEU A 427 -14.36 20.52 36.36
CA LEU A 427 -15.23 21.66 36.10
C LEU A 427 -14.49 22.99 36.13
N MET A 428 -13.70 23.22 37.17
CA MET A 428 -12.92 24.45 37.28
C MET A 428 -11.46 24.11 37.51
N ASP A 429 -10.60 25.11 37.28
CA ASP A 429 -9.19 24.98 37.58
C ASP A 429 -8.97 24.86 39.08
N GLY A 430 -7.95 24.11 39.46
CA GLY A 430 -7.63 23.96 40.86
C GLY A 430 -6.25 23.42 41.08
N PHE A 431 -6.06 22.82 42.26
CA PHE A 431 -4.81 22.14 42.60
C PHE A 431 -4.61 20.93 41.71
N GLU A 432 -3.36 20.52 41.51
CA GLU A 432 -3.12 19.40 40.61
C GLU A 432 -2.18 18.35 41.20
N TRP A 433 -2.13 18.29 42.53
CA TRP A 433 -1.69 17.20 43.40
C TRP A 433 -0.20 16.90 43.45
N HIS A 434 0.56 17.17 42.40
CA HIS A 434 2.02 17.08 42.53
C HIS A 434 2.58 18.08 41.55
N ARG A 435 1.69 18.67 40.78
CA ARG A 435 2.01 19.62 39.73
C ARG A 435 1.52 21.01 40.11
N GLY A 436 1.04 21.16 41.34
CA GLY A 436 0.65 22.42 41.95
C GLY A 436 -0.42 23.16 41.19
N TYR A 437 -0.05 24.32 40.66
CA TYR A 437 -0.91 25.11 39.81
C TYR A 437 -0.22 25.37 38.47
N SER A 438 0.81 24.57 38.17
CA SER A 438 1.51 24.64 36.90
C SER A 438 0.71 24.00 35.78
N ILE A 439 -0.39 23.35 36.12
CA ILE A 439 -1.19 22.51 35.22
C ILE A 439 -2.63 22.94 35.38
N ARG A 440 -3.35 23.05 34.28
CA ARG A 440 -4.74 23.45 34.32
C ARG A 440 -5.58 22.41 33.59
N ARG A 441 -6.52 21.82 34.32
CA ARG A 441 -7.42 20.83 33.76
C ARG A 441 -8.86 21.31 33.78
N GLY A 442 -9.10 22.55 34.15
CA GLY A 442 -10.43 23.04 34.30
C GLY A 442 -11.12 23.29 32.97
N LEU A 443 -12.43 23.16 32.99
CA LEU A 443 -13.25 23.68 31.91
C LEU A 443 -13.58 25.15 32.12
N PHE A 444 -13.50 25.65 33.34
CA PHE A 444 -13.80 27.03 33.65
C PHE A 444 -12.55 27.66 34.25
N TYR A 445 -12.14 28.80 33.68
CA TYR A 445 -10.88 29.42 34.08
C TYR A 445 -11.02 30.09 35.44
N VAL A 446 -10.11 29.79 36.34
CA VAL A 446 -10.08 30.37 37.68
C VAL A 446 -8.82 31.20 37.79
N ASP A 447 -8.98 32.49 38.09
CA ASP A 447 -7.84 33.35 38.41
C ASP A 447 -7.51 33.13 39.88
N PHE A 448 -6.40 32.44 40.16
CA PHE A 448 -6.09 32.07 41.54
C PHE A 448 -5.62 33.25 42.37
N LEU A 449 -5.16 34.32 41.75
CA LEU A 449 -4.81 35.54 42.45
C LEU A 449 -6.00 36.45 42.69
N SER A 450 -7.13 36.18 42.03
CA SER A 450 -8.32 36.99 42.19
C SER A 450 -8.98 36.71 43.53
N GLN A 451 -10.01 37.50 43.83
CA GLN A 451 -10.78 37.32 45.05
C GLN A 451 -12.18 36.77 44.81
N ASP A 452 -12.82 37.18 43.71
CA ASP A 452 -14.14 36.63 43.38
C ASP A 452 -14.03 35.21 42.88
N LYS A 453 -12.91 34.86 42.24
CA LYS A 453 -12.63 33.55 41.66
C LYS A 453 -13.74 33.10 40.71
N MET A 454 -14.06 33.97 39.75
CA MET A 454 -15.15 33.70 38.83
C MET A 454 -14.81 32.55 37.91
N LEU A 455 -15.84 31.83 37.49
CA LEU A 455 -15.66 30.69 36.59
C LEU A 455 -15.96 31.18 35.19
N LEU A 456 -14.92 31.57 34.51
CA LEU A 456 -15.03 32.06 33.14
C LEU A 456 -14.92 30.88 32.18
N PRO A 457 -15.87 30.74 31.25
CA PRO A 457 -15.88 29.55 30.37
C PRO A 457 -14.71 29.57 29.39
N LYS A 458 -13.98 28.47 29.35
CA LYS A 458 -12.87 28.32 28.43
C LYS A 458 -13.40 27.95 27.05
N SER A 459 -12.50 27.66 26.12
CA SER A 459 -12.93 27.16 24.82
C SER A 459 -13.50 25.76 24.94
N SER A 460 -12.94 24.96 25.84
CA SER A 460 -13.42 23.61 26.09
C SER A 460 -14.77 23.59 26.79
N ALA A 461 -15.09 24.62 27.57
CA ALA A 461 -16.42 24.70 28.17
C ALA A 461 -17.49 24.94 27.12
N LEU A 462 -17.22 25.83 26.16
CA LEU A 462 -18.18 26.08 25.09
C LEU A 462 -18.29 24.88 24.17
N PHE A 463 -17.17 24.20 23.92
CA PHE A 463 -17.19 22.98 23.11
C PHE A 463 -17.99 21.88 23.79
N TYR A 464 -17.74 21.66 25.09
CA TYR A 464 -18.43 20.60 25.82
C TYR A 464 -19.90 20.93 26.03
N GLN A 465 -20.24 22.22 26.17
CA GLN A 465 -21.65 22.60 26.27
C GLN A 465 -22.38 22.36 24.96
N LYS A 466 -21.78 22.74 23.84
CA LYS A 466 -22.40 22.48 22.54
C LYS A 466 -22.41 21.00 22.19
N LEU A 467 -21.53 20.20 22.78
CA LEU A 467 -21.55 18.77 22.53
C LEU A 467 -22.57 18.04 23.39
N ILE A 468 -22.77 18.49 24.64
CA ILE A 468 -23.86 17.98 25.46
C ILE A 468 -25.20 18.34 24.83
N GLU A 469 -25.31 19.56 24.31
CA GLU A 469 -26.53 20.00 23.63
C GLU A 469 -26.81 19.22 22.36
N LYS A 470 -25.80 18.93 21.55
CA LYS A 470 -25.97 18.11 20.35
C LYS A 470 -25.96 16.63 20.64
N ASN A 471 -25.65 16.24 21.88
CA ASN A 471 -25.55 14.84 22.35
C ASN A 471 -24.53 14.06 21.53
N GLY A 472 -23.42 14.70 21.20
CA GLY A 472 -22.39 14.01 20.47
C GLY A 472 -21.97 14.75 19.22
N PHE A 473 -21.76 14.01 18.13
CA PHE A 473 -21.33 14.56 16.86
C PHE A 473 -22.38 14.22 15.82
N PRO A 474 -23.43 15.02 15.69
CA PRO A 474 -24.43 14.77 14.65
C PRO A 474 -23.86 15.13 13.29
N PRO A 475 -24.43 14.60 12.21
CA PRO A 475 -23.98 15.01 10.87
C PRO A 475 -24.33 16.45 10.60
N LEU A 476 -23.31 17.25 10.29
CA LEU A 476 -23.48 18.66 10.00
C LEU A 476 -24.02 18.85 8.58
N PRO A 477 -24.85 19.88 8.37
CA PRO A 477 -25.37 20.11 7.02
C PRO A 477 -24.36 20.69 6.05
N GLU A 478 -23.18 21.10 6.53
CA GLU A 478 -22.12 21.60 5.68
C GLU A 478 -21.11 20.52 5.33
N ASN A 479 -21.37 19.27 5.70
CA ASN A 479 -20.49 18.17 5.40
C ASN A 479 -21.15 17.07 4.58
N GLN A 480 -22.46 17.15 4.36
CA GLN A 480 -23.15 16.14 3.57
C GLN A 480 -22.89 16.38 2.08
N PRO A 481 -22.76 15.31 1.29
CA PRO A 481 -22.37 15.48 -0.11
C PRO A 481 -23.43 16.20 -0.95
N LEU A 482 -22.96 16.89 -1.98
CA LEU A 482 -23.80 17.64 -2.89
C LEU A 482 -23.95 16.88 -4.20
N GLU A 483 -25.14 16.93 -4.78
CA GLU A 483 -25.40 16.38 -6.11
C GLU A 483 -25.40 17.52 -7.12
N GLY A 484 -24.61 17.38 -8.17
CA GLY A 484 -24.50 18.40 -9.18
C GLY A 484 -23.31 18.14 -10.06
N THR A 485 -23.22 18.92 -11.12
CA THR A 485 -22.15 18.76 -12.10
C THR A 485 -21.35 20.05 -12.25
N PHE A 486 -20.04 19.88 -12.38
CA PHE A 486 -19.15 20.93 -12.81
C PHE A 486 -19.49 21.34 -14.25
N PRO A 487 -19.15 22.59 -14.67
CA PRO A 487 -19.57 23.04 -16.00
C PRO A 487 -18.91 22.31 -17.16
N CYS A 488 -19.36 22.61 -18.37
CA CYS A 488 -18.65 22.12 -19.54
C CYS A 488 -17.33 22.88 -19.70
N ASP A 489 -16.35 22.20 -20.31
CA ASP A 489 -14.96 22.65 -20.38
C ASP A 489 -14.36 22.87 -18.99
N PHE A 490 -14.80 22.08 -18.01
CA PHE A 490 -14.09 22.00 -16.75
C PHE A 490 -12.83 21.18 -16.95
N ALA A 491 -11.72 21.66 -16.40
CA ALA A 491 -10.42 21.06 -16.67
C ALA A 491 -10.17 19.94 -15.68
N TRP A 492 -10.41 18.71 -16.10
CA TRP A 492 -10.10 17.54 -15.29
C TRP A 492 -8.68 17.11 -15.61
N GLY A 493 -7.75 17.36 -14.71
CA GLY A 493 -6.35 17.14 -14.99
C GLY A 493 -5.66 16.33 -13.91
N VAL A 494 -4.44 15.92 -14.24
CA VAL A 494 -3.54 15.31 -13.27
C VAL A 494 -2.22 16.03 -13.42
N VAL A 495 -1.37 15.96 -12.39
CA VAL A 495 -0.09 16.65 -12.46
C VAL A 495 1.03 15.62 -12.39
N ASP A 496 2.20 16.01 -12.91
CA ASP A 496 3.45 15.28 -12.75
C ASP A 496 4.55 16.33 -12.76
N ASN A 497 4.97 16.75 -11.57
CA ASN A 497 5.94 17.82 -11.44
C ASN A 497 7.33 17.41 -11.90
N TYR A 498 7.61 16.11 -11.92
CA TYR A 498 8.86 15.56 -12.40
C TYR A 498 8.54 14.68 -13.58
N ILE A 499 8.48 15.24 -14.75
CA ILE A 499 8.21 14.39 -15.90
C ILE A 499 9.48 13.63 -16.24
N GLN A 500 9.32 12.43 -16.79
CA GLN A 500 10.44 11.58 -17.14
C GLN A 500 11.03 12.06 -18.45
N VAL A 501 12.15 12.76 -18.39
CA VAL A 501 12.78 13.32 -19.58
C VAL A 501 13.89 12.37 -20.01
N ASP A 502 13.54 11.46 -20.93
CA ASP A 502 14.45 10.47 -21.49
C ASP A 502 14.46 10.66 -22.99
N THR A 503 15.51 11.30 -23.50
CA THR A 503 15.60 11.67 -24.91
C THR A 503 16.25 10.58 -25.76
N THR A 504 16.22 9.34 -25.32
CA THR A 504 16.73 8.23 -26.10
C THR A 504 15.77 7.93 -27.24
N LEU A 505 16.26 8.05 -28.47
CA LEU A 505 15.43 7.78 -29.64
C LEU A 505 15.34 6.28 -29.89
N SER A 506 14.12 5.78 -30.09
CA SER A 506 13.91 4.35 -30.20
C SER A 506 14.08 3.82 -31.61
N GLN A 507 13.87 4.66 -32.62
CA GLN A 507 13.99 4.19 -33.99
C GLN A 507 14.83 5.15 -34.81
N PHE A 508 15.30 4.65 -35.95
CA PHE A 508 16.07 5.36 -36.97
C PHE A 508 17.38 5.93 -36.45
N THR A 509 17.94 5.35 -35.40
CA THR A 509 19.23 5.78 -34.88
C THR A 509 20.39 5.09 -35.55
N ASP A 510 20.18 3.89 -36.08
CA ASP A 510 21.23 3.13 -36.76
C ASP A 510 21.25 3.56 -38.22
N LEU A 511 22.38 4.10 -38.66
CA LEU A 511 22.50 4.66 -39.99
C LEU A 511 23.38 3.85 -40.92
N ASN A 512 23.99 2.77 -40.43
CA ASN A 512 24.79 1.91 -41.30
C ASN A 512 23.88 1.11 -42.23
N VAL A 513 24.42 0.71 -43.36
CA VAL A 513 23.68 -0.12 -44.31
C VAL A 513 24.13 -1.56 -44.13
N TYR A 514 23.17 -2.48 -44.13
CA TYR A 514 23.40 -3.88 -43.80
C TYR A 514 23.06 -4.76 -44.99
N LEU A 515 23.66 -5.94 -45.01
CA LEU A 515 23.35 -6.98 -45.98
C LEU A 515 22.48 -8.03 -45.30
N TRP A 516 21.29 -8.26 -45.84
CA TRP A 516 20.35 -9.22 -45.28
C TRP A 516 20.43 -10.51 -46.10
N ASP A 517 21.20 -11.46 -45.61
CA ASP A 517 21.23 -12.77 -46.23
C ASP A 517 19.95 -13.50 -45.85
N VAL A 518 18.95 -13.50 -46.74
CA VAL A 518 17.60 -13.92 -46.38
C VAL A 518 17.54 -15.43 -46.20
N HIS A 519 18.30 -16.19 -47.00
CA HIS A 519 18.04 -17.62 -47.14
C HIS A 519 18.87 -18.47 -46.17
N HIS A 520 20.20 -18.43 -46.28
CA HIS A 520 21.08 -19.30 -45.50
C HIS A 520 21.37 -18.74 -44.11
N SER A 521 20.64 -17.72 -43.71
CA SER A 521 20.96 -16.75 -42.67
C SER A 521 19.63 -16.06 -42.39
N LYS A 522 19.66 -14.72 -42.36
CA LYS A 522 18.94 -13.68 -41.61
C LYS A 522 19.77 -13.27 -40.41
N ARG A 523 21.04 -13.67 -40.42
CA ARG A 523 22.06 -12.83 -39.84
C ARG A 523 22.25 -11.59 -40.70
N LEU A 524 22.73 -10.52 -40.09
CA LEU A 524 22.89 -9.23 -40.76
C LEU A 524 24.37 -8.88 -40.83
N ILE A 525 24.87 -8.68 -42.05
CA ILE A 525 26.27 -8.37 -42.29
C ILE A 525 26.37 -6.89 -42.63
N LYS A 526 27.23 -6.17 -41.91
CA LYS A 526 27.35 -4.73 -42.09
C LYS A 526 28.18 -4.42 -43.33
N VAL A 527 27.63 -3.63 -44.23
CA VAL A 527 28.38 -3.12 -45.37
C VAL A 527 29.24 -1.98 -44.83
N ASP A 528 30.53 -2.24 -44.62
CA ASP A 528 31.38 -1.30 -43.90
C ASP A 528 31.68 -0.09 -44.79
N GLY A 529 31.51 1.09 -44.21
CA GLY A 529 31.76 2.34 -44.91
C GLY A 529 30.52 3.00 -45.47
N VAL A 530 29.42 2.26 -45.63
CA VAL A 530 28.21 2.80 -46.25
C VAL A 530 27.23 3.18 -45.14
N VAL A 531 27.05 4.49 -44.98
CA VAL A 531 26.17 5.07 -43.98
C VAL A 531 25.16 5.94 -44.72
N THR A 532 23.87 5.68 -44.47
CA THR A 532 22.81 6.41 -45.16
C THR A 532 22.53 7.72 -44.45
N LYS A 533 21.51 8.45 -44.90
CA LYS A 533 21.20 9.75 -44.35
C LYS A 533 20.32 9.63 -43.11
N LYS A 534 20.45 10.61 -42.23
CA LYS A 534 19.65 10.64 -41.01
C LYS A 534 18.26 11.17 -41.31
N ARG A 535 17.24 10.43 -40.91
CA ARG A 535 15.87 10.88 -41.07
C ARG A 535 15.59 12.00 -40.07
N LYS A 536 14.60 12.84 -40.40
CA LYS A 536 14.15 13.88 -39.50
C LYS A 536 13.51 13.26 -38.27
N SER A 537 13.96 13.67 -37.09
CA SER A 537 13.51 13.05 -35.85
C SER A 537 12.10 13.52 -35.49
N TYR A 538 11.20 12.57 -35.36
CA TYR A 538 9.86 12.82 -34.84
C TYR A 538 9.80 12.36 -33.38
N CYS A 539 8.62 12.40 -32.79
CA CYS A 539 8.43 11.98 -31.41
C CYS A 539 7.64 10.70 -31.25
N VAL A 540 7.57 9.90 -32.31
CA VAL A 540 7.43 8.47 -32.10
C VAL A 540 8.79 7.83 -31.85
N ASP A 541 9.87 8.60 -32.07
CA ASP A 541 11.20 8.12 -31.78
C ASP A 541 11.46 8.10 -30.28
N PHE A 542 10.89 9.04 -29.54
CA PHE A 542 11.07 9.07 -28.09
C PHE A 542 10.21 7.98 -27.47
N ALA A 543 10.86 6.94 -26.95
CA ALA A 543 10.15 5.78 -26.44
C ALA A 543 9.51 6.01 -25.09
N ALA A 544 9.96 7.03 -24.35
CA ALA A 544 9.46 7.28 -23.00
C ALA A 544 8.21 8.12 -22.98
N ILE A 545 7.70 8.55 -24.13
CA ILE A 545 6.59 9.49 -24.19
C ILE A 545 5.25 8.77 -24.25
N GLN A 546 5.12 7.80 -25.13
CA GLN A 546 3.84 7.12 -25.38
C GLN A 546 3.33 6.21 -24.26
N PRO A 547 4.17 5.54 -23.44
CA PRO A 547 3.62 4.90 -22.23
C PRO A 547 2.96 5.87 -21.26
N GLN A 548 3.56 7.04 -21.03
CA GLN A 548 2.97 8.04 -20.15
C GLN A 548 1.64 8.53 -20.70
N ILE A 549 1.56 8.75 -22.00
CA ILE A 549 0.33 9.23 -22.60
C ILE A 549 -0.73 8.14 -22.65
N ALA A 550 -0.31 6.87 -22.74
CA ALA A 550 -1.27 5.77 -22.66
C ALA A 550 -1.87 5.67 -21.27
N LEU A 551 -1.05 5.86 -20.24
CA LEU A 551 -1.57 5.91 -18.87
C LEU A 551 -2.44 7.13 -18.65
N LEU A 552 -2.16 8.24 -19.34
CA LEU A 552 -3.00 9.42 -19.22
C LEU A 552 -4.33 9.25 -19.93
N GLN A 553 -4.34 8.52 -21.05
CA GLN A 553 -5.59 8.22 -21.74
C GLN A 553 -6.43 7.23 -20.94
N GLU A 554 -5.77 6.35 -20.18
CA GLU A 554 -6.51 5.47 -19.28
C GLU A 554 -7.17 6.25 -18.16
N MET A 555 -6.58 7.37 -17.73
CA MET A 555 -7.12 8.19 -16.66
C MET A 555 -8.32 9.01 -17.07
N HIS A 556 -8.58 9.13 -18.38
CA HIS A 556 -9.63 9.97 -18.97
C HIS A 556 -9.47 11.44 -18.61
N VAL A 557 -8.25 11.88 -18.31
CA VAL A 557 -8.02 13.26 -17.89
C VAL A 557 -8.11 14.18 -19.10
N THR A 558 -8.61 15.39 -18.87
CA THR A 558 -8.68 16.39 -19.90
C THR A 558 -7.39 17.19 -20.01
N HIS A 559 -6.71 17.40 -18.87
CA HIS A 559 -5.51 18.21 -18.81
C HIS A 559 -4.40 17.45 -18.09
N PHE A 560 -3.18 17.63 -18.58
CA PHE A 560 -2.01 17.06 -17.95
C PHE A 560 -1.05 18.20 -17.65
N ARG A 561 -0.61 18.30 -16.41
CA ARG A 561 0.26 19.36 -15.96
C ARG A 561 1.66 18.80 -15.75
N PHE A 562 2.66 19.50 -16.27
CA PHE A 562 4.04 19.12 -16.00
C PHE A 562 4.92 20.36 -16.03
N SER A 563 6.10 20.24 -15.45
CA SER A 563 7.05 21.34 -15.37
C SER A 563 8.22 21.09 -16.30
N LEU A 564 8.84 22.18 -16.74
CA LEU A 564 10.10 22.09 -17.46
C LEU A 564 11.25 22.19 -16.48
N ASP A 565 12.37 21.61 -16.88
CA ASP A 565 13.61 21.71 -16.11
C ASP A 565 14.44 22.81 -16.74
N TRP A 566 14.48 23.96 -16.07
CA TRP A 566 15.26 25.11 -16.52
C TRP A 566 16.74 24.79 -16.61
N ALA A 567 17.23 23.96 -15.69
CA ALA A 567 18.63 23.54 -15.72
C ALA A 567 18.94 22.56 -16.83
N LEU A 568 17.95 22.06 -17.56
CA LEU A 568 18.19 21.21 -18.72
C LEU A 568 18.01 21.95 -20.04
N ILE A 569 17.08 22.89 -20.12
CA ILE A 569 16.95 23.72 -21.32
C ILE A 569 18.19 24.59 -21.48
N LEU A 570 18.51 25.37 -20.45
CA LEU A 570 19.70 26.23 -20.41
C LEU A 570 20.58 25.76 -19.27
N PRO A 571 21.49 24.81 -19.51
CA PRO A 571 22.35 24.33 -18.43
C PRO A 571 23.41 25.32 -17.98
N LEU A 572 23.59 26.42 -18.69
CA LEU A 572 24.52 27.48 -18.29
C LEU A 572 23.81 28.78 -17.93
N GLY A 573 22.54 28.73 -17.59
CA GLY A 573 21.81 29.95 -17.25
C GLY A 573 21.33 30.81 -18.39
N ASN A 574 22.18 31.08 -19.37
CA ASN A 574 21.88 31.97 -20.48
C ASN A 574 21.58 31.17 -21.74
N GLN A 575 21.30 31.89 -22.83
CA GLN A 575 20.86 31.32 -24.09
C GLN A 575 21.99 30.78 -24.95
N SER A 576 23.22 30.67 -24.41
CA SER A 576 24.35 30.30 -25.22
C SER A 576 24.36 28.81 -25.57
N GLN A 577 23.81 27.97 -24.70
CA GLN A 577 23.90 26.52 -24.86
C GLN A 577 22.51 25.91 -24.69
N VAL A 578 21.55 26.37 -25.51
CA VAL A 578 20.22 25.80 -25.50
C VAL A 578 20.27 24.34 -25.93
N ASN A 579 19.90 23.44 -25.03
CA ASN A 579 19.83 22.03 -25.32
C ASN A 579 18.53 21.76 -26.06
N HIS A 580 18.60 21.71 -27.39
CA HIS A 580 17.41 21.53 -28.21
C HIS A 580 16.86 20.11 -28.16
N THR A 581 17.61 19.15 -27.61
CA THR A 581 17.09 17.80 -27.48
C THR A 581 16.06 17.70 -26.37
N ILE A 582 16.35 18.29 -25.21
CA ILE A 582 15.40 18.34 -24.10
C ILE A 582 14.19 19.18 -24.49
N LEU A 583 14.43 20.28 -25.20
CA LEU A 583 13.36 21.16 -25.65
C LEU A 583 12.50 20.49 -26.71
N GLN A 584 13.09 19.66 -27.56
CA GLN A 584 12.31 18.89 -28.53
C GLN A 584 11.52 17.78 -27.86
N TYR A 585 12.09 17.17 -26.80
CA TYR A 585 11.35 16.21 -26.00
C TYR A 585 10.12 16.85 -25.36
N TYR A 586 10.29 18.06 -24.81
CA TYR A 586 9.18 18.76 -24.17
C TYR A 586 8.13 19.17 -25.19
N ARG A 587 8.56 19.67 -26.35
CA ARG A 587 7.64 20.05 -27.41
C ARG A 587 6.87 18.87 -27.94
N CYS A 588 7.50 17.71 -28.01
CA CYS A 588 6.81 16.55 -28.53
C CYS A 588 5.98 15.84 -27.47
N MET A 589 6.34 15.96 -26.19
CA MET A 589 5.40 15.59 -25.13
C MET A 589 4.14 16.43 -25.21
N ALA A 590 4.30 17.74 -25.37
CA ALA A 590 3.15 18.64 -25.48
C ALA A 590 2.30 18.34 -26.72
N SER A 591 2.95 18.15 -27.88
CA SER A 591 2.19 17.93 -29.10
C SER A 591 1.56 16.56 -29.17
N GLU A 592 2.18 15.55 -28.55
CA GLU A 592 1.55 14.24 -28.49
C GLU A 592 0.49 14.17 -27.40
N LEU A 593 0.47 15.15 -26.49
CA LEU A 593 -0.69 15.28 -25.61
C LEU A 593 -1.86 15.96 -26.32
N VAL A 594 -1.58 16.99 -27.14
CA VAL A 594 -2.66 17.62 -27.91
C VAL A 594 -3.22 16.65 -28.95
N ARG A 595 -2.40 15.72 -29.44
CA ARG A 595 -2.81 14.75 -30.44
C ARG A 595 -3.89 13.80 -29.91
N VAL A 596 -3.88 13.52 -28.62
CA VAL A 596 -4.83 12.62 -28.00
C VAL A 596 -5.87 13.39 -27.18
N ASN A 597 -6.00 14.69 -27.45
CA ASN A 597 -6.96 15.60 -26.81
C ASN A 597 -6.78 15.68 -25.29
N ILE A 598 -5.52 15.83 -24.87
CA ILE A 598 -5.17 16.10 -23.48
C ILE A 598 -4.40 17.41 -23.47
N THR A 599 -4.97 18.44 -22.87
CA THR A 599 -4.36 19.77 -22.92
C THR A 599 -3.18 19.83 -21.96
N PRO A 600 -1.98 20.19 -22.43
CA PRO A 600 -0.84 20.32 -21.52
C PRO A 600 -0.84 21.66 -20.82
N VAL A 601 -0.68 21.62 -19.50
CA VAL A 601 -0.40 22.78 -18.68
C VAL A 601 1.05 22.66 -18.26
N VAL A 602 1.82 23.74 -18.42
CA VAL A 602 3.27 23.65 -18.30
C VAL A 602 3.76 24.72 -17.34
N ALA A 603 4.48 24.29 -16.32
CA ALA A 603 5.14 25.19 -15.40
C ALA A 603 6.53 25.54 -15.88
N LEU A 604 6.86 26.82 -15.84
CA LEU A 604 8.20 27.25 -16.25
C LEU A 604 9.24 26.89 -15.19
N TRP A 605 8.94 27.20 -13.93
CA TRP A 605 9.88 27.01 -12.83
C TRP A 605 9.16 26.31 -11.69
N GLN A 606 9.90 25.49 -10.95
CA GLN A 606 9.39 24.95 -9.70
C GLN A 606 10.54 24.81 -8.70
N PRO A 607 10.28 25.05 -7.41
CA PRO A 607 11.36 24.90 -6.42
C PRO A 607 11.64 23.46 -6.06
N MET A 608 10.75 22.55 -6.45
CA MET A 608 10.87 21.12 -6.17
C MET A 608 12.01 20.56 -7.02
N ALA A 609 13.23 20.83 -6.59
CA ALA A 609 14.41 20.61 -7.41
C ALA A 609 15.64 20.65 -6.51
N PRO A 610 16.84 20.17 -7.01
CA PRO A 610 18.08 20.28 -6.23
C PRO A 610 18.48 21.68 -5.75
N ASN A 611 18.69 22.65 -6.64
CA ASN A 611 19.03 24.00 -6.19
C ASN A 611 18.03 25.01 -6.76
N GLN A 612 16.87 25.08 -6.10
CA GLN A 612 15.79 26.05 -6.31
C GLN A 612 15.25 26.07 -7.74
N GLY A 613 15.43 25.01 -8.51
CA GLY A 613 14.89 25.00 -9.86
C GLY A 613 15.65 25.83 -10.86
N LEU A 614 16.90 26.12 -10.60
CA LEU A 614 17.69 27.03 -11.40
C LEU A 614 18.84 26.31 -12.07
N PRO A 615 19.43 26.89 -13.11
CA PRO A 615 20.74 26.43 -13.56
C PRO A 615 21.78 26.67 -12.49
N ARG A 616 22.84 25.86 -12.51
CA ARG A 616 23.84 25.91 -11.46
C ARG A 616 24.66 27.20 -11.49
N LEU A 617 24.75 27.86 -12.64
CA LEU A 617 25.39 29.18 -12.67
C LEU A 617 24.49 30.23 -12.05
N LEU A 618 23.18 30.15 -12.30
CA LEU A 618 22.24 31.07 -11.67
C LEU A 618 22.01 30.74 -10.21
N ALA A 619 22.11 29.47 -9.82
CA ALA A 619 21.90 29.11 -8.43
C ALA A 619 23.09 29.49 -7.56
N ARG A 620 24.25 29.75 -8.14
CA ARG A 620 25.46 30.04 -7.40
C ARG A 620 25.75 31.53 -7.33
N GLN A 621 24.75 32.38 -7.51
CA GLN A 621 24.95 33.83 -7.56
C GLN A 621 23.87 34.56 -6.77
N GLY A 622 23.46 34.00 -5.63
CA GLY A 622 22.42 34.60 -4.81
C GLY A 622 21.08 33.93 -5.04
N ALA A 623 20.84 33.63 -6.31
CA ALA A 623 19.90 32.66 -6.89
C ALA A 623 18.43 33.02 -6.89
N TRP A 624 17.95 33.90 -6.03
CA TRP A 624 16.71 34.60 -6.29
C TRP A 624 16.83 36.00 -5.72
N GLU A 625 17.83 36.22 -4.89
CA GLU A 625 18.16 37.56 -4.45
C GLU A 625 18.75 38.38 -5.58
N ASN A 626 19.34 37.71 -6.56
CA ASN A 626 19.87 38.35 -7.75
C ASN A 626 18.71 38.76 -8.67
N PRO A 627 18.61 40.03 -9.05
CA PRO A 627 17.60 40.42 -10.06
C PRO A 627 17.94 39.92 -11.46
N TYR A 628 19.19 39.54 -11.70
CA TYR A 628 19.52 38.88 -12.96
C TYR A 628 18.87 37.53 -13.09
N THR A 629 18.52 36.88 -11.98
CA THR A 629 17.69 35.68 -12.06
C THR A 629 16.30 35.99 -12.60
N ALA A 630 15.76 37.17 -12.26
CA ALA A 630 14.47 37.57 -12.82
C ALA A 630 14.59 37.87 -14.31
N LEU A 631 15.65 38.56 -14.72
CA LEU A 631 15.83 38.84 -16.14
C LEU A 631 16.10 37.57 -16.94
N ALA A 632 16.86 36.64 -16.36
CA ALA A 632 17.14 35.37 -17.02
C ALA A 632 15.91 34.48 -17.07
N PHE A 633 15.02 34.60 -16.08
CA PHE A 633 13.75 33.88 -16.15
C PHE A 633 12.86 34.46 -17.24
N ALA A 634 12.88 35.77 -17.43
CA ALA A 634 12.11 36.37 -18.52
C ALA A 634 12.63 35.91 -19.88
N GLU A 635 13.95 35.80 -20.04
CA GLU A 635 14.51 35.35 -21.31
C GLU A 635 14.29 33.85 -21.52
N TYR A 636 14.38 33.06 -20.45
CA TYR A 636 14.09 31.62 -20.53
C TYR A 636 12.64 31.36 -20.84
N ALA A 637 11.74 32.18 -20.28
CA ALA A 637 10.33 32.05 -20.59
C ALA A 637 10.04 32.48 -22.02
N ARG A 638 10.75 33.49 -22.53
CA ARG A 638 10.61 33.86 -23.94
C ARG A 638 11.04 32.72 -24.86
N LEU A 639 12.13 32.04 -24.50
CA LEU A 639 12.55 30.87 -25.28
C LEU A 639 11.52 29.75 -25.22
N CYS A 640 10.93 29.52 -24.04
CA CYS A 640 9.93 28.47 -23.92
C CYS A 640 8.63 28.80 -24.65
N PHE A 641 8.24 30.08 -24.69
CA PHE A 641 7.05 30.43 -25.45
C PHE A 641 7.33 30.40 -26.94
N GLN A 642 8.58 30.65 -27.35
CA GLN A 642 8.93 30.50 -28.75
C GLN A 642 8.86 29.05 -29.17
N GLU A 643 9.49 28.16 -28.39
CA GLU A 643 9.63 26.78 -28.82
C GLU A 643 8.35 25.97 -28.56
N LEU A 644 7.95 25.85 -27.30
CA LEU A 644 6.84 24.97 -26.98
C LEU A 644 5.49 25.64 -27.10
N GLY A 645 5.46 26.96 -27.32
CA GLY A 645 4.24 27.73 -27.19
C GLY A 645 3.21 27.50 -28.26
N HIS A 646 3.58 26.84 -29.36
CA HIS A 646 2.60 26.50 -30.39
C HIS A 646 1.65 25.42 -29.92
N HIS A 647 2.05 24.61 -28.94
CA HIS A 647 1.25 23.51 -28.44
C HIS A 647 0.69 23.76 -27.05
N VAL A 648 1.48 24.36 -26.17
CA VAL A 648 1.00 24.70 -24.84
C VAL A 648 0.24 26.01 -24.91
N LYS A 649 -1.02 26.00 -24.48
CA LYS A 649 -1.86 27.18 -24.46
C LYS A 649 -2.31 27.51 -23.05
N LEU A 650 -1.62 26.99 -22.04
CA LEU A 650 -2.01 27.23 -20.65
C LEU A 650 -0.74 27.07 -19.83
N TRP A 651 -0.19 28.20 -19.38
CA TRP A 651 1.13 28.26 -18.78
C TRP A 651 1.04 28.55 -17.29
N ILE A 652 1.90 27.91 -16.52
CA ILE A 652 2.12 28.25 -15.13
C ILE A 652 3.50 28.89 -15.05
N THR A 653 3.58 30.06 -14.42
CA THR A 653 4.87 30.73 -14.37
C THR A 653 5.74 30.15 -13.27
N MET A 654 5.30 30.25 -12.02
CA MET A 654 5.98 29.61 -10.90
C MET A 654 5.07 28.54 -10.35
N ASN A 655 5.62 27.36 -10.09
CA ASN A 655 4.84 26.22 -9.66
C ASN A 655 5.00 26.07 -8.16
N GLU A 656 4.08 26.70 -7.41
CA GLU A 656 3.92 26.64 -5.96
C GLU A 656 5.20 26.99 -5.23
N PRO A 657 5.65 28.24 -5.21
CA PRO A 657 6.86 28.56 -4.47
C PRO A 657 6.66 28.39 -2.97
N TYR A 658 7.72 27.97 -2.29
CA TYR A 658 7.66 27.77 -0.86
C TYR A 658 7.66 29.12 -0.16
N THR A 659 6.47 29.65 0.17
CA THR A 659 6.42 30.94 0.84
C THR A 659 6.88 30.87 2.28
N ARG A 660 6.94 29.68 2.87
CA ARG A 660 7.44 29.51 4.22
C ARG A 660 8.95 29.30 4.26
N ASN A 661 9.61 29.19 3.11
CA ASN A 661 11.04 28.93 3.07
C ASN A 661 11.72 29.79 2.00
N MET A 662 11.34 31.06 1.91
CA MET A 662 12.08 31.96 1.05
C MET A 662 12.10 33.36 1.65
N THR A 663 13.18 34.08 1.37
CA THR A 663 13.44 35.40 1.88
C THR A 663 12.49 36.39 1.22
N TYR A 664 12.30 37.56 1.85
CA TYR A 664 11.44 38.59 1.29
C TYR A 664 12.01 39.16 0.00
N SER A 665 13.34 39.20 -0.14
CA SER A 665 13.96 39.64 -1.38
C SER A 665 13.86 38.57 -2.46
N ALA A 666 13.97 37.30 -2.07
CA ALA A 666 13.77 36.20 -3.02
C ALA A 666 12.35 36.19 -3.54
N GLY A 667 11.37 36.42 -2.67
CA GLY A 667 10.00 36.52 -3.12
C GLY A 667 9.71 37.77 -3.92
N HIS A 668 10.41 38.87 -3.61
CA HIS A 668 10.28 40.11 -4.38
C HIS A 668 10.75 39.92 -5.81
N ASN A 669 11.94 39.35 -5.98
CA ASN A 669 12.42 39.12 -7.34
C ASN A 669 11.74 37.94 -8.02
N LEU A 670 11.14 37.02 -7.26
CA LEU A 670 10.31 36.00 -7.89
C LEU A 670 9.01 36.57 -8.42
N LEU A 671 8.43 37.56 -7.72
CA LEU A 671 7.28 38.28 -8.25
C LEU A 671 7.66 39.09 -9.48
N LYS A 672 8.85 39.68 -9.47
CA LYS A 672 9.30 40.43 -10.64
C LYS A 672 9.56 39.51 -11.82
N ALA A 673 10.08 38.31 -11.57
CA ALA A 673 10.29 37.33 -12.63
C ALA A 673 8.97 36.85 -13.21
N HIS A 674 7.97 36.64 -12.35
CA HIS A 674 6.64 36.28 -12.82
C HIS A 674 6.04 37.37 -13.68
N ALA A 675 6.16 38.63 -13.24
CA ALA A 675 5.59 39.73 -14.01
C ALA A 675 6.31 39.93 -15.33
N LEU A 676 7.62 39.72 -15.37
CA LEU A 676 8.37 39.87 -16.60
C LEU A 676 8.00 38.76 -17.59
N ALA A 677 7.86 37.52 -17.13
CA ALA A 677 7.45 36.45 -18.02
C ALA A 677 6.01 36.61 -18.49
N TRP A 678 5.13 37.09 -17.61
CA TRP A 678 3.75 37.35 -18.00
C TRP A 678 3.66 38.47 -19.02
N HIS A 679 4.50 39.49 -18.88
CA HIS A 679 4.44 40.58 -19.86
C HIS A 679 5.09 40.18 -21.17
N VAL A 680 6.10 39.29 -21.13
CA VAL A 680 6.64 38.71 -22.36
C VAL A 680 5.57 37.93 -23.10
N TYR A 681 4.78 37.12 -22.38
CA TYR A 681 3.71 36.38 -23.04
C TYR A 681 2.60 37.31 -23.51
N ASN A 682 2.23 38.31 -22.73
CA ASN A 682 1.11 39.17 -23.07
C ASN A 682 1.44 40.08 -24.25
N GLU A 683 2.68 40.52 -24.37
CA GLU A 683 3.05 41.41 -25.45
C GLU A 683 3.49 40.65 -26.70
N LYS A 684 4.35 39.65 -26.52
CA LYS A 684 5.01 39.02 -27.67
C LYS A 684 4.33 37.76 -28.14
N PHE A 685 3.58 37.07 -27.28
CA PHE A 685 3.15 35.72 -27.60
C PHE A 685 1.67 35.44 -27.43
N ARG A 686 0.88 36.35 -26.83
CA ARG A 686 -0.52 36.05 -26.61
C ARG A 686 -1.32 36.13 -27.91
N HIS A 687 -1.07 37.16 -28.73
CA HIS A 687 -1.84 37.31 -29.96
C HIS A 687 -1.48 36.25 -30.98
N ALA A 688 -0.24 35.75 -30.96
CA ALA A 688 0.14 34.70 -31.88
C ALA A 688 -0.47 33.37 -31.49
N GLN A 689 -0.49 33.07 -30.19
CA GLN A 689 -0.77 31.71 -29.73
C GLN A 689 -2.11 31.54 -29.04
N ASN A 690 -2.68 32.62 -28.46
CA ASN A 690 -3.98 32.63 -27.80
C ASN A 690 -4.05 31.64 -26.64
N GLY A 691 -3.13 31.83 -25.69
CA GLY A 691 -3.09 31.04 -24.49
C GLY A 691 -3.13 31.92 -23.26
N LYS A 692 -3.07 31.26 -22.11
CA LYS A 692 -3.19 31.93 -20.82
C LYS A 692 -1.98 31.59 -19.98
N ILE A 693 -1.64 32.48 -19.06
CA ILE A 693 -0.48 32.31 -18.20
C ILE A 693 -0.75 32.97 -16.85
N SER A 694 -0.46 32.26 -15.77
CA SER A 694 -0.55 32.82 -14.44
C SER A 694 0.43 32.09 -13.55
N ILE A 695 0.35 32.37 -12.26
CA ILE A 695 1.21 31.74 -11.26
C ILE A 695 0.37 30.74 -10.49
N ALA A 696 0.99 29.66 -10.06
CA ALA A 696 0.37 28.71 -9.16
C ALA A 696 0.90 28.97 -7.76
N LEU A 697 0.00 29.23 -6.83
CA LEU A 697 0.36 29.48 -5.45
C LEU A 697 -0.22 28.37 -4.60
N GLN A 698 0.47 28.02 -3.53
CA GLN A 698 0.01 26.98 -2.64
C GLN A 698 -0.92 27.58 -1.60
N ALA A 699 -2.17 27.13 -1.58
CA ALA A 699 -3.19 27.70 -0.71
C ALA A 699 -3.74 26.59 0.17
N ASP A 700 -3.02 26.27 1.23
CA ASP A 700 -3.55 25.41 2.28
C ASP A 700 -4.35 26.27 3.23
N TRP A 701 -5.46 25.74 3.72
CA TRP A 701 -6.36 26.56 4.51
C TRP A 701 -5.87 26.67 5.94
N ILE A 702 -6.16 27.82 6.54
CA ILE A 702 -5.72 28.17 7.88
C ILE A 702 -6.97 28.50 8.68
N GLU A 703 -7.33 27.64 9.60
CA GLU A 703 -8.56 27.75 10.36
C GLU A 703 -8.25 28.05 11.81
N PRO A 704 -9.02 28.92 12.47
CA PRO A 704 -8.83 29.13 13.92
C PRO A 704 -9.12 27.87 14.71
N ALA A 705 -8.33 27.66 15.77
CA ALA A 705 -8.47 26.44 16.55
C ALA A 705 -9.74 26.49 17.39
N CYS A 706 -10.04 27.63 17.98
CA CYS A 706 -11.29 27.82 18.70
C CYS A 706 -12.24 28.58 17.80
N PRO A 707 -13.38 28.00 17.42
CA PRO A 707 -14.24 28.61 16.40
C PRO A 707 -14.98 29.86 16.84
N PHE A 708 -14.86 30.29 18.09
CA PHE A 708 -15.53 31.49 18.56
C PHE A 708 -14.55 32.44 19.25
N SER A 709 -13.25 32.24 19.02
CA SER A 709 -12.23 33.16 19.52
C SER A 709 -11.90 34.16 18.43
N GLN A 710 -11.94 35.45 18.79
CA GLN A 710 -11.63 36.49 17.82
C GLN A 710 -10.13 36.62 17.60
N LYS A 711 -9.33 36.37 18.65
CA LYS A 711 -7.88 36.40 18.52
C LYS A 711 -7.37 35.31 17.60
N ASP A 712 -8.01 34.14 17.63
CA ASP A 712 -7.64 33.06 16.73
C ASP A 712 -8.04 33.38 15.29
N LYS A 713 -9.11 34.16 15.12
CA LYS A 713 -9.46 34.62 13.77
C LYS A 713 -8.45 35.62 13.25
N GLU A 714 -7.99 36.53 14.11
CA GLU A 714 -6.94 37.47 13.71
C GLU A 714 -5.64 36.75 13.36
N VAL A 715 -5.29 35.73 14.14
CA VAL A 715 -4.10 34.95 13.87
C VAL A 715 -4.26 34.14 12.58
N ALA A 716 -5.46 33.64 12.31
CA ALA A 716 -5.72 32.89 11.08
C ALA A 716 -5.61 33.78 9.85
N GLU A 717 -6.14 35.00 9.93
CA GLU A 717 -5.96 35.94 8.83
C GLU A 717 -4.50 36.35 8.66
N ARG A 718 -3.74 36.43 9.75
CA ARG A 718 -2.33 36.77 9.63
C ARG A 718 -1.53 35.66 8.95
N VAL A 719 -1.80 34.41 9.31
CA VAL A 719 -1.10 33.30 8.67
C VAL A 719 -1.57 33.13 7.22
N LEU A 720 -2.81 33.50 6.92
CA LEU A 720 -3.26 33.45 5.53
C LEU A 720 -2.61 34.53 4.68
N GLU A 721 -2.41 35.72 5.24
CA GLU A 721 -1.75 36.77 4.46
C GLU A 721 -0.25 36.60 4.39
N PHE A 722 0.35 35.89 5.34
CA PHE A 722 1.78 35.58 5.23
C PHE A 722 2.03 34.36 4.36
N ASP A 723 1.05 33.47 4.21
CA ASP A 723 1.22 32.25 3.44
C ASP A 723 0.80 32.46 1.98
N ILE A 724 -0.47 32.80 1.77
CA ILE A 724 -1.02 32.93 0.43
C ILE A 724 -0.87 34.36 -0.06
N GLY A 725 -1.35 35.31 0.73
CA GLY A 725 -1.48 36.69 0.32
C GLY A 725 -0.19 37.42 0.08
N TRP A 726 0.94 36.88 0.53
CA TRP A 726 2.24 37.51 0.31
C TRP A 726 2.56 37.64 -1.16
N LEU A 727 2.37 36.58 -1.93
CA LEU A 727 2.62 36.62 -3.35
C LEU A 727 1.34 36.80 -4.16
N ALA A 728 0.18 36.65 -3.56
CA ALA A 728 -1.08 36.83 -4.28
C ALA A 728 -1.55 38.27 -4.28
N GLU A 729 -1.21 39.05 -3.26
CA GLU A 729 -1.68 40.43 -3.21
C GLU A 729 -0.98 41.36 -4.20
N PRO A 730 0.32 41.23 -4.52
CA PRO A 730 0.84 42.01 -5.66
C PRO A 730 0.21 41.64 -7.00
N ILE A 731 -0.04 40.36 -7.24
CA ILE A 731 -0.52 39.93 -8.55
C ILE A 731 -2.03 40.09 -8.66
N PHE A 732 -2.78 39.52 -7.73
CA PHE A 732 -4.23 39.47 -7.82
C PHE A 732 -4.93 40.61 -7.10
N GLY A 733 -4.25 41.26 -6.17
CA GLY A 733 -4.88 42.29 -5.37
C GLY A 733 -4.52 43.70 -5.81
N SER A 734 -3.99 44.49 -4.88
CA SER A 734 -3.79 45.92 -5.09
C SER A 734 -2.41 46.25 -5.62
N GLY A 735 -1.54 45.27 -5.80
CA GLY A 735 -0.22 45.52 -6.33
C GLY A 735 0.87 45.70 -5.31
N ASP A 736 0.53 45.79 -4.03
CA ASP A 736 1.49 45.85 -2.96
C ASP A 736 1.40 44.57 -2.14
N TYR A 737 2.34 44.41 -1.22
CA TYR A 737 2.23 43.36 -0.23
C TYR A 737 1.05 43.64 0.69
N PRO A 738 0.42 42.61 1.25
CA PRO A 738 -0.81 42.83 2.02
C PRO A 738 -0.56 43.59 3.31
N TRP A 739 -1.56 44.37 3.71
CA TRP A 739 -1.38 45.32 4.80
C TRP A 739 -1.25 44.61 6.15
N VAL A 740 -1.84 43.42 6.27
CA VAL A 740 -1.63 42.59 7.45
C VAL A 740 -0.16 42.23 7.60
N MET A 741 0.48 41.88 6.48
CA MET A 741 1.88 41.48 6.47
C MET A 741 2.80 42.65 6.79
N ARG A 742 2.60 43.77 6.10
CA ARG A 742 3.42 44.96 6.31
C ARG A 742 3.23 45.52 7.71
N ASP A 743 1.99 45.53 8.20
CA ASP A 743 1.71 46.08 9.52
C ASP A 743 2.23 45.17 10.62
N TRP A 744 2.22 43.85 10.40
CA TRP A 744 2.78 42.95 11.38
C TRP A 744 4.30 43.05 11.41
N LEU A 745 4.93 43.30 10.27
CA LEU A 745 6.37 43.43 10.25
C LEU A 745 6.85 44.81 10.68
N ASN A 746 6.00 45.83 10.61
CA ASN A 746 6.39 47.16 11.09
C ASN A 746 6.39 47.22 12.60
N GLN A 747 5.34 46.68 13.23
CA GLN A 747 5.18 46.73 14.67
C GLN A 747 6.17 45.84 15.42
N ARG A 748 6.87 44.95 14.73
CA ARG A 748 7.89 44.13 15.36
C ARG A 748 9.30 44.53 14.94
N ASN A 749 9.44 45.71 14.32
CA ASN A 749 10.70 46.27 13.82
C ASN A 749 11.41 45.30 12.88
N ASN A 750 10.68 44.91 11.83
CA ASN A 750 11.19 44.03 10.79
C ASN A 750 10.95 44.75 9.47
N PHE A 751 11.88 45.62 9.10
CA PHE A 751 11.78 46.35 7.84
C PHE A 751 12.55 45.64 6.73
N LEU A 752 12.28 44.35 6.58
CA LEU A 752 12.92 43.53 5.55
C LEU A 752 11.98 43.20 4.40
N LEU A 753 10.71 43.52 4.51
CA LEU A 753 9.78 43.37 3.40
C LEU A 753 9.98 44.54 2.46
N PRO A 754 10.42 44.31 1.22
CA PRO A 754 10.75 45.41 0.33
C PRO A 754 9.52 46.13 -0.18
N TYR A 755 9.71 47.38 -0.58
CA TYR A 755 8.64 48.20 -1.10
C TYR A 755 8.66 48.17 -2.61
N PHE A 756 7.48 48.18 -3.21
CA PHE A 756 7.37 48.26 -4.65
C PHE A 756 7.47 49.71 -5.08
N THR A 757 8.33 49.98 -6.06
CA THR A 757 8.27 51.26 -6.76
C THR A 757 7.00 51.30 -7.60
N GLU A 758 6.65 52.52 -8.06
CA GLU A 758 5.43 52.70 -8.84
C GLU A 758 5.49 51.93 -10.17
N ASP A 759 6.69 51.87 -10.76
CA ASP A 759 6.88 51.10 -11.99
C ASP A 759 6.76 49.60 -11.72
N GLU A 760 7.38 49.10 -10.64
CA GLU A 760 7.25 47.70 -10.28
C GLU A 760 5.82 47.36 -9.90
N LYS A 761 5.14 48.27 -9.20
CA LYS A 761 3.78 48.01 -8.76
C LYS A 761 2.82 47.95 -9.94
N LYS A 762 2.98 48.82 -10.93
CA LYS A 762 2.15 48.67 -12.11
C LYS A 762 2.64 47.56 -13.03
N LEU A 763 3.86 47.06 -12.84
CA LEU A 763 4.31 45.90 -13.59
C LEU A 763 3.65 44.62 -13.09
N ILE A 764 3.50 44.46 -11.77
CA ILE A 764 3.01 43.19 -11.23
C ILE A 764 1.49 43.15 -11.03
N GLN A 765 0.81 44.30 -11.02
CA GLN A 765 -0.56 44.41 -10.49
C GLN A 765 -1.61 43.59 -11.23
N GLY A 766 -1.38 43.17 -12.46
CA GLY A 766 -2.43 42.48 -13.17
C GLY A 766 -1.99 41.22 -13.87
N THR A 767 -0.82 40.70 -13.46
CA THR A 767 -0.14 39.64 -14.20
C THR A 767 -0.73 38.27 -13.89
N PHE A 768 -1.98 38.08 -14.32
CA PHE A 768 -2.64 36.80 -14.19
C PHE A 768 -3.71 36.68 -15.25
N ASP A 769 -3.96 35.46 -15.70
CA ASP A 769 -5.12 35.13 -16.50
C ASP A 769 -6.11 34.26 -15.76
N PHE A 770 -5.70 33.68 -14.64
CA PHE A 770 -6.53 32.84 -13.80
C PHE A 770 -5.86 32.79 -12.43
N LEU A 771 -6.51 32.12 -11.50
CA LEU A 771 -5.89 31.82 -10.21
C LEU A 771 -5.63 30.32 -10.18
N ALA A 772 -4.39 29.94 -10.01
CA ALA A 772 -4.04 28.53 -9.86
C ALA A 772 -3.64 28.31 -8.41
N LEU A 773 -4.40 27.50 -7.70
CA LEU A 773 -4.13 27.25 -6.30
C LEU A 773 -3.84 25.78 -6.06
N SER A 774 -2.99 25.53 -5.09
CA SER A 774 -2.58 24.20 -4.71
C SER A 774 -2.96 23.99 -3.26
N HIS A 775 -3.91 23.10 -3.02
CA HIS A 775 -4.47 22.93 -1.70
C HIS A 775 -4.36 21.46 -1.30
N TYR A 776 -3.81 21.21 -0.12
CA TYR A 776 -3.71 19.84 0.38
C TYR A 776 -4.44 19.62 1.71
N THR A 777 -4.15 20.43 2.73
CA THR A 777 -4.66 20.23 4.08
C THR A 777 -5.22 21.55 4.63
N THR A 778 -5.67 21.52 5.89
CA THR A 778 -5.87 22.72 6.67
C THR A 778 -5.06 22.61 7.96
N ILE A 779 -4.65 23.76 8.46
CA ILE A 779 -3.89 23.88 9.71
C ILE A 779 -4.75 24.68 10.67
N LEU A 780 -4.89 24.19 11.90
CA LEU A 780 -5.53 25.00 12.92
C LEU A 780 -4.49 25.91 13.55
N VAL A 781 -4.88 27.11 13.89
CA VAL A 781 -3.96 28.08 14.46
C VAL A 781 -4.56 28.61 15.75
N ASP A 782 -3.69 28.90 16.70
CA ASP A 782 -4.12 29.37 18.00
C ASP A 782 -3.26 30.55 18.41
N SER A 783 -3.87 31.54 19.06
CA SER A 783 -3.12 32.69 19.51
C SER A 783 -2.34 32.42 20.78
N GLU A 784 -2.82 31.50 21.62
CA GLU A 784 -2.19 31.24 22.91
C GLU A 784 -0.88 30.48 22.73
N LYS A 785 0.12 30.87 23.50
CA LYS A 785 1.39 30.14 23.56
C LYS A 785 1.20 28.96 24.50
N GLU A 786 0.92 27.78 23.92
CA GLU A 786 0.74 26.59 24.73
C GLU A 786 2.09 26.08 25.23
N ASP A 787 2.99 25.72 24.33
CA ASP A 787 4.38 25.55 24.73
C ASP A 787 5.27 26.29 23.76
N PRO A 788 6.33 26.94 24.25
CA PRO A 788 7.13 27.82 23.39
C PRO A 788 8.05 27.08 22.43
N ILE A 789 8.24 25.77 22.57
CA ILE A 789 9.11 25.06 21.63
C ILE A 789 8.41 24.87 20.29
N LYS A 790 7.14 24.46 20.31
CA LYS A 790 6.38 24.32 19.08
C LYS A 790 5.79 25.63 18.60
N TYR A 791 5.80 26.66 19.44
CA TYR A 791 5.20 27.94 19.10
C TYR A 791 6.03 28.66 18.05
N ASN A 792 5.36 29.33 17.12
CA ASN A 792 6.04 30.11 16.09
C ASN A 792 6.14 31.53 16.60
N ASP A 793 7.33 31.92 17.07
CA ASP A 793 7.53 33.26 17.62
C ASP A 793 7.50 34.34 16.56
N TYR A 794 7.66 33.99 15.29
CA TYR A 794 7.68 34.98 14.23
C TYR A 794 6.27 35.49 13.94
N LEU A 795 5.34 34.59 13.63
CA LEU A 795 3.97 34.98 13.33
C LEU A 795 3.07 34.98 14.56
N GLU A 796 3.61 34.63 15.73
CA GLU A 796 2.89 34.55 17.01
C GLU A 796 1.68 33.63 16.91
N VAL A 797 1.96 32.37 16.63
CA VAL A 797 0.92 31.39 16.32
C VAL A 797 1.37 30.03 16.84
N GLN A 798 0.46 29.33 17.50
CA GLN A 798 0.60 27.90 17.74
C GLN A 798 -0.13 27.17 16.62
N GLU A 799 0.63 26.58 15.69
CA GLU A 799 0.04 25.71 14.69
C GLU A 799 -0.30 24.37 15.33
N MET A 800 -1.44 23.82 14.96
CA MET A 800 -1.92 22.60 15.57
C MET A 800 -2.90 21.94 14.61
N THR A 801 -3.44 20.80 15.05
CA THR A 801 -4.35 20.02 14.24
C THR A 801 -5.45 19.44 15.12
N ASP A 802 -6.59 19.22 14.51
CA ASP A 802 -7.65 18.42 15.09
C ASP A 802 -7.26 16.96 14.91
N ILE A 803 -7.20 16.21 16.01
CA ILE A 803 -6.75 14.83 15.95
C ILE A 803 -7.89 13.86 15.72
N THR A 804 -9.12 14.36 15.57
CA THR A 804 -10.21 13.55 15.08
C THR A 804 -10.28 13.52 13.56
N TRP A 805 -9.55 14.41 12.89
CA TRP A 805 -9.40 14.36 11.45
C TRP A 805 -8.63 13.11 11.06
N LEU A 806 -9.01 12.53 9.93
CA LEU A 806 -8.23 11.46 9.35
C LEU A 806 -6.89 11.98 8.86
N ASN A 807 -5.87 11.14 8.94
CA ASN A 807 -4.52 11.55 8.57
C ASN A 807 -3.95 10.58 7.55
N SER A 808 -2.93 11.04 6.85
CA SER A 808 -2.14 10.19 5.97
C SER A 808 -1.09 9.48 6.79
N PRO A 809 -0.38 8.50 6.19
CA PRO A 809 0.80 7.95 6.88
C PRO A 809 1.88 8.96 7.20
N SER A 810 2.02 10.05 6.43
CA SER A 810 2.93 11.12 6.77
C SER A 810 2.30 12.17 7.66
N GLN A 811 1.11 11.86 8.22
CA GLN A 811 0.36 12.71 9.14
C GLN A 811 0.04 14.08 8.53
N VAL A 812 -0.73 14.06 7.45
CA VAL A 812 -1.37 15.26 6.95
C VAL A 812 -2.87 15.02 6.97
N ALA A 813 -3.61 15.99 7.47
CA ALA A 813 -5.02 15.78 7.76
C ALA A 813 -5.87 15.97 6.53
N VAL A 814 -6.60 14.94 6.15
CA VAL A 814 -7.66 15.12 5.16
C VAL A 814 -8.86 15.76 5.83
N VAL A 815 -9.22 16.95 5.34
CA VAL A 815 -10.22 17.83 5.92
C VAL A 815 -10.78 18.64 4.76
N PRO A 816 -11.89 18.17 4.18
CA PRO A 816 -12.27 18.61 2.84
C PRO A 816 -12.91 19.98 2.75
N TRP A 817 -13.54 20.43 3.82
CA TRP A 817 -14.21 21.72 3.79
C TRP A 817 -13.25 22.89 3.75
N GLY A 818 -11.98 22.67 4.05
CA GLY A 818 -10.99 23.71 3.90
C GLY A 818 -10.67 24.08 2.47
N LEU A 819 -10.90 23.16 1.52
CA LEU A 819 -10.83 23.52 0.11
C LEU A 819 -11.89 24.53 -0.24
N ARG A 820 -13.13 24.28 0.18
CA ARG A 820 -14.24 25.20 -0.04
C ARG A 820 -13.98 26.53 0.68
N LYS A 821 -13.38 26.47 1.86
CA LYS A 821 -13.13 27.67 2.63
C LYS A 821 -12.01 28.51 2.02
N VAL A 822 -10.98 27.88 1.47
CA VAL A 822 -9.91 28.66 0.86
C VAL A 822 -10.34 29.19 -0.51
N LEU A 823 -11.26 28.51 -1.20
CA LEU A 823 -11.80 29.06 -2.44
C LEU A 823 -12.68 30.26 -2.15
N ASN A 824 -13.45 30.21 -1.07
CA ASN A 824 -14.24 31.37 -0.66
C ASN A 824 -13.36 32.50 -0.16
N TRP A 825 -12.22 32.19 0.48
CA TRP A 825 -11.31 33.24 0.92
C TRP A 825 -10.62 33.91 -0.27
N LEU A 826 -10.26 33.13 -1.29
CA LEU A 826 -9.64 33.74 -2.47
C LEU A 826 -10.66 34.54 -3.28
N LYS A 827 -11.94 34.15 -3.25
CA LYS A 827 -12.93 35.00 -3.90
C LYS A 827 -13.21 36.26 -3.10
N PHE A 828 -13.17 36.17 -1.77
CA PHE A 828 -13.40 37.34 -0.94
C PHE A 828 -12.24 38.32 -1.03
N LYS A 829 -11.01 37.82 -1.13
CA LYS A 829 -9.85 38.69 -1.12
C LYS A 829 -9.58 39.31 -2.48
N TYR A 830 -9.72 38.54 -3.55
CA TYR A 830 -9.23 38.95 -4.86
C TYR A 830 -10.31 39.04 -5.92
N GLY A 831 -11.54 38.66 -5.64
CA GLY A 831 -12.63 38.83 -6.58
C GLY A 831 -12.94 37.55 -7.33
N ASP A 832 -13.91 37.67 -8.23
CA ASP A 832 -14.43 36.51 -8.96
C ASP A 832 -13.55 36.22 -10.17
N LEU A 833 -12.38 35.70 -9.89
CA LEU A 833 -11.40 35.26 -10.88
C LEU A 833 -11.66 33.82 -11.25
N PRO A 834 -11.19 33.37 -12.42
CA PRO A 834 -11.19 31.93 -12.69
C PRO A 834 -10.17 31.23 -11.82
N MET A 835 -10.57 30.11 -11.24
CA MET A 835 -9.76 29.41 -10.25
C MET A 835 -9.55 27.97 -10.70
N TYR A 836 -8.30 27.57 -10.83
CA TYR A 836 -7.92 26.19 -11.10
C TYR A 836 -7.34 25.61 -9.82
N ILE A 837 -7.94 24.54 -9.32
CA ILE A 837 -7.28 23.80 -8.25
C ILE A 837 -6.16 23.02 -8.92
N ILE A 838 -4.94 23.55 -8.82
CA ILE A 838 -3.87 23.15 -9.71
C ILE A 838 -3.13 21.92 -9.20
N SER A 839 -3.37 21.50 -7.97
CA SER A 839 -2.81 20.31 -7.36
C SER A 839 -3.58 20.00 -6.10
N ASN A 840 -3.91 18.73 -5.90
CA ASN A 840 -4.68 18.29 -4.73
C ASN A 840 -4.51 16.78 -4.58
N GLY A 841 -3.90 16.35 -3.49
CA GLY A 841 -3.78 14.92 -3.26
C GLY A 841 -3.08 14.64 -1.94
N ILE A 842 -3.13 13.37 -1.56
CA ILE A 842 -2.39 12.86 -0.40
C ILE A 842 -1.47 11.72 -0.79
N ASP A 843 -0.80 11.18 0.21
CA ASP A 843 0.20 10.14 0.03
C ASP A 843 -0.30 8.81 0.59
N ASP A 844 0.56 7.79 0.46
CA ASP A 844 0.28 6.43 0.88
C ASP A 844 1.42 5.93 1.74
N GLY A 845 1.18 4.84 2.46
CA GLY A 845 2.24 4.21 3.21
C GLY A 845 2.38 2.71 3.09
N LEU A 846 1.32 2.00 2.70
CA LEU A 846 1.26 0.54 2.84
C LEU A 846 0.46 -0.03 1.67
N HIS A 847 -0.04 -1.26 1.86
CA HIS A 847 -0.56 -2.14 0.82
C HIS A 847 -1.73 -1.58 0.03
N ALA A 848 -2.90 -1.47 0.64
CA ALA A 848 -4.04 -0.92 -0.09
C ALA A 848 -4.97 -0.08 0.78
N GLU A 849 -4.66 0.14 2.05
CA GLU A 849 -5.59 0.84 2.92
C GLU A 849 -5.43 2.35 2.84
N ASP A 850 -4.31 2.83 2.32
CA ASP A 850 -4.11 4.26 2.14
C ASP A 850 -4.69 4.76 0.82
N ASP A 851 -4.99 3.87 -0.11
CA ASP A 851 -5.73 4.28 -1.28
C ASP A 851 -7.23 4.30 -1.03
N GLN A 852 -7.72 3.62 0.00
CA GLN A 852 -9.06 3.92 0.51
C GLN A 852 -9.10 5.35 1.05
N LEU A 853 -8.01 5.78 1.68
CA LEU A 853 -7.89 7.16 2.12
C LEU A 853 -7.79 8.12 0.95
N ARG A 854 -7.13 7.71 -0.14
CA ARG A 854 -7.08 8.59 -1.31
C ARG A 854 -8.41 8.67 -2.03
N VAL A 855 -9.16 7.56 -2.09
CA VAL A 855 -10.50 7.58 -2.67
C VAL A 855 -11.42 8.48 -1.85
N TYR A 856 -11.35 8.37 -0.51
CA TYR A 856 -12.13 9.21 0.38
C TYR A 856 -11.75 10.69 0.21
N TYR A 857 -10.45 10.97 0.18
CA TYR A 857 -9.93 12.31 -0.02
C TYR A 857 -10.43 12.93 -1.31
N MET A 858 -10.24 12.24 -2.43
CA MET A 858 -10.57 12.81 -3.73
C MET A 858 -12.07 12.98 -3.88
N GLN A 859 -12.85 11.99 -3.42
CA GLN A 859 -14.31 12.08 -3.43
C GLN A 859 -14.80 13.31 -2.66
N ASN A 860 -14.31 13.49 -1.43
CA ASN A 860 -14.84 14.58 -0.62
C ASN A 860 -14.25 15.94 -0.97
N TYR A 861 -13.00 16.01 -1.44
CA TYR A 861 -12.43 17.29 -1.84
C TYR A 861 -13.00 17.77 -3.17
N ILE A 862 -13.23 16.87 -4.13
CA ILE A 862 -13.91 17.26 -5.35
C ILE A 862 -15.36 17.61 -5.07
N ASN A 863 -15.99 16.96 -4.09
CA ASN A 863 -17.33 17.38 -3.69
C ASN A 863 -17.35 18.75 -3.03
N GLU A 864 -16.32 19.10 -2.25
CA GLU A 864 -16.29 20.43 -1.66
C GLU A 864 -15.92 21.50 -2.68
N ALA A 865 -15.15 21.15 -3.72
CA ALA A 865 -14.98 22.05 -4.85
C ALA A 865 -16.29 22.25 -5.60
N LEU A 866 -17.11 21.19 -5.70
CA LEU A 866 -18.43 21.31 -6.31
C LEU A 866 -19.34 22.17 -5.47
N LYS A 867 -19.23 22.07 -4.15
CA LYS A 867 -19.97 22.94 -3.25
C LYS A 867 -19.56 24.39 -3.42
N ALA A 868 -18.24 24.65 -3.53
CA ALA A 868 -17.77 26.02 -3.70
C ALA A 868 -18.16 26.58 -5.06
N HIS A 869 -18.29 25.73 -6.07
CA HIS A 869 -18.72 26.20 -7.38
C HIS A 869 -20.22 26.46 -7.41
N ILE A 870 -21.02 25.52 -6.92
CA ILE A 870 -22.47 25.62 -7.05
C ILE A 870 -23.06 26.50 -5.97
N LEU A 871 -22.82 26.14 -4.70
CA LEU A 871 -23.47 26.83 -3.59
C LEU A 871 -22.84 28.18 -3.32
N ASP A 872 -21.52 28.28 -3.43
CA ASP A 872 -20.82 29.53 -3.11
C ASP A 872 -20.57 30.39 -4.33
N GLY A 873 -20.68 29.83 -5.53
CA GLY A 873 -20.66 30.65 -6.73
C GLY A 873 -19.31 31.16 -7.18
N ILE A 874 -18.23 30.43 -6.89
CA ILE A 874 -16.94 30.82 -7.44
C ILE A 874 -16.85 30.33 -8.88
N ASN A 875 -15.89 30.89 -9.61
CA ASN A 875 -15.67 30.53 -11.01
C ASN A 875 -14.55 29.49 -11.05
N LEU A 876 -14.89 28.26 -10.71
CA LEU A 876 -13.93 27.17 -10.72
C LEU A 876 -13.88 26.57 -12.11
N CYS A 877 -12.66 26.47 -12.65
CA CYS A 877 -12.46 26.03 -14.03
C CYS A 877 -11.62 24.78 -14.14
N GLY A 878 -11.15 24.21 -13.04
CA GLY A 878 -10.36 23.00 -13.12
C GLY A 878 -10.00 22.36 -11.79
N TYR A 879 -9.83 21.04 -11.81
CA TYR A 879 -9.31 20.28 -10.69
C TYR A 879 -8.18 19.41 -11.23
N PHE A 880 -7.02 19.48 -10.59
CA PHE A 880 -5.87 18.68 -11.01
C PHE A 880 -5.47 17.79 -9.85
N ALA A 881 -5.57 16.48 -10.05
CA ALA A 881 -5.15 15.52 -9.05
C ALA A 881 -3.62 15.50 -8.95
N TYR A 882 -3.12 15.45 -7.73
CA TYR A 882 -1.68 15.49 -7.54
C TYR A 882 -1.07 14.13 -7.84
N SER A 883 0.07 14.16 -8.56
CA SER A 883 0.91 13.00 -8.86
C SER A 883 0.25 11.92 -9.68
N PHE A 884 0.33 12.10 -11.00
CA PHE A 884 0.15 11.06 -12.01
C PHE A 884 0.62 9.67 -11.60
N ASN A 885 1.87 9.48 -11.17
CA ASN A 885 2.31 8.12 -10.87
C ASN A 885 3.28 8.13 -9.68
N ASP A 886 3.69 6.92 -9.28
CA ASP A 886 4.59 6.69 -8.16
C ASP A 886 6.05 6.56 -8.56
N ARG A 887 6.35 6.53 -9.86
CA ARG A 887 7.74 6.48 -10.28
C ARG A 887 8.42 7.82 -10.04
N THR A 888 7.73 8.90 -10.36
CA THR A 888 8.29 10.24 -10.36
C THR A 888 8.11 10.94 -9.02
N ALA A 889 6.88 11.01 -8.54
CA ALA A 889 6.60 11.45 -7.18
C ALA A 889 6.16 10.24 -6.37
N PRO A 890 7.05 9.59 -5.63
CA PRO A 890 6.70 8.33 -4.97
C PRO A 890 5.74 8.54 -3.82
N ARG A 891 4.86 7.54 -3.65
CA ARG A 891 3.81 7.36 -2.65
C ARG A 891 2.66 8.37 -2.78
N PHE A 892 2.77 9.35 -3.67
CA PHE A 892 1.71 10.30 -3.95
C PHE A 892 0.90 9.93 -5.18
N GLY A 893 1.32 8.94 -5.95
CA GLY A 893 0.81 8.77 -7.27
C GLY A 893 -0.50 8.02 -7.35
N LEU A 894 -1.21 8.26 -8.44
CA LEU A 894 -2.42 7.52 -8.78
C LEU A 894 -2.12 6.27 -9.59
N TYR A 895 -0.85 5.99 -9.86
CA TYR A 895 -0.40 4.78 -10.53
C TYR A 895 0.72 4.18 -9.70
N ARG A 896 0.50 2.97 -9.23
CA ARG A 896 1.53 2.24 -8.51
C ARG A 896 2.64 1.84 -9.47
N TYR A 897 3.88 2.06 -9.06
CA TYR A 897 5.04 1.76 -9.90
C TYR A 897 5.86 0.68 -9.21
N ALA A 898 5.76 -0.54 -9.70
CA ALA A 898 6.48 -1.64 -9.08
C ALA A 898 6.82 -2.67 -10.13
N ALA A 899 7.99 -3.29 -9.95
CA ALA A 899 8.59 -4.26 -10.87
C ALA A 899 8.72 -3.71 -12.29
N ASP A 900 8.97 -2.40 -12.38
CA ASP A 900 8.98 -1.63 -13.63
C ASP A 900 7.68 -1.78 -14.43
N GLN A 901 6.56 -1.82 -13.72
CA GLN A 901 5.25 -1.66 -14.35
C GLN A 901 4.43 -0.64 -13.59
N PHE A 902 3.44 -0.08 -14.29
CA PHE A 902 2.49 0.88 -13.74
C PHE A 902 1.13 0.19 -13.64
N GLU A 903 0.64 0.03 -12.42
CA GLU A 903 -0.66 -0.55 -12.17
C GLU A 903 -1.60 0.52 -11.66
N PRO A 904 -2.79 0.67 -12.23
CA PRO A 904 -3.71 1.71 -11.76
C PRO A 904 -4.26 1.38 -10.37
N LYS A 905 -4.15 2.35 -9.47
CA LYS A 905 -4.73 2.22 -8.15
C LYS A 905 -6.24 2.41 -8.21
N ALA A 906 -6.91 2.19 -7.08
CA ALA A 906 -8.37 2.35 -7.05
C ALA A 906 -8.78 3.80 -7.09
N SER A 907 -7.90 4.71 -6.67
CA SER A 907 -8.17 6.13 -6.77
C SER A 907 -8.17 6.60 -8.22
N MET A 908 -7.38 5.93 -9.07
CA MET A 908 -7.43 6.19 -10.51
C MET A 908 -8.82 5.91 -11.06
N LYS A 909 -9.42 4.78 -10.69
CA LYS A 909 -10.72 4.41 -11.22
C LYS A 909 -11.82 5.30 -10.66
N HIS A 910 -11.73 5.65 -9.36
CA HIS A 910 -12.75 6.51 -8.77
C HIS A 910 -12.65 7.93 -9.30
N TYR A 911 -11.43 8.43 -9.53
CA TYR A 911 -11.26 9.74 -10.13
C TYR A 911 -11.71 9.75 -11.58
N ARG A 912 -11.48 8.65 -12.31
CA ARG A 912 -11.99 8.54 -13.67
C ARG A 912 -13.51 8.54 -13.71
N LYS A 913 -14.14 7.91 -12.71
CA LYS A 913 -15.60 7.96 -12.60
C LYS A 913 -16.10 9.36 -12.26
N ILE A 914 -15.33 10.12 -11.48
CA ILE A 914 -15.68 11.51 -11.21
C ILE A 914 -15.56 12.36 -12.46
N ILE A 915 -14.51 12.10 -13.27
CA ILE A 915 -14.29 12.85 -14.51
C ILE A 915 -15.39 12.56 -15.52
N ASP A 916 -15.70 11.27 -15.72
CA ASP A 916 -16.66 10.85 -16.73
C ASP A 916 -18.07 11.30 -16.39
N SER A 917 -18.41 11.33 -15.11
CA SER A 917 -19.69 11.87 -14.67
C SER A 917 -19.72 13.39 -14.68
N ASN A 918 -18.56 14.04 -14.86
CA ASN A 918 -18.36 15.47 -14.68
C ASN A 918 -18.85 15.93 -13.31
N GLY A 919 -18.41 15.22 -12.28
CA GLY A 919 -18.82 15.54 -10.94
C GLY A 919 -19.65 14.46 -10.28
N PHE A 920 -20.78 14.85 -9.72
CA PHE A 920 -21.61 13.96 -8.90
C PHE A 920 -23.06 14.24 -9.29
N PRO A 921 -23.53 13.62 -10.38
CA PRO A 921 -24.72 14.17 -11.06
C PRO A 921 -26.04 13.86 -10.36
N GLY A 922 -26.20 12.68 -9.78
CA GLY A 922 -27.40 12.38 -9.04
C GLY A 922 -28.31 11.36 -9.71
N PRO A 923 -29.62 11.48 -9.48
CA PRO A 923 -30.56 10.44 -9.93
C PRO A 923 -31.04 10.61 -11.38
N GLU A 924 -31.10 11.84 -11.87
CA GLU A 924 -31.50 12.10 -13.25
C GLU A 924 -30.42 12.95 -13.90
N THR A 925 -29.98 12.53 -15.09
CA THR A 925 -28.79 13.15 -15.69
C THR A 925 -28.91 13.07 -17.22
N LEU A 926 -29.23 14.20 -17.84
CA LEU A 926 -29.06 14.44 -19.26
C LEU A 926 -28.31 15.75 -19.45
N GLU A 927 -27.24 15.92 -18.69
CA GLU A 927 -26.66 17.23 -18.42
C GLU A 927 -25.45 17.45 -19.32
N ARG A 928 -25.70 17.93 -20.54
CA ARG A 928 -24.65 18.58 -21.32
C ARG A 928 -24.99 20.05 -21.52
N PHE A 929 -26.06 20.36 -22.26
CA PHE A 929 -26.62 21.70 -22.46
C PHE A 929 -25.59 22.74 -22.93
N CYS A 930 -24.54 22.33 -23.65
CA CYS A 930 -23.47 23.24 -24.04
C CYS A 930 -22.98 23.01 -25.46
N PRO A 931 -23.66 23.59 -26.46
CA PRO A 931 -22.98 23.80 -27.75
C PRO A 931 -22.42 25.21 -27.85
N GLU A 932 -21.19 25.30 -28.39
CA GLU A 932 -20.47 26.55 -28.66
C GLU A 932 -20.33 27.40 -27.40
N GLU A 933 -19.48 26.88 -26.50
CA GLU A 933 -19.49 27.04 -25.04
C GLU A 933 -19.85 28.44 -24.54
N PHE A 934 -20.70 28.47 -23.51
CA PHE A 934 -21.30 29.70 -22.99
C PHE A 934 -20.49 30.33 -21.87
N THR A 935 -19.81 29.52 -21.06
CA THR A 935 -19.10 30.03 -19.90
C THR A 935 -17.85 30.80 -20.32
N VAL A 936 -17.50 31.83 -19.56
CA VAL A 936 -16.38 32.70 -19.87
C VAL A 936 -15.38 32.56 -18.73
N CYS A 937 -14.43 31.64 -18.90
CA CYS A 937 -13.15 31.71 -18.21
C CYS A 937 -12.03 31.23 -19.13
N THR A 938 -12.31 31.07 -20.42
CA THR A 938 -11.38 30.63 -21.44
C THR A 938 -11.20 31.74 -22.48
N GLU A 939 -10.50 31.40 -23.56
CA GLU A 939 -10.20 32.35 -24.64
C GLU A 939 -11.45 32.54 -25.48
N CYS A 940 -12.17 33.63 -25.21
CA CYS A 940 -13.41 33.95 -25.90
C CYS A 940 -13.09 34.86 -27.10
N SER A 941 -14.11 35.52 -27.65
CA SER A 941 -14.00 36.34 -28.86
C SER A 941 -13.14 37.60 -28.70
N PHE A 942 -12.67 37.91 -27.50
CA PHE A 942 -11.81 39.06 -27.18
C PHE A 942 -12.46 40.40 -27.56
N TYR B 47 -14.42 -23.16 -24.58
CA TYR B 47 -14.49 -24.54 -24.03
C TYR B 47 -13.06 -25.09 -23.94
N PRO B 48 -12.36 -25.25 -25.07
CA PRO B 48 -10.94 -25.55 -25.07
C PRO B 48 -10.17 -24.21 -25.19
N ASN B 49 -8.84 -24.27 -25.30
CA ASN B 49 -7.98 -23.06 -25.44
C ASN B 49 -8.31 -22.04 -24.32
N ALA B 50 -8.42 -22.52 -23.07
CA ALA B 50 -8.85 -21.70 -21.91
C ALA B 50 -7.77 -20.70 -21.44
N SER B 51 -6.51 -20.92 -21.86
CA SER B 51 -5.32 -20.16 -21.42
C SER B 51 -4.87 -19.11 -22.45
N PRO B 52 -3.69 -18.48 -22.27
CA PRO B 52 -3.15 -17.45 -23.17
C PRO B 52 -2.13 -17.94 -24.21
N LEU B 53 -2.60 -18.04 -25.46
CA LEU B 53 -1.86 -18.53 -26.67
C LEU B 53 -0.70 -19.49 -26.40
N LEU B 54 0.45 -19.18 -27.00
CA LEU B 54 1.71 -19.97 -26.99
C LEU B 54 2.77 -19.11 -27.68
N GLY B 55 3.07 -18.02 -26.99
CA GLY B 55 4.01 -16.99 -27.41
C GLY B 55 3.74 -15.72 -26.63
N SER B 56 2.78 -14.93 -27.09
CA SER B 56 2.44 -13.66 -26.40
C SER B 56 2.23 -13.89 -24.92
N SER B 57 3.32 -13.68 -24.16
CA SER B 57 3.55 -13.72 -22.69
C SER B 57 5.06 -13.84 -22.46
N TRP B 58 5.86 -13.56 -23.48
CA TRP B 58 7.34 -13.66 -23.33
C TRP B 58 7.88 -12.35 -22.76
N GLY B 59 7.05 -11.31 -22.68
CA GLY B 59 7.57 -10.03 -22.18
C GLY B 59 7.25 -9.73 -20.73
N GLY B 60 6.71 -10.69 -19.98
CA GLY B 60 6.35 -10.41 -18.58
C GLY B 60 7.38 -10.93 -17.63
N LEU B 61 7.13 -10.73 -16.35
CA LEU B 61 8.02 -11.21 -15.28
C LEU B 61 7.81 -12.71 -15.20
N ILE B 62 8.88 -13.47 -15.19
CA ILE B 62 8.96 -14.90 -15.02
C ILE B 62 9.89 -15.20 -13.86
N HIS B 63 9.89 -16.46 -13.45
CA HIS B 63 10.80 -16.99 -12.45
C HIS B 63 11.43 -18.24 -13.06
N LEU B 64 12.75 -18.34 -12.96
CA LEU B 64 13.46 -19.45 -13.59
C LEU B 64 13.48 -20.61 -12.60
N TYR B 65 12.49 -21.49 -12.72
CA TYR B 65 12.43 -22.71 -11.94
C TYR B 65 13.52 -23.65 -12.42
N THR B 66 14.18 -24.32 -11.50
CA THR B 66 15.05 -25.44 -11.83
C THR B 66 14.93 -26.47 -10.73
N ALA B 67 15.29 -27.70 -11.03
CA ALA B 67 15.04 -28.79 -10.11
C ALA B 67 15.95 -29.96 -10.45
N THR B 68 16.37 -30.66 -9.39
CA THR B 68 16.85 -32.03 -9.50
C THR B 68 15.96 -32.82 -8.56
N ALA B 69 15.92 -34.14 -8.72
CA ALA B 69 14.85 -34.89 -8.05
C ALA B 69 15.11 -35.14 -6.56
N ARG B 70 15.42 -34.09 -5.80
CA ARG B 70 15.29 -34.12 -4.35
C ARG B 70 14.78 -32.79 -3.83
N ASN B 71 14.90 -31.74 -4.63
CA ASN B 71 14.63 -30.38 -4.18
C ASN B 71 14.57 -29.47 -5.39
N SER B 72 13.72 -28.45 -5.33
CA SER B 72 13.42 -27.59 -6.47
C SER B 72 13.52 -26.14 -6.05
N TYR B 73 14.08 -25.29 -6.92
CA TYR B 73 14.34 -23.89 -6.62
C TYR B 73 13.85 -23.00 -7.75
N HIS B 74 13.84 -21.71 -7.47
CA HIS B 74 13.74 -20.63 -8.46
C HIS B 74 14.99 -19.80 -8.32
N LEU B 75 15.57 -19.41 -9.45
CA LEU B 75 16.75 -18.55 -9.45
C LEU B 75 16.42 -17.18 -8.86
N GLN B 76 17.12 -16.81 -7.81
CA GLN B 76 16.79 -15.65 -7.00
C GLN B 76 17.98 -14.71 -6.95
N ILE B 77 17.80 -13.49 -7.46
CA ILE B 77 18.82 -12.46 -7.44
C ILE B 77 18.51 -11.51 -6.29
N HIS B 78 19.44 -11.39 -5.35
CA HIS B 78 19.25 -10.54 -4.19
C HIS B 78 19.87 -9.17 -4.42
N LYS B 79 19.58 -8.24 -3.51
CA LYS B 79 20.24 -6.95 -3.53
C LYS B 79 21.69 -7.03 -3.11
N ASN B 80 22.09 -8.14 -2.47
CA ASN B 80 23.49 -8.39 -2.17
C ASN B 80 24.30 -8.62 -3.43
N GLY B 81 23.65 -9.04 -4.51
CA GLY B 81 24.32 -9.59 -5.67
C GLY B 81 24.53 -11.08 -5.60
N HIS B 82 24.09 -11.72 -4.52
CA HIS B 82 24.24 -13.16 -4.35
C HIS B 82 22.97 -13.84 -4.86
N VAL B 83 23.11 -14.70 -5.85
CA VAL B 83 21.99 -15.45 -6.41
C VAL B 83 21.94 -16.81 -5.75
N ASP B 84 20.72 -17.29 -5.51
CA ASP B 84 20.53 -18.57 -4.82
C ASP B 84 19.22 -19.17 -5.33
N GLY B 85 18.68 -20.12 -4.59
CA GLY B 85 17.42 -20.71 -4.96
C GLY B 85 16.35 -20.54 -3.92
N ALA B 86 15.23 -20.03 -4.33
CA ALA B 86 14.07 -19.93 -3.45
C ALA B 86 13.06 -21.01 -3.79
N PRO B 87 12.56 -21.79 -2.83
CA PRO B 87 11.65 -22.90 -3.19
C PRO B 87 10.30 -22.44 -3.70
N HIS B 88 9.92 -21.20 -3.45
CA HIS B 88 8.69 -20.61 -3.96
C HIS B 88 9.02 -19.38 -4.79
N GLN B 89 8.01 -18.86 -5.47
CA GLN B 89 8.15 -17.65 -6.26
C GLN B 89 8.28 -16.47 -5.30
N THR B 90 9.51 -16.00 -5.12
CA THR B 90 9.79 -14.84 -4.28
C THR B 90 9.86 -13.61 -5.20
N ILE B 91 9.72 -12.42 -4.62
CA ILE B 91 9.83 -11.19 -5.40
C ILE B 91 11.27 -10.92 -5.83
N TYR B 92 12.24 -11.57 -5.22
CA TYR B 92 13.63 -11.48 -5.66
C TYR B 92 14.00 -12.55 -6.68
N SER B 93 13.05 -13.41 -7.04
CA SER B 93 13.23 -14.38 -8.10
C SER B 93 12.48 -13.99 -9.36
N ALA B 94 11.73 -12.89 -9.33
CA ALA B 94 11.04 -12.40 -10.52
C ALA B 94 12.04 -11.76 -11.46
N LEU B 95 12.19 -12.35 -12.64
CA LEU B 95 13.17 -11.91 -13.61
C LEU B 95 12.46 -11.31 -14.82
N MET B 96 13.15 -10.40 -15.49
CA MET B 96 12.71 -9.86 -16.77
C MET B 96 13.77 -10.25 -17.80
N ILE B 97 13.43 -11.18 -18.67
CA ILE B 97 14.36 -11.70 -19.66
C ILE B 97 14.15 -10.93 -20.97
N ARG B 98 15.20 -10.26 -21.43
CA ARG B 98 15.15 -9.48 -22.65
C ARG B 98 16.29 -9.93 -23.55
N SER B 99 15.96 -10.38 -24.75
CA SER B 99 16.99 -10.84 -25.68
C SER B 99 17.55 -9.64 -26.43
N GLU B 100 18.87 -9.50 -26.40
CA GLU B 100 19.51 -8.40 -27.11
C GLU B 100 19.93 -8.80 -28.52
N ASP B 101 20.16 -10.09 -28.74
CA ASP B 101 20.37 -10.67 -30.05
C ASP B 101 19.37 -11.80 -30.23
N ALA B 102 19.38 -12.42 -31.41
CA ALA B 102 18.47 -13.51 -31.70
C ALA B 102 18.96 -14.77 -31.01
N GLY B 103 18.44 -15.04 -29.81
CA GLY B 103 18.82 -16.20 -29.04
C GLY B 103 19.77 -15.93 -27.91
N PHE B 104 20.07 -14.66 -27.61
CA PHE B 104 21.00 -14.28 -26.56
C PHE B 104 20.24 -13.38 -25.60
N VAL B 105 19.85 -13.95 -24.48
CA VAL B 105 18.98 -13.28 -23.53
C VAL B 105 19.81 -12.59 -22.46
N VAL B 106 19.18 -11.63 -21.79
CA VAL B 106 19.76 -10.91 -20.68
C VAL B 106 18.75 -10.95 -19.54
N ILE B 107 19.18 -11.46 -18.39
CA ILE B 107 18.31 -11.69 -17.24
C ILE B 107 18.64 -10.65 -16.19
N THR B 108 17.61 -9.94 -15.70
CA THR B 108 17.85 -8.79 -14.82
C THR B 108 17.39 -9.04 -13.39
N GLY B 109 16.11 -9.31 -13.17
CA GLY B 109 15.62 -9.35 -11.80
C GLY B 109 15.13 -7.99 -11.39
N VAL B 110 13.81 -7.83 -11.26
CA VAL B 110 13.24 -6.48 -11.21
C VAL B 110 13.21 -5.86 -9.83
N MET B 111 13.18 -6.65 -8.76
CA MET B 111 13.25 -6.06 -7.43
C MET B 111 14.68 -5.70 -7.06
N SER B 112 15.64 -6.53 -7.46
CA SER B 112 17.03 -6.27 -7.16
C SER B 112 17.61 -5.13 -7.99
N ARG B 113 16.99 -4.83 -9.13
CA ARG B 113 17.51 -3.92 -10.18
C ARG B 113 18.91 -4.31 -10.62
N ARG B 114 19.22 -5.60 -10.60
CA ARG B 114 20.53 -6.10 -10.95
C ARG B 114 20.48 -6.67 -12.36
N TYR B 115 21.57 -7.31 -12.75
CA TYR B 115 21.66 -8.04 -14.01
C TYR B 115 22.40 -9.33 -13.71
N LEU B 116 21.83 -10.46 -14.09
CA LEU B 116 22.48 -11.75 -13.86
C LEU B 116 23.70 -11.86 -14.76
N CYS B 117 24.89 -11.72 -14.17
CA CYS B 117 26.14 -11.89 -14.90
C CYS B 117 26.89 -13.10 -14.38
N MET B 118 27.97 -13.45 -15.06
CA MET B 118 28.75 -14.63 -14.73
C MET B 118 30.23 -14.33 -14.86
N ASP B 119 31.00 -14.71 -13.84
CA ASP B 119 32.44 -14.46 -13.84
C ASP B 119 33.18 -15.48 -14.71
N PHE B 120 34.50 -15.44 -14.67
CA PHE B 120 35.31 -16.28 -15.54
C PHE B 120 35.37 -17.74 -15.12
N ARG B 121 34.77 -18.11 -13.98
CA ARG B 121 34.80 -19.48 -13.52
C ARG B 121 33.40 -20.10 -13.39
N GLY B 122 32.36 -19.35 -13.73
CA GLY B 122 31.01 -19.87 -13.79
C GLY B 122 30.07 -19.37 -12.72
N ASN B 123 30.59 -18.76 -11.65
CA ASN B 123 29.76 -18.37 -10.52
C ASN B 123 28.95 -17.13 -10.90
N ILE B 124 27.65 -17.30 -11.06
CA ILE B 124 26.78 -16.20 -11.44
C ILE B 124 26.54 -15.28 -10.23
N PHE B 125 26.22 -14.04 -10.52
CA PHE B 125 25.93 -13.04 -9.50
C PHE B 125 25.05 -11.96 -10.12
N GLY B 126 24.73 -10.94 -9.33
CA GLY B 126 24.00 -9.79 -9.81
C GLY B 126 24.92 -8.60 -9.98
N SER B 127 24.53 -7.68 -10.85
CA SER B 127 25.30 -6.47 -11.09
C SER B 127 24.36 -5.36 -11.55
N HIS B 128 24.54 -4.16 -10.99
CA HIS B 128 23.68 -3.04 -11.35
C HIS B 128 23.96 -2.51 -12.75
N TYR B 129 25.13 -2.82 -13.31
CA TYR B 129 25.52 -2.32 -14.62
C TYR B 129 25.65 -3.48 -15.60
N PHE B 130 25.09 -3.28 -16.79
CA PHE B 130 25.07 -4.33 -17.81
C PHE B 130 26.41 -4.38 -18.53
N ASP B 131 27.15 -5.46 -18.34
CA ASP B 131 28.44 -5.63 -19.00
C ASP B 131 28.27 -6.63 -20.15
N PRO B 132 28.15 -6.16 -21.39
CA PRO B 132 27.53 -6.96 -22.46
C PRO B 132 28.35 -8.13 -22.97
N GLU B 133 29.53 -8.42 -22.41
CA GLU B 133 30.30 -9.56 -22.87
C GLU B 133 30.24 -10.77 -21.96
N ASN B 134 29.94 -10.58 -20.67
CA ASN B 134 29.80 -11.68 -19.74
C ASN B 134 28.41 -11.79 -19.14
N CYS B 135 27.62 -10.71 -19.21
CA CYS B 135 26.32 -10.63 -18.58
C CYS B 135 25.20 -10.84 -19.60
N ARG B 136 25.53 -11.52 -20.69
CA ARG B 136 24.59 -11.89 -21.74
C ARG B 136 24.77 -13.37 -22.01
N PHE B 137 23.68 -14.13 -22.06
CA PHE B 137 23.72 -15.58 -22.12
C PHE B 137 23.00 -16.11 -23.34
N GLN B 138 23.63 -17.06 -24.02
CA GLN B 138 22.96 -17.79 -25.08
C GLN B 138 22.02 -18.80 -24.48
N HIS B 139 20.76 -18.73 -24.89
CA HIS B 139 19.73 -19.64 -24.43
C HIS B 139 19.60 -20.79 -25.42
N GLN B 140 19.32 -21.98 -24.90
CA GLN B 140 18.93 -23.11 -25.73
C GLN B 140 17.81 -23.86 -25.04
N THR B 141 16.99 -24.53 -25.84
CA THR B 141 16.02 -25.50 -25.32
C THR B 141 16.53 -26.89 -25.65
N LEU B 142 16.55 -27.75 -24.64
CA LEU B 142 16.96 -29.13 -24.86
C LEU B 142 15.82 -29.91 -25.48
N GLU B 143 16.06 -31.19 -25.73
CA GLU B 143 15.03 -32.04 -26.31
C GLU B 143 14.01 -32.51 -25.29
N ASN B 144 14.25 -32.29 -24.00
CA ASN B 144 13.27 -32.63 -22.98
C ASN B 144 12.32 -31.48 -22.68
N GLY B 145 12.60 -30.28 -23.18
CA GLY B 145 11.74 -29.14 -22.95
C GLY B 145 12.24 -28.16 -21.92
N TYR B 146 13.48 -28.29 -21.49
CA TYR B 146 14.05 -27.40 -20.48
C TYR B 146 15.00 -26.40 -21.12
N ASP B 147 15.05 -25.20 -20.55
CA ASP B 147 15.97 -24.18 -21.01
C ASP B 147 17.31 -24.32 -20.32
N VAL B 148 18.37 -24.08 -21.07
CA VAL B 148 19.71 -23.91 -20.53
C VAL B 148 20.23 -22.56 -20.99
N TYR B 149 21.06 -21.94 -20.16
CA TYR B 149 21.61 -20.62 -20.45
C TYR B 149 23.12 -20.68 -20.22
N HIS B 150 23.91 -20.57 -21.28
CA HIS B 150 25.35 -20.63 -21.15
C HIS B 150 25.98 -19.34 -21.65
N SER B 151 27.11 -18.99 -21.06
CA SER B 151 27.81 -17.80 -21.51
C SER B 151 28.53 -18.08 -22.83
N PRO B 152 28.57 -17.13 -23.75
CA PRO B 152 29.20 -17.40 -25.05
C PRO B 152 30.71 -17.49 -25.00
N GLN B 153 31.36 -16.85 -24.02
CA GLN B 153 32.81 -16.87 -23.92
C GLN B 153 33.32 -17.85 -22.86
N TYR B 154 32.72 -17.85 -21.68
CA TYR B 154 33.16 -18.73 -20.60
C TYR B 154 32.65 -20.16 -20.76
N HIS B 155 31.62 -20.35 -21.59
CA HIS B 155 30.96 -21.62 -21.94
C HIS B 155 30.21 -22.27 -20.78
N PHE B 156 30.26 -21.69 -19.58
CA PHE B 156 29.68 -22.32 -18.42
C PHE B 156 28.18 -22.12 -18.38
N LEU B 157 27.47 -23.17 -18.00
CA LEU B 157 26.02 -23.09 -17.85
C LEU B 157 25.66 -22.30 -16.60
N VAL B 158 24.56 -21.55 -16.70
CA VAL B 158 23.98 -20.92 -15.52
C VAL B 158 23.43 -22.04 -14.63
N SER B 159 23.93 -22.13 -13.40
CA SER B 159 23.56 -23.18 -12.49
C SER B 159 23.25 -22.59 -11.12
N LEU B 160 22.53 -23.35 -10.32
CA LEU B 160 22.37 -23.06 -8.90
C LEU B 160 23.07 -24.10 -8.03
N GLY B 161 23.86 -24.98 -8.63
CA GLY B 161 24.62 -25.97 -7.90
C GLY B 161 26.10 -25.63 -7.85
N ARG B 162 26.88 -26.56 -7.30
CA ARG B 162 28.31 -26.39 -7.17
C ARG B 162 29.08 -26.69 -8.44
N ALA B 163 28.89 -27.87 -9.02
CA ALA B 163 29.71 -28.35 -10.14
C ALA B 163 29.34 -27.65 -11.43
N LYS B 164 29.75 -26.40 -11.57
CA LYS B 164 29.43 -25.61 -12.75
C LYS B 164 30.26 -26.05 -13.95
N ARG B 165 29.63 -26.74 -14.89
CA ARG B 165 30.28 -27.28 -16.08
C ARG B 165 29.89 -26.45 -17.31
N ALA B 166 30.40 -26.89 -18.46
CA ALA B 166 30.16 -26.21 -19.72
C ALA B 166 29.10 -26.94 -20.53
N PHE B 167 28.38 -26.19 -21.36
CA PHE B 167 27.30 -26.78 -22.16
C PHE B 167 27.90 -27.52 -23.34
N LEU B 168 28.09 -28.80 -23.17
CA LEU B 168 28.26 -29.59 -24.39
C LEU B 168 26.91 -30.14 -24.81
N PRO B 169 26.54 -30.02 -26.09
CA PRO B 169 25.18 -30.37 -26.51
C PRO B 169 24.86 -31.85 -26.44
N GLY B 170 23.81 -32.19 -25.68
CA GLY B 170 23.33 -33.55 -25.59
C GLY B 170 23.97 -34.37 -24.49
N MET B 171 24.78 -33.79 -23.61
CA MET B 171 25.55 -34.56 -22.64
C MET B 171 25.34 -34.00 -21.24
N ASN B 172 24.21 -34.39 -20.60
CA ASN B 172 23.92 -34.37 -19.16
C ASN B 172 24.33 -33.08 -18.44
N PRO B 173 23.53 -32.02 -18.51
CA PRO B 173 23.89 -30.75 -17.88
C PRO B 173 24.00 -30.89 -16.37
N PRO B 174 24.75 -30.00 -15.72
CA PRO B 174 24.94 -30.13 -14.26
C PRO B 174 23.65 -29.89 -13.52
N PRO B 175 23.57 -30.28 -12.24
CA PRO B 175 22.33 -30.08 -11.47
C PRO B 175 21.99 -28.61 -11.29
N TYR B 176 20.69 -28.34 -11.26
CA TYR B 176 20.09 -27.00 -11.16
C TYR B 176 20.51 -26.09 -12.32
N SER B 177 20.70 -26.65 -13.51
CA SER B 177 21.04 -25.86 -14.68
C SER B 177 19.99 -25.92 -15.79
N GLN B 178 19.06 -26.87 -15.74
CA GLN B 178 17.97 -26.94 -16.70
C GLN B 178 16.79 -26.18 -16.13
N PHE B 179 16.42 -25.08 -16.77
CA PHE B 179 15.46 -24.14 -16.23
C PHE B 179 14.12 -24.27 -16.94
N LEU B 180 13.14 -23.56 -16.38
CA LEU B 180 11.78 -23.59 -16.89
C LEU B 180 11.15 -22.27 -16.46
N SER B 181 10.56 -21.55 -17.40
CA SER B 181 10.12 -20.18 -17.15
C SER B 181 8.70 -20.21 -16.61
N ARG B 182 8.57 -20.19 -15.29
CA ARG B 182 7.26 -20.14 -14.67
C ARG B 182 6.81 -18.68 -14.62
N ARG B 183 5.61 -18.40 -15.13
CA ARG B 183 5.17 -17.03 -15.18
C ARG B 183 4.81 -16.52 -13.78
N ASN B 184 4.77 -15.20 -13.65
CA ASN B 184 4.62 -14.56 -12.36
C ASN B 184 3.23 -14.76 -11.78
N GLU B 185 3.18 -15.09 -10.49
CA GLU B 185 1.93 -15.15 -9.75
C GLU B 185 1.87 -14.15 -8.61
N ILE B 186 2.96 -13.46 -8.33
CA ILE B 186 2.97 -12.45 -7.28
C ILE B 186 2.29 -11.19 -7.80
N PRO B 187 1.40 -10.57 -7.04
CA PRO B 187 0.87 -9.25 -7.43
C PRO B 187 1.95 -8.19 -7.34
N LEU B 188 1.70 -7.08 -8.05
CA LEU B 188 2.71 -6.03 -8.17
C LEU B 188 2.92 -5.27 -6.87
N ILE B 189 1.90 -5.23 -6.01
CA ILE B 189 2.00 -4.51 -4.74
C ILE B 189 3.02 -5.13 -3.81
N HIS B 190 3.28 -6.44 -3.93
CA HIS B 190 4.28 -7.08 -3.08
C HIS B 190 5.72 -6.78 -3.51
N PHE B 191 5.93 -5.99 -4.57
CA PHE B 191 7.28 -5.68 -5.00
C PHE B 191 7.79 -4.41 -4.32
N ASN B 192 7.06 -3.30 -4.44
CA ASN B 192 7.45 -2.06 -3.74
C ASN B 192 7.07 -2.20 -2.26
N THR B 193 7.95 -2.83 -1.50
CA THR B 193 7.76 -2.97 -0.06
C THR B 193 8.98 -2.56 0.78
N PRO B 194 9.42 -1.26 0.71
CA PRO B 194 10.05 -0.70 1.90
C PRO B 194 8.96 -0.48 2.95
N ILE B 195 7.91 0.21 2.50
CA ILE B 195 6.68 0.63 3.19
C ILE B 195 6.85 0.93 4.68
N PRO B 196 7.79 1.81 5.07
CA PRO B 196 8.13 1.93 6.49
C PRO B 196 7.11 2.78 7.24
N ARG B 197 6.31 2.13 8.07
CA ARG B 197 5.46 2.84 9.03
C ARG B 197 6.36 3.53 10.02
N GLN B 198 6.45 4.86 9.91
CA GLN B 198 7.51 5.63 10.57
C GLN B 198 7.24 5.69 12.07
N HIS B 199 7.88 4.79 12.81
CA HIS B 199 7.87 4.81 14.27
C HIS B 199 8.76 5.96 14.73
N THR B 200 8.21 7.17 14.66
CA THR B 200 8.98 8.36 15.00
C THR B 200 9.12 8.50 16.51
N GLN B 201 8.00 8.34 17.23
CA GLN B 201 7.91 8.42 18.69
C GLN B 201 8.41 9.78 19.20
N SER B 202 7.61 10.80 18.89
CA SER B 202 7.93 12.17 19.30
C SER B 202 7.91 12.28 20.82
N ALA B 203 8.99 12.83 21.38
CA ALA B 203 9.21 12.99 22.81
C ALA B 203 9.08 11.66 23.55
N GLU B 204 10.10 10.80 23.33
CA GLU B 204 10.13 9.41 23.77
C GLU B 204 9.97 9.22 25.27
N ASP B 205 10.27 10.23 26.09
CA ASP B 205 10.02 10.12 27.52
C ASP B 205 8.52 10.10 27.81
N ASP B 206 8.14 9.29 28.79
CA ASP B 206 6.75 9.22 29.24
C ASP B 206 6.52 10.18 30.40
N SER B 207 6.78 11.44 30.11
CA SER B 207 6.32 12.61 30.84
C SER B 207 5.77 13.62 29.84
N GLU B 208 5.17 13.10 28.78
CA GLU B 208 4.80 13.90 27.63
C GLU B 208 3.57 14.76 27.92
N ARG B 209 3.63 16.00 27.45
CA ARG B 209 2.51 16.92 27.54
C ARG B 209 1.57 16.79 26.35
N ASP B 210 2.01 16.15 25.27
CA ASP B 210 1.22 16.04 24.04
C ASP B 210 1.42 14.68 23.41
N PRO B 211 0.77 13.63 23.95
CA PRO B 211 0.96 12.30 23.37
C PRO B 211 0.18 12.07 22.09
N LEU B 212 -0.96 12.72 21.96
CA LEU B 212 -1.82 12.56 20.79
C LEU B 212 -1.46 13.52 19.67
N ASN B 213 -0.50 14.42 19.91
CA ASN B 213 0.06 15.35 18.94
C ASN B 213 -0.99 16.30 18.38
N VAL B 214 -1.56 17.12 19.25
CA VAL B 214 -2.35 18.27 18.78
C VAL B 214 -1.42 19.31 18.19
N LEU B 215 -0.40 19.73 18.95
CA LEU B 215 0.51 20.77 18.53
C LEU B 215 1.39 20.28 17.39
N LYS B 216 1.22 20.88 16.23
CA LYS B 216 1.80 20.38 14.99
C LYS B 216 2.43 21.53 14.23
N PRO B 217 3.66 21.91 14.59
CA PRO B 217 4.27 23.10 13.99
C PRO B 217 4.77 22.84 12.58
N ARG B 218 4.54 23.81 11.71
CA ARG B 218 5.08 23.81 10.37
C ARG B 218 6.44 24.51 10.37
N ALA B 219 7.36 23.99 9.58
CA ALA B 219 8.68 24.59 9.48
C ALA B 219 8.61 25.88 8.68
N ARG B 220 9.22 26.94 9.22
CA ARG B 220 9.22 28.22 8.53
C ARG B 220 10.62 28.77 8.37
N MET B 221 10.73 30.00 7.86
CA MET B 221 11.99 30.71 7.76
C MET B 221 11.82 32.03 8.51
N THR B 222 12.54 32.17 9.61
CA THR B 222 12.46 33.46 10.27
C THR B 222 13.66 34.33 9.90
N PRO B 223 13.45 35.62 9.68
CA PRO B 223 14.54 36.50 9.25
C PRO B 223 15.41 36.92 10.42
N ALA B 224 16.46 37.68 10.10
CA ALA B 224 17.33 38.29 11.11
C ALA B 224 17.72 39.67 10.62
N PRO B 225 16.95 40.71 11.00
CA PRO B 225 17.26 42.08 10.61
C PRO B 225 18.49 42.64 11.34
N ARG C 7 0.57 -57.01 16.60
CA ARG C 7 1.63 -56.91 17.58
C ARG C 7 1.78 -55.48 18.09
N MET C 8 2.75 -54.77 17.53
CA MET C 8 2.97 -53.39 17.90
C MET C 8 1.98 -52.49 17.16
N PRO C 9 1.38 -51.52 17.86
CA PRO C 9 0.46 -50.57 17.19
C PRO C 9 1.20 -49.32 16.68
N VAL C 10 2.11 -49.53 15.74
CA VAL C 10 3.00 -48.47 15.27
C VAL C 10 2.24 -47.51 14.37
N ALA C 11 2.16 -46.25 14.79
CA ALA C 11 1.59 -45.20 13.96
C ALA C 11 2.51 -44.95 12.76
N PRO C 12 1.95 -44.64 11.59
CA PRO C 12 2.78 -44.57 10.38
C PRO C 12 3.68 -43.35 10.36
N TYR C 13 4.85 -43.52 9.76
CA TYR C 13 5.87 -42.48 9.70
C TYR C 13 6.52 -42.51 8.33
N TRP C 14 7.19 -41.42 7.99
CA TRP C 14 7.92 -41.37 6.74
C TRP C 14 9.24 -42.12 6.88
N THR C 15 9.48 -43.07 5.99
CA THR C 15 10.74 -43.81 6.00
C THR C 15 11.91 -42.89 5.66
N SER C 16 11.68 -41.93 4.76
CA SER C 16 12.68 -40.95 4.42
C SER C 16 12.02 -39.62 4.08
N PRO C 17 12.10 -38.63 4.97
CA PRO C 17 11.68 -37.27 4.61
C PRO C 17 12.72 -36.50 3.82
N GLU C 18 13.88 -37.10 3.57
CA GLU C 18 14.86 -36.54 2.64
C GLU C 18 14.35 -36.59 1.20
N LYS C 19 13.54 -37.59 0.87
CA LYS C 19 13.02 -37.76 -0.49
C LYS C 19 11.71 -37.02 -0.71
N MET C 20 11.29 -36.17 0.24
CA MET C 20 9.94 -35.60 0.21
C MET C 20 9.92 -34.09 0.37
N GLU C 21 11.05 -33.42 0.17
CA GLU C 21 11.12 -31.98 0.39
C GLU C 21 11.05 -31.18 -0.91
N LYS C 22 10.72 -31.82 -2.03
CA LYS C 22 10.45 -31.12 -3.28
C LYS C 22 9.01 -30.64 -3.25
N LYS C 23 8.81 -29.36 -2.94
CA LYS C 23 7.46 -28.84 -2.74
C LYS C 23 6.70 -28.71 -4.06
N LEU C 24 7.40 -28.29 -5.12
CA LEU C 24 6.76 -27.97 -6.39
C LEU C 24 7.42 -28.75 -7.51
N HIS C 25 6.61 -29.49 -8.26
CA HIS C 25 7.04 -30.19 -9.46
C HIS C 25 6.55 -29.39 -10.67
N ALA C 26 7.46 -28.67 -11.32
CA ALA C 26 7.13 -27.97 -12.55
C ALA C 26 7.87 -28.67 -13.68
N VAL C 27 7.11 -29.38 -14.51
CA VAL C 27 7.68 -30.17 -15.60
C VAL C 27 7.14 -29.60 -16.91
N PRO C 28 7.79 -29.90 -18.04
CA PRO C 28 7.14 -29.66 -19.32
C PRO C 28 5.96 -30.59 -19.51
N ALA C 29 5.11 -30.24 -20.47
CA ALA C 29 3.98 -31.08 -20.79
C ALA C 29 4.45 -32.35 -21.48
N ALA C 30 3.59 -33.36 -21.45
CA ALA C 30 3.84 -34.74 -21.93
C ALA C 30 5.01 -35.40 -21.22
N LYS C 31 5.37 -34.96 -20.02
CA LYS C 31 6.38 -35.60 -19.20
C LYS C 31 5.74 -36.68 -18.33
N THR C 32 6.55 -37.30 -17.49
CA THR C 32 6.07 -38.24 -16.48
C THR C 32 6.47 -37.72 -15.10
N VAL C 33 5.52 -37.73 -14.16
CA VAL C 33 5.78 -37.25 -12.80
C VAL C 33 5.48 -38.38 -11.83
N LYS C 34 6.46 -38.69 -11.00
CA LYS C 34 6.29 -39.61 -9.89
C LYS C 34 6.29 -38.82 -8.59
N PHE C 35 5.24 -38.97 -7.81
CA PHE C 35 5.21 -38.49 -6.44
C PHE C 35 5.41 -39.68 -5.51
N LYS C 36 6.40 -39.60 -4.63
CA LYS C 36 6.68 -40.67 -3.68
C LYS C 36 6.50 -40.15 -2.26
N CYS C 37 5.96 -41.02 -1.41
CA CYS C 37 5.81 -40.75 0.02
C CYS C 37 6.00 -42.05 0.77
N PRO C 38 7.25 -42.48 0.98
CA PRO C 38 7.50 -43.83 1.52
C PRO C 38 7.18 -43.90 3.01
N SER C 39 6.48 -44.97 3.39
CA SER C 39 5.97 -45.11 4.75
C SER C 39 6.36 -46.47 5.33
N SER C 40 6.19 -46.59 6.64
CA SER C 40 6.31 -47.86 7.34
C SER C 40 5.38 -47.84 8.54
N GLY C 41 5.16 -49.01 9.11
CA GLY C 41 4.29 -49.16 10.26
C GLY C 41 3.69 -50.54 10.31
N THR C 42 3.14 -50.87 11.49
CA THR C 42 2.51 -52.16 11.72
C THR C 42 1.03 -51.96 12.02
N PRO C 43 0.10 -52.42 11.16
CA PRO C 43 0.35 -53.10 9.88
C PRO C 43 0.66 -52.12 8.76
N ASN C 44 0.81 -52.59 7.53
CA ASN C 44 1.19 -51.76 6.40
C ASN C 44 0.09 -50.75 6.09
N PRO C 45 0.31 -49.46 6.30
CA PRO C 45 -0.78 -48.49 6.18
C PRO C 45 -1.07 -48.17 4.71
N THR C 46 -2.34 -48.21 4.35
CA THR C 46 -2.75 -48.07 2.96
C THR C 46 -2.58 -46.64 2.46
N LEU C 47 -2.34 -46.51 1.16
CA LEU C 47 -2.00 -45.24 0.54
C LEU C 47 -3.18 -44.68 -0.23
N ARG C 48 -3.35 -43.36 -0.17
CA ARG C 48 -4.39 -42.68 -0.92
C ARG C 48 -3.85 -41.36 -1.44
N TRP C 49 -4.36 -40.94 -2.59
CA TRP C 49 -3.96 -39.70 -3.22
C TRP C 49 -5.19 -38.86 -3.48
N LEU C 50 -5.10 -37.56 -3.21
CA LEU C 50 -6.19 -36.64 -3.52
C LEU C 50 -5.66 -35.51 -4.38
N LYS C 51 -6.20 -35.38 -5.59
CA LYS C 51 -5.90 -34.23 -6.44
C LYS C 51 -6.86 -33.09 -6.10
N ASN C 52 -6.30 -31.99 -5.61
CA ASN C 52 -7.01 -30.73 -5.34
C ASN C 52 -8.13 -30.92 -4.31
N GLY C 53 -7.86 -31.74 -3.31
CA GLY C 53 -8.82 -32.05 -2.26
C GLY C 53 -9.73 -33.21 -2.57
N LYS C 54 -10.28 -33.26 -3.79
CA LYS C 54 -11.12 -34.37 -4.23
C LYS C 54 -10.24 -35.61 -4.37
N GLU C 55 -10.83 -36.78 -4.25
CA GLU C 55 -10.06 -38.03 -4.28
C GLU C 55 -9.71 -38.37 -5.72
N PHE C 56 -8.41 -38.60 -5.96
CA PHE C 56 -7.89 -38.83 -7.31
C PHE C 56 -7.97 -40.32 -7.62
N LYS C 57 -8.86 -40.68 -8.53
CA LYS C 57 -8.99 -42.01 -9.07
C LYS C 57 -8.56 -42.02 -10.54
N PRO C 58 -8.12 -43.18 -11.09
CA PRO C 58 -7.52 -43.17 -12.44
C PRO C 58 -8.45 -42.91 -13.62
N ASP C 59 -9.71 -42.57 -13.36
CA ASP C 59 -10.61 -42.11 -14.41
C ASP C 59 -10.83 -40.61 -14.39
N HIS C 60 -10.22 -39.90 -13.43
CA HIS C 60 -10.23 -38.44 -13.42
C HIS C 60 -9.17 -37.84 -14.34
N ARG C 61 -8.37 -38.67 -15.00
CA ARG C 61 -7.25 -38.21 -15.81
C ARG C 61 -7.08 -39.16 -17.00
N ILE C 62 -6.87 -38.59 -18.18
CA ILE C 62 -6.65 -39.40 -19.37
C ILE C 62 -5.30 -40.10 -19.25
N GLY C 63 -5.33 -41.43 -19.35
CA GLY C 63 -4.15 -42.26 -19.16
C GLY C 63 -4.08 -42.90 -17.80
N GLY C 64 -4.67 -42.27 -16.78
CA GLY C 64 -4.64 -42.84 -15.44
C GLY C 64 -3.29 -42.65 -14.77
N TYR C 65 -2.98 -43.55 -13.84
CA TYR C 65 -1.70 -43.54 -13.15
C TYR C 65 -1.42 -44.91 -12.58
N LYS C 66 -0.13 -45.23 -12.46
CA LYS C 66 0.29 -46.37 -11.67
C LYS C 66 0.41 -45.95 -10.21
N VAL C 67 -0.13 -46.78 -9.32
CA VAL C 67 -0.22 -46.44 -7.91
C VAL C 67 0.49 -47.52 -7.10
N ARG C 68 1.59 -48.02 -7.68
CA ARG C 68 2.38 -49.12 -7.11
C ARG C 68 2.85 -48.82 -5.69
N TYR C 69 2.52 -49.74 -4.77
CA TYR C 69 2.68 -49.53 -3.34
C TYR C 69 3.99 -50.06 -2.78
N ALA C 70 4.80 -50.75 -3.60
CA ALA C 70 6.08 -51.24 -3.14
C ALA C 70 7.06 -50.11 -2.85
N THR C 71 6.89 -48.95 -3.47
CA THR C 71 7.66 -47.76 -3.17
C THR C 71 6.80 -46.57 -2.76
N TRP C 72 5.48 -46.76 -2.65
CA TRP C 72 4.50 -45.73 -2.24
C TRP C 72 4.54 -44.51 -3.16
N SER C 73 4.27 -44.75 -4.45
CA SER C 73 4.45 -43.72 -5.46
C SER C 73 3.30 -43.74 -6.46
N ILE C 74 2.91 -42.56 -6.90
CA ILE C 74 1.98 -42.40 -8.02
C ILE C 74 2.80 -41.95 -9.23
N ILE C 75 2.56 -42.59 -10.37
CA ILE C 75 3.35 -42.38 -11.58
C ILE C 75 2.37 -41.94 -12.67
N MET C 76 2.27 -40.63 -12.90
CA MET C 76 1.41 -40.09 -13.93
C MET C 76 2.22 -39.91 -15.20
N ASP C 77 1.91 -40.72 -16.22
CA ASP C 77 2.56 -40.66 -17.51
C ASP C 77 1.83 -39.66 -18.42
N SER C 78 2.62 -39.01 -19.24
CA SER C 78 2.22 -38.01 -20.22
C SER C 78 1.41 -36.98 -19.53
N VAL C 79 2.07 -36.10 -18.89
CA VAL C 79 1.46 -35.05 -18.08
C VAL C 79 0.95 -33.93 -18.97
N VAL C 80 -0.31 -33.56 -18.77
CA VAL C 80 -1.10 -32.63 -19.56
C VAL C 80 -1.25 -31.37 -18.71
N PRO C 81 -1.40 -30.17 -19.29
CA PRO C 81 -1.71 -28.98 -18.49
C PRO C 81 -3.01 -29.03 -17.70
N SER C 82 -3.90 -30.00 -17.94
CA SER C 82 -5.02 -30.24 -17.02
C SER C 82 -4.65 -31.27 -15.97
N ASP C 83 -3.48 -31.06 -15.35
CA ASP C 83 -3.02 -31.85 -14.23
C ASP C 83 -2.42 -30.98 -13.13
N LYS C 84 -2.42 -29.67 -13.30
CA LYS C 84 -1.86 -28.77 -12.31
C LYS C 84 -2.71 -28.77 -11.04
N GLY C 85 -2.07 -28.44 -9.93
CA GLY C 85 -2.75 -28.37 -8.65
C GLY C 85 -2.04 -29.19 -7.62
N ASN C 86 -2.71 -29.38 -6.49
CA ASN C 86 -2.10 -30.04 -5.34
C ASN C 86 -2.48 -31.52 -5.33
N TYR C 87 -1.51 -32.35 -4.96
CA TYR C 87 -1.68 -33.80 -4.85
C TYR C 87 -1.26 -34.19 -3.44
N THR C 88 -2.22 -34.63 -2.64
CA THR C 88 -1.97 -34.93 -1.23
C THR C 88 -1.90 -36.44 -1.06
N CYS C 89 -0.74 -36.92 -0.63
CA CYS C 89 -0.55 -38.28 -0.18
C CYS C 89 -1.06 -38.39 1.25
N ILE C 90 -2.10 -39.19 1.47
CA ILE C 90 -2.56 -39.53 2.81
C ILE C 90 -2.41 -41.03 2.98
N VAL C 91 -1.54 -41.43 3.88
CA VAL C 91 -1.31 -42.83 4.19
C VAL C 91 -1.85 -43.10 5.59
N GLU C 92 -2.70 -44.14 5.69
CA GLU C 92 -3.61 -44.33 6.80
C GLU C 92 -3.58 -45.76 7.30
N ASN C 93 -3.65 -45.92 8.62
CA ASN C 93 -4.12 -47.17 9.22
C ASN C 93 -4.82 -46.81 10.52
N GLU C 94 -5.34 -47.83 11.21
CA GLU C 94 -6.19 -47.64 12.38
C GLU C 94 -5.47 -47.00 13.56
N TYR C 95 -4.15 -46.96 13.55
CA TYR C 95 -3.36 -46.32 14.60
C TYR C 95 -2.84 -44.95 14.21
N GLY C 96 -3.17 -44.45 13.02
CA GLY C 96 -2.75 -43.09 12.68
C GLY C 96 -2.70 -42.88 11.18
N SER C 97 -2.63 -41.60 10.81
CA SER C 97 -2.62 -41.20 9.41
C SER C 97 -1.72 -39.98 9.26
N ILE C 98 -1.01 -39.92 8.14
CA ILE C 98 -0.22 -38.74 7.82
C ILE C 98 -0.43 -38.36 6.36
N ASN C 99 -0.02 -37.14 6.03
CA ASN C 99 -0.24 -36.57 4.71
C ASN C 99 0.93 -35.68 4.30
N HIS C 100 1.06 -35.49 3.00
CA HIS C 100 2.08 -34.64 2.40
C HIS C 100 1.57 -34.14 1.06
N THR C 101 1.64 -32.84 0.83
CA THR C 101 1.05 -32.22 -0.34
C THR C 101 2.15 -31.78 -1.30
N TYR C 102 2.13 -32.33 -2.50
CA TYR C 102 2.97 -31.85 -3.60
C TYR C 102 2.16 -30.91 -4.47
N GLN C 103 2.87 -30.07 -5.22
CA GLN C 103 2.25 -29.14 -6.16
C GLN C 103 2.78 -29.44 -7.55
N LEU C 104 1.88 -29.58 -8.52
CA LEU C 104 2.25 -29.89 -9.89
C LEU C 104 1.88 -28.72 -10.79
N ASP C 105 2.90 -28.07 -11.34
CA ASP C 105 2.74 -27.08 -12.39
C ASP C 105 3.14 -27.74 -13.70
N VAL C 106 2.38 -27.47 -14.76
CA VAL C 106 2.70 -27.95 -16.10
C VAL C 106 2.95 -26.74 -16.97
N VAL C 107 4.08 -26.75 -17.66
CA VAL C 107 4.52 -25.63 -18.50
C VAL C 107 4.63 -26.14 -19.92
N GLU C 108 3.78 -25.63 -20.81
CA GLU C 108 3.83 -26.04 -22.20
C GLU C 108 4.99 -25.39 -22.91
N ARG C 109 5.69 -26.18 -23.71
CA ARG C 109 6.95 -25.78 -24.32
C ARG C 109 6.82 -25.82 -25.84
N SER C 110 7.08 -24.69 -26.49
CA SER C 110 7.08 -24.59 -27.95
C SER C 110 8.50 -24.28 -28.41
N PRO C 111 9.31 -25.28 -28.74
CA PRO C 111 10.64 -25.00 -29.28
C PRO C 111 10.60 -24.78 -30.80
N HIS C 112 9.98 -23.67 -31.19
CA HIS C 112 9.77 -23.34 -32.59
C HIS C 112 10.37 -21.98 -32.91
N ARG C 113 10.43 -21.69 -34.22
CA ARG C 113 10.70 -20.35 -34.69
C ARG C 113 9.59 -19.41 -34.22
N PRO C 114 9.89 -18.12 -34.06
CA PRO C 114 8.83 -17.17 -33.65
C PRO C 114 7.78 -17.03 -34.73
N ILE C 115 6.56 -17.45 -34.41
CA ILE C 115 5.46 -17.43 -35.36
C ILE C 115 4.89 -16.03 -35.39
N LEU C 116 4.95 -15.39 -36.55
CA LEU C 116 4.40 -14.06 -36.70
C LEU C 116 2.93 -14.14 -37.08
N GLN C 117 2.17 -13.12 -36.67
CA GLN C 117 0.75 -13.07 -36.96
C GLN C 117 0.53 -12.86 -38.45
N ALA C 118 -0.39 -13.62 -39.02
CA ALA C 118 -0.61 -13.59 -40.47
C ALA C 118 -1.26 -12.28 -40.89
N GLY C 119 -0.76 -11.72 -41.98
CA GLY C 119 -1.25 -10.46 -42.47
C GLY C 119 -0.63 -9.24 -41.82
N LEU C 120 0.21 -9.42 -40.81
CA LEU C 120 0.88 -8.32 -40.16
C LEU C 120 2.38 -8.44 -40.34
N PRO C 121 3.08 -7.46 -40.92
CA PRO C 121 2.51 -6.19 -41.41
C PRO C 121 1.88 -6.29 -42.80
N ALA C 122 0.87 -5.46 -43.03
CA ALA C 122 0.10 -5.47 -44.26
C ALA C 122 0.62 -4.40 -45.20
N ASN C 123 0.34 -4.60 -46.49
CA ASN C 123 0.71 -3.62 -47.50
C ASN C 123 -0.13 -2.36 -47.34
N LYS C 124 0.50 -1.21 -47.50
CA LYS C 124 -0.12 0.09 -47.28
C LYS C 124 0.17 1.01 -48.44
N THR C 125 -0.87 1.53 -49.06
CA THR C 125 -0.76 2.71 -49.91
C THR C 125 -1.40 3.88 -49.17
N VAL C 126 -0.75 5.04 -49.23
CA VAL C 126 -1.11 6.15 -48.34
C VAL C 126 -0.83 7.45 -49.07
N ALA C 127 -1.36 8.55 -48.54
CA ALA C 127 -1.12 9.86 -49.09
C ALA C 127 0.22 10.40 -48.61
N LEU C 128 0.65 11.50 -49.23
CA LEU C 128 1.92 12.12 -48.85
C LEU C 128 1.79 12.81 -47.49
N GLY C 129 2.80 12.61 -46.65
CA GLY C 129 2.83 13.28 -45.36
C GLY C 129 1.84 12.76 -44.35
N SER C 130 1.34 11.54 -44.52
CA SER C 130 0.43 10.93 -43.58
C SER C 130 1.20 10.17 -42.50
N ASN C 131 0.47 9.41 -41.69
CA ASN C 131 1.06 8.63 -40.60
C ASN C 131 0.77 7.15 -40.83
N VAL C 132 1.82 6.34 -40.84
CA VAL C 132 1.72 4.92 -41.16
C VAL C 132 2.32 4.13 -40.02
N GLU C 133 1.55 3.20 -39.45
CA GLU C 133 2.05 2.32 -38.40
C GLU C 133 2.04 0.88 -38.89
N PHE C 134 3.21 0.34 -39.12
CA PHE C 134 3.34 -1.08 -39.41
C PHE C 134 3.31 -1.87 -38.11
N MET C 135 2.77 -3.08 -38.17
CA MET C 135 2.45 -3.84 -36.97
C MET C 135 2.92 -5.28 -37.17
N CYS C 136 3.59 -5.86 -36.18
CA CYS C 136 3.82 -7.29 -36.22
C CYS C 136 3.68 -7.85 -34.81
N LYS C 137 2.92 -8.92 -34.68
CA LYS C 137 2.83 -9.69 -33.44
C LYS C 137 3.72 -10.91 -33.58
N VAL C 138 4.50 -11.19 -32.54
CA VAL C 138 5.48 -12.26 -32.55
C VAL C 138 5.14 -13.22 -31.43
N TYR C 139 4.93 -14.49 -31.77
CA TYR C 139 4.57 -15.54 -30.82
C TYR C 139 5.75 -16.50 -30.72
N SER C 140 6.54 -16.33 -29.66
CA SER C 140 7.72 -17.16 -29.41
C SER C 140 7.71 -17.62 -27.97
N ASP C 141 7.89 -18.92 -27.76
CA ASP C 141 7.96 -19.41 -26.38
C ASP C 141 9.33 -19.13 -25.75
N PRO C 142 10.47 -19.23 -26.45
CA PRO C 142 11.66 -18.52 -25.97
C PRO C 142 11.50 -17.02 -26.15
N GLN C 143 12.40 -16.28 -25.54
CA GLN C 143 12.40 -14.84 -25.67
C GLN C 143 12.92 -14.46 -27.05
N PRO C 144 12.15 -13.78 -27.88
CA PRO C 144 12.60 -13.44 -29.23
C PRO C 144 13.25 -12.07 -29.30
N HIS C 145 13.98 -11.85 -30.38
CA HIS C 145 14.51 -10.56 -30.75
C HIS C 145 13.81 -10.09 -32.00
N ILE C 146 13.23 -8.90 -31.95
CA ILE C 146 12.48 -8.33 -33.05
C ILE C 146 13.26 -7.17 -33.64
N GLN C 147 13.30 -7.10 -34.97
CA GLN C 147 13.95 -6.04 -35.71
C GLN C 147 12.99 -5.52 -36.76
N TRP C 148 13.06 -4.22 -37.01
CA TRP C 148 12.34 -3.59 -38.10
C TRP C 148 13.36 -3.06 -39.08
N LEU C 149 13.34 -3.61 -40.29
CA LEU C 149 14.28 -3.28 -41.35
C LEU C 149 13.56 -2.61 -42.50
N LYS C 150 14.26 -1.77 -43.23
CA LYS C 150 13.78 -1.21 -44.49
C LYS C 150 14.75 -1.59 -45.59
N HIS C 151 14.21 -2.05 -46.72
CA HIS C 151 15.04 -2.46 -47.84
C HIS C 151 15.57 -1.24 -48.56
N ILE C 152 16.88 -1.04 -48.45
CA ILE C 152 17.58 0.11 -48.99
C ILE C 152 17.97 -0.18 -50.44
N GLU C 153 17.75 0.78 -51.33
CA GLU C 153 18.20 0.69 -52.72
C GLU C 153 19.00 1.94 -53.11
N VAL C 154 19.90 2.36 -52.21
CA VAL C 154 20.52 3.67 -52.31
C VAL C 154 21.79 3.63 -53.16
N ASN C 155 22.62 2.60 -52.99
CA ASN C 155 23.95 2.60 -53.61
C ASN C 155 23.89 2.36 -55.11
N GLY C 156 23.42 1.18 -55.51
CA GLY C 156 23.12 0.90 -56.90
C GLY C 156 21.66 0.55 -57.07
N SER C 157 21.41 -0.74 -57.29
CA SER C 157 20.07 -1.30 -57.22
C SER C 157 19.82 -1.74 -55.77
N LYS C 158 18.77 -2.55 -55.56
CA LYS C 158 18.43 -3.03 -54.23
C LYS C 158 19.45 -4.01 -53.67
N ILE C 159 20.28 -4.59 -54.54
CA ILE C 159 21.01 -5.83 -54.26
C ILE C 159 22.46 -5.52 -53.97
N GLY C 160 23.03 -6.20 -52.99
CA GLY C 160 24.38 -5.95 -52.54
C GLY C 160 25.45 -6.55 -53.43
N PRO C 161 26.60 -6.87 -52.84
CA PRO C 161 27.65 -7.56 -53.62
C PRO C 161 27.24 -8.94 -54.11
N ASP C 162 26.69 -9.75 -53.21
CA ASP C 162 26.04 -11.00 -53.60
C ASP C 162 24.55 -10.69 -53.84
N ASN C 163 23.71 -11.73 -53.89
CA ASN C 163 22.29 -11.54 -54.13
C ASN C 163 21.49 -11.28 -52.85
N LEU C 164 22.12 -10.67 -51.85
CA LEU C 164 21.47 -10.36 -50.59
C LEU C 164 21.05 -8.90 -50.61
N PRO C 165 19.78 -8.57 -50.34
CA PRO C 165 19.35 -7.18 -50.43
C PRO C 165 19.91 -6.32 -49.31
N TYR C 166 20.06 -5.04 -49.60
CA TYR C 166 20.48 -4.06 -48.61
C TYR C 166 19.34 -3.77 -47.66
N VAL C 167 19.62 -3.76 -46.35
CA VAL C 167 18.64 -3.33 -45.37
C VAL C 167 19.28 -2.31 -44.44
N GLN C 168 18.42 -1.55 -43.77
CA GLN C 168 18.82 -0.66 -42.70
C GLN C 168 17.94 -0.94 -41.50
N ILE C 169 18.56 -1.14 -40.33
CA ILE C 169 17.80 -1.47 -39.13
C ILE C 169 17.10 -0.22 -38.61
N LEU C 170 15.80 -0.11 -38.87
CA LEU C 170 15.05 1.03 -38.38
C LEU C 170 14.82 0.93 -36.89
N LYS C 171 14.52 -0.27 -36.40
CA LYS C 171 14.20 -0.45 -35.00
C LYS C 171 14.79 -1.78 -34.54
N THR C 172 15.33 -1.81 -33.32
CA THR C 172 15.87 -3.05 -32.80
C THR C 172 15.52 -3.17 -31.33
N ALA C 173 15.47 -4.42 -30.85
CA ALA C 173 15.08 -4.71 -29.48
C ALA C 173 16.31 -4.85 -28.61
N GLY C 174 16.31 -4.17 -27.48
CA GLY C 174 17.47 -4.19 -26.61
C GLY C 174 17.14 -4.69 -25.23
N VAL C 175 17.95 -4.28 -24.25
CA VAL C 175 17.74 -4.70 -22.86
C VAL C 175 17.02 -3.58 -22.13
N ASN C 176 16.62 -2.57 -22.88
CA ASN C 176 15.82 -1.48 -22.34
C ASN C 176 14.55 -1.26 -23.15
N THR C 177 14.23 -2.16 -24.07
CA THR C 177 13.06 -2.02 -24.94
C THR C 177 11.93 -2.89 -24.42
N THR C 178 10.76 -2.28 -24.24
CA THR C 178 9.59 -3.02 -23.81
C THR C 178 9.10 -3.90 -24.95
N ASP C 179 8.44 -5.00 -24.60
CA ASP C 179 7.91 -5.95 -25.57
C ASP C 179 6.81 -5.35 -26.43
N LYS C 180 6.07 -4.36 -25.93
CA LYS C 180 5.07 -3.66 -26.73
C LYS C 180 5.68 -2.65 -27.69
N GLU C 181 6.90 -2.18 -27.40
CA GLU C 181 7.53 -1.14 -28.20
C GLU C 181 7.92 -1.65 -29.59
N MET C 182 8.30 -2.91 -29.69
CA MET C 182 8.70 -3.49 -30.97
C MET C 182 7.55 -4.01 -31.79
N GLU C 183 6.33 -4.00 -31.25
CA GLU C 183 5.18 -4.53 -31.97
C GLU C 183 4.77 -3.64 -33.13
N VAL C 184 5.19 -2.38 -33.13
CA VAL C 184 4.69 -1.39 -34.08
C VAL C 184 5.83 -0.44 -34.45
N LEU C 185 5.99 -0.22 -35.74
CA LEU C 185 6.90 0.76 -36.29
C LEU C 185 6.09 1.95 -36.78
N HIS C 186 6.36 3.12 -36.21
CA HIS C 186 5.63 4.32 -36.57
C HIS C 186 6.43 5.14 -37.58
N LEU C 187 5.72 5.69 -38.56
CA LEU C 187 6.30 6.49 -39.63
C LEU C 187 5.45 7.74 -39.72
N ARG C 188 5.94 8.85 -39.17
CA ARG C 188 5.22 10.11 -39.21
C ARG C 188 5.72 10.95 -40.37
N ASN C 189 4.78 11.57 -41.09
CA ASN C 189 5.04 12.49 -42.21
C ASN C 189 5.88 11.78 -43.29
N VAL C 190 5.24 10.77 -43.89
CA VAL C 190 5.93 9.90 -44.83
C VAL C 190 6.25 10.65 -46.12
N SER C 191 7.51 10.55 -46.54
CA SER C 191 8.00 11.14 -47.78
C SER C 191 7.84 10.12 -48.89
N PHE C 192 8.39 10.45 -50.06
CA PHE C 192 8.49 9.46 -51.12
C PHE C 192 9.69 8.56 -50.95
N GLU C 193 10.70 9.01 -50.19
CA GLU C 193 11.83 8.15 -49.86
C GLU C 193 11.41 7.05 -48.87
N ASP C 194 10.41 7.33 -48.04
CA ASP C 194 9.85 6.33 -47.13
C ASP C 194 8.80 5.51 -47.86
N ALA C 195 9.28 4.70 -48.81
CA ALA C 195 8.41 3.88 -49.64
C ALA C 195 9.22 2.69 -50.12
N GLY C 196 8.75 1.49 -49.80
CA GLY C 196 9.49 0.30 -50.14
C GLY C 196 9.09 -0.90 -49.30
N GLU C 197 10.06 -1.73 -48.95
CA GLU C 197 9.80 -2.96 -48.20
C GLU C 197 10.21 -2.76 -46.75
N TYR C 198 9.28 -3.03 -45.85
CA TYR C 198 9.51 -2.96 -44.41
C TYR C 198 9.33 -4.36 -43.84
N THR C 199 10.36 -4.84 -43.15
CA THR C 199 10.44 -6.23 -42.71
C THR C 199 10.47 -6.29 -41.19
N CYS C 200 9.52 -7.03 -40.61
CA CYS C 200 9.61 -7.39 -39.20
C CYS C 200 10.29 -8.75 -39.13
N LEU C 201 11.51 -8.78 -38.61
CA LEU C 201 12.33 -9.98 -38.54
C LEU C 201 12.49 -10.35 -37.06
N ALA C 202 11.88 -11.46 -36.67
CA ALA C 202 11.95 -11.94 -35.31
C ALA C 202 12.79 -13.22 -35.27
N GLY C 203 13.45 -13.45 -34.14
CA GLY C 203 14.29 -14.62 -34.04
C GLY C 203 14.64 -15.02 -32.63
N ASN C 204 14.62 -16.32 -32.36
CA ASN C 204 15.10 -16.87 -31.10
C ASN C 204 16.16 -17.92 -31.41
N SER C 205 16.49 -18.73 -30.41
CA SER C 205 17.52 -19.75 -30.58
C SER C 205 17.09 -20.89 -31.50
N ILE C 206 15.80 -21.02 -31.80
CA ILE C 206 15.37 -22.09 -32.69
C ILE C 206 15.55 -21.69 -34.15
N GLY C 207 15.27 -20.44 -34.48
CA GLY C 207 15.44 -19.95 -35.83
C GLY C 207 14.87 -18.56 -35.96
N LEU C 208 14.91 -18.06 -37.19
CA LEU C 208 14.45 -16.71 -37.50
C LEU C 208 13.31 -16.76 -38.50
N SER C 209 12.28 -15.94 -38.25
CA SER C 209 11.18 -15.74 -39.17
C SER C 209 11.05 -14.26 -39.48
N HIS C 210 10.33 -13.95 -40.55
CA HIS C 210 10.17 -12.55 -40.94
C HIS C 210 8.91 -12.40 -41.77
N HIS C 211 8.28 -11.24 -41.64
CA HIS C 211 7.13 -10.86 -42.46
C HIS C 211 7.41 -9.50 -43.06
N SER C 212 7.20 -9.38 -44.38
CA SER C 212 7.48 -8.15 -45.10
C SER C 212 6.19 -7.49 -45.55
N ALA C 213 6.23 -6.17 -45.65
CA ALA C 213 5.12 -5.39 -46.19
C ALA C 213 5.68 -4.29 -47.07
N TRP C 214 4.80 -3.65 -47.83
CA TRP C 214 5.22 -2.64 -48.79
C TRP C 214 4.45 -1.35 -48.54
N LEU C 215 5.17 -0.25 -48.54
CA LEU C 215 4.59 1.08 -48.35
C LEU C 215 4.77 1.88 -49.63
N THR C 216 3.67 2.31 -50.22
CA THR C 216 3.68 3.18 -51.38
C THR C 216 2.91 4.45 -51.06
N VAL C 217 3.35 5.55 -51.65
CA VAL C 217 2.83 6.88 -51.32
C VAL C 217 2.10 7.44 -52.54
N LEU C 218 0.82 7.75 -52.37
CA LEU C 218 0.05 8.38 -53.41
C LEU C 218 0.29 9.89 -53.42
N GLU C 219 -0.30 10.56 -54.42
CA GLU C 219 -0.17 12.01 -54.67
C GLU C 219 1.27 12.50 -54.74
N ARG D 7 32.37 -71.68 -10.55
CA ARG D 7 32.64 -73.08 -10.23
C ARG D 7 32.83 -73.88 -11.50
N MET D 8 31.80 -73.95 -12.33
CA MET D 8 31.84 -74.71 -13.57
C MET D 8 32.08 -73.75 -14.74
N PRO D 9 33.12 -73.96 -15.55
CA PRO D 9 33.39 -73.03 -16.67
C PRO D 9 32.36 -73.13 -17.79
N VAL D 10 31.18 -72.55 -17.55
CA VAL D 10 30.09 -72.52 -18.50
C VAL D 10 29.76 -71.05 -18.77
N ALA D 11 29.46 -70.74 -20.07
CA ALA D 11 29.03 -69.42 -20.51
C ALA D 11 27.76 -69.00 -19.76
N PRO D 12 27.71 -67.73 -19.30
CA PRO D 12 26.54 -67.25 -18.55
C PRO D 12 25.29 -67.14 -19.41
N TYR D 13 24.24 -67.85 -19.01
CA TYR D 13 23.03 -67.96 -19.83
C TYR D 13 21.99 -66.91 -19.41
N TRP D 14 21.07 -66.64 -20.33
CA TRP D 14 19.95 -65.76 -20.05
C TRP D 14 18.93 -66.44 -19.15
N THR D 15 18.15 -65.62 -18.45
CA THR D 15 17.11 -66.10 -17.55
C THR D 15 15.76 -65.50 -17.90
N SER D 16 15.41 -65.52 -19.20
CA SER D 16 14.11 -65.05 -19.66
C SER D 16 13.70 -65.88 -20.87
N PRO D 17 12.71 -66.77 -20.73
CA PRO D 17 12.26 -67.57 -21.88
C PRO D 17 11.56 -66.75 -22.96
N GLU D 18 10.57 -65.94 -22.59
CA GLU D 18 9.87 -65.09 -23.54
C GLU D 18 9.75 -63.68 -22.98
N LYS D 19 10.86 -63.16 -22.44
CA LYS D 19 10.93 -61.77 -21.99
C LYS D 19 12.18 -61.05 -22.48
N MET D 20 12.88 -61.58 -23.47
CA MET D 20 14.09 -60.97 -24.01
C MET D 20 14.08 -61.08 -25.54
N GLU D 21 12.94 -60.77 -26.16
CA GLU D 21 12.81 -60.84 -27.61
C GLU D 21 12.13 -59.62 -28.21
N LYS D 22 11.93 -58.55 -27.46
CA LYS D 22 11.47 -57.28 -28.01
C LYS D 22 12.69 -56.40 -28.28
N LYS D 23 13.12 -56.35 -29.53
CA LYS D 23 14.29 -55.57 -29.91
C LYS D 23 13.91 -54.19 -30.42
N LEU D 24 12.92 -54.11 -31.31
CA LEU D 24 12.48 -52.83 -31.87
C LEU D 24 11.55 -52.14 -30.87
N HIS D 25 12.05 -51.10 -30.22
CA HIS D 25 11.30 -50.36 -29.20
C HIS D 25 10.76 -49.09 -29.83
N ALA D 26 9.47 -49.09 -30.17
CA ALA D 26 8.79 -47.90 -30.66
C ALA D 26 8.17 -47.21 -29.44
N VAL D 27 8.90 -46.24 -28.89
CA VAL D 27 8.57 -45.62 -27.62
C VAL D 27 8.27 -44.16 -27.86
N PRO D 28 7.19 -43.60 -27.31
CA PRO D 28 6.95 -42.16 -27.44
C PRO D 28 7.98 -41.35 -26.68
N ALA D 29 8.06 -40.07 -27.05
CA ALA D 29 9.00 -39.17 -26.41
C ALA D 29 8.58 -38.89 -24.97
N ALA D 30 9.59 -38.61 -24.13
CA ALA D 30 9.45 -38.32 -22.70
C ALA D 30 8.77 -39.46 -21.94
N LYS D 31 8.98 -40.69 -22.38
CA LYS D 31 8.62 -41.88 -21.64
C LYS D 31 9.88 -42.41 -20.94
N THR D 32 9.75 -43.59 -20.35
CA THR D 32 10.88 -44.25 -19.69
C THR D 32 11.11 -45.58 -20.36
N VAL D 33 12.33 -45.81 -20.82
CA VAL D 33 12.70 -47.10 -21.40
C VAL D 33 13.51 -47.87 -20.38
N LYS D 34 13.37 -49.19 -20.41
CA LYS D 34 14.10 -50.06 -19.51
C LYS D 34 14.49 -51.30 -20.29
N PHE D 35 15.78 -51.42 -20.59
CA PHE D 35 16.32 -52.59 -21.26
C PHE D 35 16.99 -53.47 -20.23
N LYS D 36 16.50 -54.69 -20.04
CA LYS D 36 17.12 -55.63 -19.13
C LYS D 36 17.66 -56.83 -19.90
N CYS D 37 18.84 -57.28 -19.51
CA CYS D 37 19.48 -58.46 -20.08
C CYS D 37 19.87 -59.41 -18.95
N PRO D 38 18.89 -60.07 -18.34
CA PRO D 38 19.15 -60.79 -17.08
C PRO D 38 19.89 -62.10 -17.31
N SER D 39 21.00 -62.27 -16.60
CA SER D 39 21.86 -63.44 -16.73
C SER D 39 22.21 -63.97 -15.35
N SER D 40 22.84 -65.14 -15.34
CA SER D 40 23.33 -65.77 -14.12
C SER D 40 24.73 -66.30 -14.40
N GLY D 41 25.74 -65.56 -13.96
CA GLY D 41 27.10 -65.90 -14.29
C GLY D 41 27.62 -67.11 -13.53
N THR D 42 28.75 -67.62 -14.01
CA THR D 42 29.44 -68.77 -13.42
C THR D 42 30.93 -68.49 -13.36
N PRO D 43 31.40 -67.72 -12.37
CA PRO D 43 30.72 -66.95 -11.31
C PRO D 43 30.30 -65.56 -11.79
N ASN D 44 30.12 -64.62 -10.84
CA ASN D 44 29.57 -63.26 -10.96
C ASN D 44 30.09 -62.53 -12.20
N PRO D 45 29.21 -62.25 -13.18
CA PRO D 45 29.70 -61.79 -14.49
C PRO D 45 30.00 -60.31 -14.56
N THR D 46 30.33 -59.84 -15.77
CA THR D 46 30.63 -58.44 -16.04
C THR D 46 29.55 -57.90 -16.96
N LEU D 47 28.81 -56.90 -16.47
CA LEU D 47 27.76 -56.24 -17.23
C LEU D 47 28.29 -54.94 -17.82
N ARG D 48 28.00 -54.70 -19.10
CA ARG D 48 28.32 -53.40 -19.67
C ARG D 48 27.30 -53.02 -20.73
N TRP D 49 27.00 -51.72 -20.79
CA TRP D 49 26.05 -51.15 -21.74
C TRP D 49 26.78 -50.23 -22.70
N LEU D 50 26.41 -50.32 -23.97
CA LEU D 50 27.09 -49.61 -25.06
C LEU D 50 26.07 -48.83 -25.87
N LYS D 51 26.45 -47.64 -26.30
CA LYS D 51 25.64 -46.82 -27.20
C LYS D 51 26.22 -46.99 -28.60
N ASN D 52 25.74 -48.04 -29.30
CA ASN D 52 26.13 -48.51 -30.64
C ASN D 52 27.64 -48.40 -30.93
N GLY D 53 28.45 -48.90 -29.99
CA GLY D 53 29.87 -48.98 -30.24
C GLY D 53 30.78 -48.42 -29.16
N LYS D 54 30.36 -47.36 -28.48
CA LYS D 54 31.14 -46.78 -27.41
C LYS D 54 30.50 -47.11 -26.07
N GLU D 55 31.32 -47.14 -25.02
CA GLU D 55 30.80 -47.47 -23.70
C GLU D 55 29.94 -46.35 -23.16
N PHE D 56 28.74 -46.69 -22.73
CA PHE D 56 27.70 -45.72 -22.40
C PHE D 56 27.89 -45.26 -20.96
N LYS D 57 28.64 -44.15 -20.82
CA LYS D 57 28.86 -43.55 -19.50
C LYS D 57 27.66 -42.65 -19.26
N PRO D 58 27.06 -42.58 -18.06
CA PRO D 58 25.87 -41.76 -17.83
C PRO D 58 25.73 -40.30 -18.26
N ASP D 59 26.76 -39.59 -18.69
CA ASP D 59 26.54 -38.18 -19.11
C ASP D 59 26.42 -38.12 -20.62
N HIS D 60 26.08 -39.23 -21.26
CA HIS D 60 25.90 -39.24 -22.72
C HIS D 60 24.40 -39.18 -23.03
N ARG D 61 23.59 -38.84 -22.04
CA ARG D 61 22.14 -38.75 -22.23
C ARG D 61 21.68 -37.49 -21.50
N ILE D 62 20.96 -36.57 -22.13
CA ILE D 62 20.50 -35.39 -21.34
C ILE D 62 19.59 -35.98 -20.28
N GLY D 63 20.05 -36.04 -19.05
CA GLY D 63 19.19 -36.60 -17.99
C GLY D 63 19.86 -37.74 -17.29
N GLY D 64 20.80 -38.39 -17.95
CA GLY D 64 21.57 -39.50 -17.37
C GLY D 64 20.81 -40.79 -17.43
N TYR D 65 21.33 -41.84 -16.82
CA TYR D 65 20.57 -43.10 -16.82
C TYR D 65 20.92 -43.90 -15.58
N LYS D 66 20.05 -44.81 -15.19
CA LYS D 66 20.20 -45.56 -13.95
C LYS D 66 20.45 -47.02 -14.29
N VAL D 67 21.58 -47.54 -13.86
CA VAL D 67 21.89 -48.96 -14.03
C VAL D 67 21.49 -49.72 -12.77
N ARG D 68 20.79 -50.84 -12.97
CA ARG D 68 20.30 -51.68 -11.88
C ARG D 68 20.99 -53.04 -12.01
N TYR D 69 22.02 -53.26 -11.19
CA TYR D 69 22.76 -54.52 -11.21
C TYR D 69 21.97 -55.67 -10.60
N ALA D 70 20.89 -55.37 -9.87
CA ALA D 70 20.11 -56.42 -9.23
C ALA D 70 19.29 -57.20 -10.25
N THR D 71 18.84 -56.55 -11.32
CA THR D 71 18.15 -57.22 -12.40
C THR D 71 18.79 -56.97 -13.76
N TRP D 72 19.99 -56.37 -13.78
CA TRP D 72 20.78 -56.08 -14.99
C TRP D 72 19.99 -55.27 -16.01
N SER D 73 19.55 -54.09 -15.57
CA SER D 73 18.63 -53.30 -16.38
C SER D 73 19.08 -51.85 -16.44
N ILE D 74 19.16 -51.32 -17.64
CA ILE D 74 19.38 -49.89 -17.83
C ILE D 74 18.03 -49.21 -17.92
N ILE D 75 17.89 -48.08 -17.23
CA ILE D 75 16.65 -47.32 -17.16
C ILE D 75 16.97 -45.91 -17.62
N MET D 76 16.36 -45.48 -18.71
CA MET D 76 16.50 -44.12 -19.22
C MET D 76 15.12 -43.47 -19.17
N ASP D 77 14.92 -42.57 -18.22
CA ASP D 77 13.65 -41.88 -18.06
C ASP D 77 13.69 -40.52 -18.75
N SER D 78 12.50 -40.06 -19.17
CA SER D 78 12.29 -38.89 -20.01
C SER D 78 13.11 -38.98 -21.30
N VAL D 79 12.74 -39.97 -22.11
CA VAL D 79 13.52 -40.34 -23.28
C VAL D 79 13.36 -39.25 -24.35
N VAL D 80 14.42 -39.00 -25.10
CA VAL D 80 14.50 -37.87 -26.02
C VAL D 80 14.55 -38.43 -27.45
N PRO D 81 14.30 -37.61 -28.49
CA PRO D 81 14.45 -38.12 -29.86
C PRO D 81 15.88 -38.47 -30.25
N SER D 82 16.83 -38.10 -29.44
CA SER D 82 18.24 -38.29 -29.80
C SER D 82 18.70 -39.55 -29.18
N ASP D 83 17.84 -40.22 -28.48
CA ASP D 83 18.17 -41.46 -27.80
C ASP D 83 17.97 -42.68 -28.70
N LYS D 84 17.73 -42.48 -29.98
CA LYS D 84 17.65 -43.60 -30.91
C LYS D 84 19.02 -44.23 -31.09
N GLY D 85 19.03 -45.53 -31.34
CA GLY D 85 20.29 -46.21 -31.60
C GLY D 85 20.20 -47.68 -31.24
N ASN D 86 21.38 -48.28 -31.10
CA ASN D 86 21.55 -49.69 -30.77
C ASN D 86 22.15 -49.76 -29.37
N TYR D 87 21.30 -49.93 -28.36
CA TYR D 87 21.81 -50.10 -27.00
C TYR D 87 22.21 -51.56 -26.81
N THR D 88 23.48 -51.78 -26.50
CA THR D 88 24.08 -53.10 -26.54
C THR D 88 24.43 -53.54 -25.13
N CYS D 89 23.96 -54.72 -24.74
CA CYS D 89 24.31 -55.32 -23.46
C CYS D 89 25.31 -56.42 -23.71
N ILE D 90 26.51 -56.29 -23.14
CA ILE D 90 27.52 -57.32 -23.22
C ILE D 90 27.76 -57.84 -21.80
N VAL D 91 27.63 -59.14 -21.62
CA VAL D 91 27.90 -59.78 -20.34
C VAL D 91 29.04 -60.79 -20.53
N GLU D 92 30.17 -60.52 -19.89
CA GLU D 92 31.32 -61.39 -20.00
C GLU D 92 31.49 -62.20 -18.73
N ASN D 93 32.33 -63.23 -18.83
CA ASN D 93 33.04 -63.81 -17.70
C ASN D 93 34.34 -64.35 -18.26
N GLU D 94 35.02 -65.24 -17.52
CA GLU D 94 36.30 -65.74 -18.01
C GLU D 94 36.13 -66.75 -19.14
N TYR D 95 34.96 -67.39 -19.24
CA TYR D 95 34.68 -68.32 -20.33
C TYR D 95 33.75 -67.62 -21.32
N GLY D 96 34.35 -66.84 -22.22
CA GLY D 96 33.61 -66.21 -23.29
C GLY D 96 32.74 -65.04 -22.82
N SER D 97 31.91 -64.58 -23.75
CA SER D 97 31.03 -63.44 -23.52
C SER D 97 29.75 -63.63 -24.33
N ILE D 98 28.70 -62.94 -23.88
CA ILE D 98 27.38 -62.99 -24.49
C ILE D 98 26.98 -61.57 -24.86
N ASN D 99 26.40 -61.42 -26.05
CA ASN D 99 26.00 -60.12 -26.57
C ASN D 99 24.49 -60.06 -26.76
N HIS D 100 23.96 -58.85 -26.73
CA HIS D 100 22.56 -58.61 -27.06
C HIS D 100 22.38 -57.17 -27.50
N THR D 101 21.48 -56.95 -28.46
CA THR D 101 21.21 -55.62 -28.98
C THR D 101 19.77 -55.21 -28.66
N TYR D 102 19.54 -53.90 -28.66
CA TYR D 102 18.22 -53.34 -28.46
C TYR D 102 18.10 -52.09 -29.31
N GLN D 103 17.24 -52.14 -30.33
CA GLN D 103 17.05 -51.00 -31.21
C GLN D 103 16.02 -50.04 -30.61
N LEU D 104 16.47 -48.90 -30.11
CA LEU D 104 15.57 -47.88 -29.60
C LEU D 104 15.28 -46.86 -30.69
N ASP D 105 14.02 -46.76 -31.09
CA ASP D 105 13.57 -45.80 -32.08
C ASP D 105 12.51 -44.93 -31.42
N VAL D 106 12.91 -43.74 -30.99
CA VAL D 106 12.04 -42.85 -30.24
C VAL D 106 11.18 -42.06 -31.23
N VAL D 107 9.87 -42.29 -31.20
CA VAL D 107 8.93 -41.49 -31.96
C VAL D 107 8.54 -40.27 -31.14
N GLU D 108 8.50 -39.12 -31.77
CA GLU D 108 8.46 -37.85 -31.07
C GLU D 108 7.06 -37.25 -31.10
N ARG D 109 6.80 -36.38 -30.13
CA ARG D 109 5.51 -35.71 -30.03
C ARG D 109 5.73 -34.31 -29.45
N SER D 110 4.85 -33.41 -29.81
CA SER D 110 4.99 -32.01 -29.42
C SER D 110 4.62 -31.84 -27.95
N PRO D 111 5.42 -31.12 -27.17
CA PRO D 111 5.08 -30.82 -25.78
C PRO D 111 4.19 -29.58 -25.61
N HIS D 112 3.15 -29.48 -26.43
CA HIS D 112 2.23 -28.36 -26.40
C HIS D 112 0.93 -28.73 -27.10
N ARG D 113 -0.04 -27.83 -27.02
CA ARG D 113 -1.24 -27.88 -27.85
C ARG D 113 -0.87 -27.57 -29.29
N PRO D 114 -1.77 -27.79 -30.25
CA PRO D 114 -1.53 -27.26 -31.60
C PRO D 114 -1.50 -25.74 -31.60
N ILE D 115 -0.37 -25.20 -32.04
CA ILE D 115 -0.24 -23.75 -32.16
C ILE D 115 -0.92 -23.31 -33.43
N LEU D 116 -1.96 -22.50 -33.29
CA LEU D 116 -2.63 -21.90 -34.43
C LEU D 116 -2.05 -20.51 -34.64
N GLN D 117 -1.64 -20.22 -35.86
CA GLN D 117 -1.11 -18.89 -36.18
C GLN D 117 -2.24 -17.87 -36.11
N ALA D 118 -2.01 -16.80 -35.35
CA ALA D 118 -3.06 -15.81 -35.14
C ALA D 118 -3.34 -15.03 -36.41
N GLY D 119 -4.60 -14.68 -36.61
CA GLY D 119 -5.05 -14.15 -37.88
C GLY D 119 -5.48 -15.20 -38.87
N LEU D 120 -5.25 -16.48 -38.58
CA LEU D 120 -5.76 -17.57 -39.40
C LEU D 120 -6.73 -18.39 -38.56
N PRO D 121 -8.05 -18.31 -38.81
CA PRO D 121 -8.68 -17.47 -39.83
C PRO D 121 -8.94 -16.04 -39.34
N ALA D 122 -9.34 -15.16 -40.26
CA ALA D 122 -9.55 -13.75 -39.96
C ALA D 122 -10.99 -13.35 -40.25
N ASN D 123 -11.36 -12.17 -39.75
CA ASN D 123 -12.70 -11.65 -39.96
C ASN D 123 -12.85 -11.20 -41.42
N LYS D 124 -13.88 -11.71 -42.07
CA LYS D 124 -14.10 -11.45 -43.49
C LYS D 124 -15.27 -10.50 -43.70
N THR D 125 -15.32 -9.94 -44.90
CA THR D 125 -16.47 -9.20 -45.41
C THR D 125 -16.81 -9.87 -46.74
N VAL D 126 -17.64 -10.91 -46.69
CA VAL D 126 -17.87 -11.78 -47.84
C VAL D 126 -18.82 -11.07 -48.78
N ALA D 127 -18.36 -10.81 -50.01
CA ALA D 127 -19.08 -9.97 -50.96
C ALA D 127 -20.08 -10.81 -51.75
N LEU D 128 -21.14 -11.23 -51.04
CA LEU D 128 -22.34 -11.85 -51.60
C LEU D 128 -22.03 -13.14 -52.38
N GLY D 129 -21.53 -14.12 -51.64
CA GLY D 129 -21.28 -15.41 -52.24
C GLY D 129 -20.02 -15.47 -53.08
N SER D 130 -18.88 -15.26 -52.44
CA SER D 130 -17.60 -15.33 -53.14
C SER D 130 -17.06 -16.75 -53.09
N ASN D 131 -15.80 -16.91 -53.50
CA ASN D 131 -15.09 -18.17 -53.35
C ASN D 131 -14.26 -18.13 -52.07
N VAL D 132 -14.97 -18.01 -50.93
CA VAL D 132 -14.35 -17.67 -49.66
C VAL D 132 -13.57 -18.87 -49.13
N GLU D 133 -12.43 -18.59 -48.50
CA GLU D 133 -11.52 -19.62 -48.05
C GLU D 133 -10.98 -19.23 -46.68
N PHE D 134 -10.90 -20.21 -45.77
CA PHE D 134 -10.61 -19.97 -44.36
C PHE D 134 -9.36 -20.76 -43.96
N MET D 135 -8.21 -20.08 -43.90
CA MET D 135 -6.95 -20.72 -43.60
C MET D 135 -6.79 -20.94 -42.09
N CYS D 136 -6.01 -21.97 -41.74
CA CYS D 136 -5.66 -22.22 -40.34
C CYS D 136 -4.33 -22.97 -40.29
N LYS D 137 -3.24 -22.25 -40.06
CA LYS D 137 -1.93 -22.86 -39.95
C LYS D 137 -1.77 -23.52 -38.58
N VAL D 138 -1.38 -24.80 -38.58
CA VAL D 138 -1.33 -25.62 -37.37
C VAL D 138 0.09 -26.14 -37.21
N TYR D 139 0.64 -26.01 -36.00
CA TYR D 139 1.98 -26.50 -35.67
C TYR D 139 1.85 -27.63 -34.66
N SER D 140 2.15 -28.86 -35.09
CA SER D 140 2.11 -30.03 -34.23
C SER D 140 2.97 -31.14 -34.85
N ASP D 141 3.72 -31.83 -34.01
CA ASP D 141 4.53 -32.94 -34.50
C ASP D 141 3.70 -34.22 -34.69
N PRO D 142 2.77 -34.59 -33.79
CA PRO D 142 1.73 -35.54 -34.22
C PRO D 142 0.61 -34.79 -34.92
N GLN D 143 0.16 -35.34 -36.04
CA GLN D 143 -0.78 -34.61 -36.88
C GLN D 143 -2.16 -34.61 -36.26
N PRO D 144 -2.73 -33.45 -35.95
CA PRO D 144 -3.84 -33.38 -35.00
C PRO D 144 -5.20 -33.63 -35.65
N HIS D 145 -6.19 -33.79 -34.78
CA HIS D 145 -7.59 -33.90 -35.17
C HIS D 145 -8.13 -32.49 -35.40
N ILE D 146 -8.74 -32.27 -36.56
CA ILE D 146 -9.18 -30.95 -37.00
C ILE D 146 -10.70 -30.97 -37.16
N GLN D 147 -11.38 -30.06 -36.46
CA GLN D 147 -12.82 -29.89 -36.50
C GLN D 147 -13.08 -28.39 -36.53
N TRP D 148 -14.13 -27.95 -37.22
CA TRP D 148 -14.31 -26.52 -37.48
C TRP D 148 -15.37 -25.84 -36.62
N LEU D 149 -16.51 -26.50 -36.38
CA LEU D 149 -17.62 -26.00 -35.55
C LEU D 149 -18.17 -24.67 -36.07
N LYS D 150 -18.80 -24.75 -37.25
CA LYS D 150 -19.61 -23.65 -37.75
C LYS D 150 -20.76 -23.36 -36.79
N HIS D 151 -20.74 -22.19 -36.14
CA HIS D 151 -21.73 -21.86 -35.12
C HIS D 151 -23.10 -21.65 -35.77
N ILE D 152 -24.04 -22.53 -35.45
CA ILE D 152 -25.37 -22.47 -36.01
C ILE D 152 -26.30 -21.85 -34.97
N GLU D 153 -27.46 -21.38 -35.43
CA GLU D 153 -28.37 -20.61 -34.58
C GLU D 153 -29.30 -21.49 -33.76
N VAL D 154 -28.72 -22.42 -33.02
CA VAL D 154 -29.44 -23.23 -32.04
C VAL D 154 -28.99 -22.75 -30.66
N ASN D 155 -29.95 -22.76 -29.70
CA ASN D 155 -29.82 -22.42 -28.28
C ASN D 155 -29.71 -20.90 -28.07
N GLY D 156 -29.53 -20.15 -29.15
CA GLY D 156 -29.40 -18.69 -29.05
C GLY D 156 -28.03 -18.20 -28.64
N SER D 157 -27.59 -18.53 -27.42
CA SER D 157 -26.27 -18.15 -26.96
C SER D 157 -25.21 -19.04 -27.62
N LYS D 158 -23.95 -18.64 -27.49
CA LYS D 158 -22.86 -19.42 -28.08
C LYS D 158 -22.60 -20.69 -27.26
N ILE D 159 -22.58 -20.55 -25.94
CA ILE D 159 -22.52 -21.70 -25.04
C ILE D 159 -23.64 -21.59 -24.02
N GLY D 160 -24.49 -22.62 -23.97
CA GLY D 160 -25.57 -22.68 -23.02
C GLY D 160 -25.36 -23.82 -22.04
N PRO D 161 -26.06 -24.95 -22.27
CA PRO D 161 -25.78 -26.15 -21.48
C PRO D 161 -24.48 -26.83 -21.89
N ASP D 162 -23.35 -26.25 -21.47
CA ASP D 162 -22.01 -26.87 -21.52
C ASP D 162 -21.58 -27.18 -22.96
N ASN D 163 -21.30 -26.09 -23.69
CA ASN D 163 -20.42 -26.09 -24.86
C ASN D 163 -20.93 -26.93 -26.04
N LEU D 164 -21.93 -26.38 -26.74
CA LEU D 164 -22.69 -27.04 -27.80
C LEU D 164 -21.80 -27.61 -28.90
N PRO D 165 -22.08 -28.83 -29.39
CA PRO D 165 -21.30 -29.40 -30.50
C PRO D 165 -21.78 -28.94 -31.88
N TYR D 166 -21.27 -27.80 -32.35
CA TYR D 166 -21.79 -27.14 -33.53
C TYR D 166 -21.18 -27.63 -34.85
N VAL D 167 -20.67 -28.86 -34.90
CA VAL D 167 -20.04 -29.34 -36.13
C VAL D 167 -21.09 -29.98 -37.03
N GLN D 168 -20.99 -29.71 -38.34
CA GLN D 168 -21.74 -30.45 -39.35
C GLN D 168 -20.90 -30.68 -40.61
N ILE D 169 -19.58 -30.63 -40.47
CA ILE D 169 -18.66 -30.55 -41.61
C ILE D 169 -18.08 -31.93 -41.86
N LEU D 170 -18.24 -32.43 -43.09
CA LEU D 170 -17.69 -33.71 -43.49
C LEU D 170 -16.17 -33.69 -43.66
N LYS D 171 -15.59 -32.52 -43.91
CA LYS D 171 -14.14 -32.37 -44.00
C LYS D 171 -13.54 -32.52 -42.60
N THR D 172 -12.95 -33.67 -42.33
CA THR D 172 -12.31 -33.97 -41.06
C THR D 172 -10.81 -34.21 -41.27
N ALA D 173 -10.13 -34.59 -40.20
CA ALA D 173 -8.71 -34.90 -40.27
C ALA D 173 -8.51 -36.32 -40.78
N GLY D 174 -7.37 -36.53 -41.44
CA GLY D 174 -7.08 -37.82 -42.01
C GLY D 174 -5.60 -38.09 -42.19
N VAL D 175 -5.17 -39.32 -41.85
CA VAL D 175 -3.77 -39.68 -42.00
C VAL D 175 -3.43 -39.97 -43.45
N ASN D 176 -4.37 -40.56 -44.21
CA ASN D 176 -4.10 -40.93 -45.59
C ASN D 176 -4.04 -39.72 -46.51
N THR D 177 -4.99 -38.81 -46.36
CA THR D 177 -5.01 -37.62 -47.19
C THR D 177 -3.95 -36.61 -46.73
N THR D 178 -3.59 -35.70 -47.64
CA THR D 178 -2.48 -34.79 -47.38
C THR D 178 -2.85 -33.72 -46.35
N ASP D 179 -1.88 -33.40 -45.51
CA ASP D 179 -2.11 -32.55 -44.34
C ASP D 179 -2.00 -31.06 -44.67
N LYS D 180 -1.63 -30.70 -45.89
CA LYS D 180 -1.39 -29.31 -46.23
C LYS D 180 -2.69 -28.57 -46.56
N GLU D 181 -3.60 -29.20 -47.29
CA GLU D 181 -4.82 -28.52 -47.71
C GLU D 181 -6.05 -28.98 -46.94
N MET D 182 -5.87 -29.57 -45.76
CA MET D 182 -6.92 -29.54 -44.74
C MET D 182 -6.80 -28.31 -43.85
N GLU D 183 -5.78 -27.50 -44.09
CA GLU D 183 -5.67 -26.18 -43.47
C GLU D 183 -6.83 -25.29 -43.86
N VAL D 184 -7.08 -25.15 -45.16
CA VAL D 184 -8.09 -24.22 -45.66
C VAL D 184 -9.46 -24.87 -45.56
N LEU D 185 -10.48 -24.03 -45.39
CA LEU D 185 -11.88 -24.47 -45.41
C LEU D 185 -12.50 -24.00 -46.71
N HIS D 186 -12.67 -24.93 -47.65
CA HIS D 186 -13.42 -24.65 -48.86
C HIS D 186 -14.90 -24.49 -48.51
N LEU D 187 -15.44 -23.30 -48.75
CA LEU D 187 -16.79 -22.97 -48.32
C LEU D 187 -17.59 -22.48 -49.52
N ARG D 188 -18.88 -22.80 -49.52
CA ARG D 188 -19.77 -22.51 -50.64
C ARG D 188 -21.11 -22.04 -50.12
N ASN D 189 -21.86 -21.33 -50.97
CA ASN D 189 -23.23 -20.86 -50.73
C ASN D 189 -23.28 -19.91 -49.54
N VAL D 190 -22.38 -18.92 -49.56
CA VAL D 190 -22.21 -17.99 -48.44
C VAL D 190 -23.10 -16.76 -48.69
N SER D 191 -24.35 -16.87 -48.27
CA SER D 191 -25.27 -15.74 -48.20
C SER D 191 -25.79 -15.66 -46.76
N PHE D 192 -26.81 -14.84 -46.50
CA PHE D 192 -27.26 -14.62 -45.13
C PHE D 192 -28.18 -15.76 -44.69
N GLU D 193 -27.57 -16.93 -44.53
CA GLU D 193 -28.15 -18.07 -43.83
C GLU D 193 -27.10 -18.64 -42.89
N ASP D 194 -25.84 -18.36 -43.20
CA ASP D 194 -24.70 -18.76 -42.37
C ASP D 194 -23.72 -17.59 -42.33
N ALA D 195 -23.81 -16.79 -41.27
CA ALA D 195 -22.89 -15.66 -41.05
C ALA D 195 -22.76 -15.47 -39.54
N GLY D 196 -21.75 -16.10 -38.96
CA GLY D 196 -21.56 -16.02 -37.53
C GLY D 196 -20.11 -16.16 -37.09
N GLU D 197 -19.89 -16.97 -36.06
CA GLU D 197 -18.56 -17.21 -35.51
C GLU D 197 -18.04 -18.54 -36.00
N TYR D 198 -16.80 -18.54 -36.50
CA TYR D 198 -16.14 -19.75 -36.95
C TYR D 198 -15.02 -20.07 -35.98
N THR D 199 -14.62 -21.33 -35.96
CA THR D 199 -13.50 -21.76 -35.12
C THR D 199 -12.58 -22.65 -35.93
N CYS D 200 -11.39 -22.88 -35.38
CA CYS D 200 -10.43 -23.85 -35.92
C CYS D 200 -9.95 -24.69 -34.75
N LEU D 201 -10.66 -25.79 -34.50
CA LEU D 201 -10.30 -26.74 -33.46
C LEU D 201 -9.24 -27.70 -34.01
N ALA D 202 -8.01 -27.55 -33.55
CA ALA D 202 -6.97 -28.55 -33.79
C ALA D 202 -6.54 -29.08 -32.43
N GLY D 203 -6.47 -30.41 -32.31
CA GLY D 203 -6.19 -31.01 -31.02
C GLY D 203 -5.40 -32.29 -31.12
N ASN D 204 -4.55 -32.52 -30.13
CA ASN D 204 -3.74 -33.73 -30.07
C ASN D 204 -3.78 -34.23 -28.63
N SER D 205 -2.84 -35.12 -28.28
CA SER D 205 -2.80 -35.79 -26.98
C SER D 205 -2.65 -34.84 -25.80
N ILE D 206 -2.20 -33.60 -26.01
CA ILE D 206 -2.03 -32.66 -24.91
C ILE D 206 -3.22 -31.72 -24.75
N GLY D 207 -3.76 -31.16 -25.82
CA GLY D 207 -4.89 -30.27 -25.64
C GLY D 207 -5.50 -29.88 -26.97
N LEU D 208 -6.57 -29.10 -26.86
CA LEU D 208 -7.32 -28.58 -27.99
C LEU D 208 -7.13 -27.07 -28.03
N SER D 209 -7.03 -26.52 -29.24
CA SER D 209 -6.86 -25.09 -29.40
C SER D 209 -7.81 -24.59 -30.49
N HIS D 210 -8.45 -23.46 -30.22
CA HIS D 210 -9.42 -22.87 -31.13
C HIS D 210 -9.04 -21.42 -31.38
N HIS D 211 -9.29 -20.99 -32.62
CA HIS D 211 -9.13 -19.57 -33.01
C HIS D 211 -10.48 -19.15 -33.63
N SER D 212 -10.99 -17.98 -33.22
CA SER D 212 -12.30 -17.53 -33.65
C SER D 212 -12.20 -16.42 -34.68
N ALA D 213 -13.08 -16.50 -35.68
CA ALA D 213 -13.18 -15.47 -36.71
C ALA D 213 -14.64 -15.22 -37.02
N TRP D 214 -14.95 -13.99 -37.42
CA TRP D 214 -16.29 -13.62 -37.82
C TRP D 214 -16.43 -13.64 -39.34
N LEU D 215 -17.65 -13.84 -39.80
CA LEU D 215 -17.96 -13.77 -41.23
C LEU D 215 -19.25 -12.97 -41.37
N THR D 216 -19.25 -12.02 -42.30
CA THR D 216 -20.39 -11.12 -42.49
C THR D 216 -20.64 -10.97 -43.98
N VAL D 217 -21.84 -11.36 -44.42
CA VAL D 217 -22.27 -11.22 -45.80
C VAL D 217 -23.08 -9.93 -45.90
N LEU D 218 -22.37 -8.83 -46.11
CA LEU D 218 -22.92 -7.47 -46.28
C LEU D 218 -23.83 -7.01 -45.14
#